data_5TIN
#
_entry.id   5TIN
#
_cell.length_a   136.301
_cell.length_b   136.787
_cell.length_c   192.495
_cell.angle_alpha   90.00
_cell.angle_beta   90.00
_cell.angle_gamma   90.00
#
_symmetry.space_group_name_H-M   'P 21 21 21'
#
loop_
_entity.id
_entity.type
_entity.pdbx_description
1 polymer 'Glycine receptor subunit alpha-3'
2 non-polymer (3S,3aS,9bS)-2-[(2H-1,3-benzodioxol-5-yl)sulfonyl]-3,5-dimethyl-1,2,3,3a,5,9b-hexahydro-4H-pyrrolo[3,4-c][1,6]naphthyridin-4-one
3 non-polymer GLYCINE
4 non-polymer 'ZINC ION'
5 non-polymer 'CHLORIDE ION'
6 water water
#
_entity_poly.entity_id   1
_entity_poly.type   'polypeptide(L)'
_entity_poly.pdbx_seq_one_letter_code
;ARSRSAPMSPSDFLDKLMGRTSGYDARIRPNFKGPPVQVTCNIFINSFGSIAETTMDYRVNIFLRQKWNDPRLAYSEYPD
DSLDLDPSMLDSIWKPDLFFANEKGANFHEVTTDNKLLRIFKNGNVLYSIRLTLTLSCPMDLKNFPMDVQTCIMQLESFG
YTMNDLIFEWQDEAPVQVAEGLTLPQFLLKEEKDLRYCTKHYNTGKFTCIEVRFHLERQMGYYLIQMYIPSLLIVILSWV
SFWINMDAAPARVALGITTVLTMTTQSSGSRASLPKVSYVKAIDIWMAVCLLFVFSALLEYAAVNFVSRAGTKVFIDRAK
KIDTISRACFPLAFLIFNIFYWVIYKILRHEDIHWSHPQFEK
;
_entity_poly.pdbx_strand_id   A,B,C,D,E
#
# COMPACT_ATOMS: atom_id res chain seq x y z
N MET A 8 -32.68 -38.81 -26.10
CA MET A 8 -32.98 -38.40 -24.69
C MET A 8 -32.59 -36.93 -24.50
N SER A 9 -33.52 -36.15 -23.95
CA SER A 9 -33.27 -34.72 -23.76
C SER A 9 -32.14 -34.53 -22.74
N PRO A 10 -31.32 -33.50 -22.95
CA PRO A 10 -30.25 -33.24 -21.99
C PRO A 10 -30.74 -33.11 -20.55
N SER A 11 -31.89 -32.45 -20.35
CA SER A 11 -32.43 -32.25 -19.00
C SER A 11 -32.64 -33.59 -18.31
N ASP A 12 -33.30 -34.51 -18.99
CA ASP A 12 -33.55 -35.84 -18.43
C ASP A 12 -32.25 -36.59 -18.21
N PHE A 13 -31.31 -36.46 -19.15
CA PHE A 13 -30.03 -37.13 -19.03
C PHE A 13 -29.26 -36.67 -17.79
N LEU A 14 -29.14 -35.37 -17.59
CA LEU A 14 -28.45 -34.84 -16.42
C LEU A 14 -29.17 -35.23 -15.14
N ASP A 15 -30.49 -35.31 -15.21
CA ASP A 15 -31.29 -35.76 -14.08
C ASP A 15 -30.95 -37.21 -13.71
N LYS A 16 -30.86 -38.08 -14.70
CA LYS A 16 -30.56 -39.49 -14.47
C LYS A 16 -29.09 -39.74 -14.14
N LEU A 17 -28.20 -38.85 -14.56
CA LEU A 17 -26.76 -39.08 -14.37
C LEU A 17 -26.24 -38.60 -13.01
N MET A 18 -26.64 -37.39 -12.63
CA MET A 18 -26.12 -36.76 -11.43
C MET A 18 -27.15 -35.92 -10.65
N GLY A 19 -28.40 -35.88 -11.12
CA GLY A 19 -29.43 -35.07 -10.49
C GLY A 19 -30.41 -35.89 -9.64
N ARG A 20 -31.62 -35.35 -9.48
CA ARG A 20 -32.66 -35.92 -8.60
C ARG A 20 -32.83 -37.43 -8.69
N THR A 21 -32.98 -37.97 -9.90
CA THR A 21 -33.29 -39.41 -10.05
C THR A 21 -32.06 -40.32 -10.16
N SER A 22 -30.86 -39.78 -9.97
CA SER A 22 -29.63 -40.53 -10.25
C SER A 22 -29.18 -41.41 -9.09
N GLY A 23 -29.46 -40.99 -7.87
CA GLY A 23 -28.85 -41.61 -6.68
C GLY A 23 -27.37 -41.25 -6.47
N TYR A 24 -26.86 -40.27 -7.22
CA TYR A 24 -25.45 -39.91 -7.17
C TYR A 24 -25.20 -39.08 -5.91
N ASP A 25 -24.19 -39.46 -5.15
CA ASP A 25 -23.80 -38.74 -3.94
C ASP A 25 -22.37 -38.21 -4.11
N ALA A 26 -22.25 -36.90 -4.28
CA ALA A 26 -20.94 -36.25 -4.49
C ALA A 26 -20.01 -36.33 -3.29
N ARG A 27 -20.55 -36.71 -2.14
CA ARG A 27 -19.74 -36.91 -0.93
C ARG A 27 -19.00 -38.24 -0.91
N ILE A 28 -19.21 -39.06 -1.93
CA ILE A 28 -18.57 -40.37 -2.06
C ILE A 28 -17.64 -40.33 -3.27
N ARG A 29 -16.40 -40.75 -3.08
CA ARG A 29 -15.42 -40.75 -4.15
C ARG A 29 -15.69 -41.90 -5.09
N PRO A 30 -15.19 -41.80 -6.32
CA PRO A 30 -15.19 -42.95 -7.24
C PRO A 30 -14.45 -44.16 -6.66
N ASN A 31 -15.05 -45.35 -6.78
CA ASN A 31 -14.50 -46.60 -6.27
C ASN A 31 -14.16 -46.52 -4.80
N PHE A 32 -15.10 -46.12 -3.96
CA PHE A 32 -14.72 -45.74 -2.58
C PHE A 32 -14.24 -46.92 -1.73
N LYS A 33 -14.74 -48.13 -2.02
CA LYS A 33 -14.26 -49.34 -1.35
C LYS A 33 -13.05 -49.96 -2.07
N GLY A 34 -12.65 -49.37 -3.18
CA GLY A 34 -11.52 -49.87 -3.96
C GLY A 34 -10.25 -49.06 -3.80
N PRO A 35 -9.35 -49.15 -4.79
CA PRO A 35 -8.09 -48.42 -4.71
C PRO A 35 -8.28 -46.91 -4.82
N PRO A 36 -7.25 -46.13 -4.47
CA PRO A 36 -7.28 -44.68 -4.53
C PRO A 36 -7.62 -44.13 -5.91
N VAL A 37 -8.31 -43.00 -5.94
CA VAL A 37 -8.58 -42.30 -7.20
C VAL A 37 -7.27 -41.75 -7.74
N GLN A 38 -7.00 -42.05 -9.00
CA GLN A 38 -5.80 -41.56 -9.67
C GLN A 38 -6.17 -40.28 -10.41
N VAL A 39 -5.64 -39.15 -9.94
CA VAL A 39 -5.88 -37.87 -10.58
C VAL A 39 -4.64 -37.48 -11.35
N THR A 40 -4.84 -37.03 -12.59
CA THR A 40 -3.76 -36.54 -13.43
C THR A 40 -3.89 -35.01 -13.59
N CYS A 41 -2.79 -34.29 -13.41
CA CYS A 41 -2.80 -32.84 -13.42
C CYS A 41 -1.92 -32.24 -14.51
N ASN A 42 -2.38 -31.15 -15.13
CA ASN A 42 -1.52 -30.33 -15.94
C ASN A 42 -1.93 -28.86 -15.78
N ILE A 43 -0.98 -27.95 -15.98
CA ILE A 43 -1.27 -26.53 -15.83
C ILE A 43 -0.85 -25.79 -17.08
N PHE A 44 -1.62 -24.76 -17.40
CA PHE A 44 -1.24 -23.81 -18.41
C PHE A 44 -0.93 -22.51 -17.70
N ILE A 45 0.27 -21.98 -17.90
CA ILE A 45 0.67 -20.74 -17.25
C ILE A 45 0.35 -19.56 -18.15
N ASN A 46 -0.68 -18.83 -17.76
CA ASN A 46 -1.22 -17.75 -18.54
C ASN A 46 -0.44 -16.47 -18.26
N SER A 47 0.18 -16.41 -17.09
CA SER A 47 0.87 -15.21 -16.64
C SER A 47 1.74 -15.56 -15.41
N PHE A 48 2.85 -14.84 -15.25
CA PHE A 48 3.89 -15.19 -14.30
C PHE A 48 4.67 -13.92 -13.99
N GLY A 49 4.60 -13.41 -12.76
CA GLY A 49 5.23 -12.14 -12.43
C GLY A 49 5.18 -11.78 -10.97
N SER A 50 5.23 -10.48 -10.68
CA SER A 50 5.28 -9.97 -9.31
C SER A 50 6.25 -10.75 -8.45
N ILE A 51 7.44 -11.01 -8.99
CA ILE A 51 8.46 -11.69 -8.23
C ILE A 51 9.08 -10.70 -7.26
N ALA A 52 8.75 -10.86 -5.99
CA ALA A 52 9.15 -9.92 -4.95
C ALA A 52 10.19 -10.55 -4.00
N GLU A 53 11.35 -9.92 -3.90
CA GLU A 53 12.41 -10.39 -2.99
C GLU A 53 12.05 -10.09 -1.53
N THR A 54 11.38 -8.97 -1.30
CA THR A 54 11.08 -8.51 0.05
C THR A 54 10.11 -9.44 0.76
N THR A 55 8.98 -9.70 0.10
CA THR A 55 7.96 -10.61 0.61
C THR A 55 8.24 -12.05 0.21
N MET A 56 9.24 -12.26 -0.64
CA MET A 56 9.76 -13.58 -0.92
C MET A 56 8.68 -14.48 -1.57
N ASP A 57 8.08 -13.99 -2.64
CA ASP A 57 6.99 -14.69 -3.28
C ASP A 57 6.82 -14.30 -4.75
N TYR A 58 5.92 -14.97 -5.45
CA TYR A 58 5.62 -14.65 -6.84
C TYR A 58 4.16 -14.95 -7.18
N ARG A 59 3.72 -14.48 -8.33
CA ARG A 59 2.30 -14.58 -8.71
C ARG A 59 2.14 -15.26 -10.06
N VAL A 60 1.16 -16.15 -10.16
CA VAL A 60 0.84 -16.80 -11.43
C VAL A 60 -0.65 -16.75 -11.68
N ASN A 61 -1.01 -16.66 -12.95
CA ASN A 61 -2.36 -16.94 -13.40
C ASN A 61 -2.31 -18.22 -14.20
N ILE A 62 -3.09 -19.22 -13.80
CA ILE A 62 -3.02 -20.53 -14.46
C ILE A 62 -4.40 -21.10 -14.78
N PHE A 63 -4.42 -22.04 -15.72
CA PHE A 63 -5.53 -22.95 -15.86
C PHE A 63 -5.05 -24.25 -15.24
N LEU A 64 -5.76 -24.71 -14.22
CA LEU A 64 -5.45 -25.98 -13.58
C LEU A 64 -6.37 -27.03 -14.19
N ARG A 65 -5.78 -28.10 -14.72
CA ARG A 65 -6.53 -29.18 -15.31
C ARG A 65 -6.38 -30.44 -14.46
N GLN A 66 -7.50 -31.05 -14.11
CA GLN A 66 -7.52 -32.29 -13.39
C GLN A 66 -8.31 -33.33 -14.15
N LYS A 67 -7.80 -34.55 -14.20
CA LYS A 67 -8.42 -35.64 -14.91
C LYS A 67 -8.52 -36.86 -14.02
N TRP A 68 -9.67 -37.54 -14.04
CA TRP A 68 -9.82 -38.76 -13.28
C TRP A 68 -11.00 -39.53 -13.81
N ASN A 69 -11.15 -40.78 -13.38
CA ASN A 69 -12.30 -41.59 -13.79
C ASN A 69 -13.36 -41.75 -12.72
N ASP A 70 -14.62 -41.56 -13.11
CA ASP A 70 -15.76 -41.77 -12.21
C ASP A 70 -16.78 -42.67 -12.90
N PRO A 71 -16.75 -43.98 -12.58
CA PRO A 71 -17.64 -44.96 -13.24
C PRO A 71 -19.12 -44.57 -13.24
N ARG A 72 -19.57 -43.85 -12.22
CA ARG A 72 -20.95 -43.40 -12.13
C ARG A 72 -21.33 -42.43 -13.26
N LEU A 73 -20.35 -41.78 -13.89
CA LEU A 73 -20.64 -40.80 -14.95
C LEU A 73 -20.47 -41.35 -16.37
N ALA A 74 -20.15 -42.64 -16.50
CA ALA A 74 -20.15 -43.28 -17.81
C ALA A 74 -21.54 -43.22 -18.42
N TYR A 75 -21.61 -43.08 -19.74
CA TYR A 75 -22.88 -42.99 -20.46
C TYR A 75 -22.84 -43.77 -21.78
N SER A 76 -24.02 -44.23 -22.20
CA SER A 76 -24.19 -44.84 -23.53
C SER A 76 -25.32 -44.18 -24.33
N GLU A 77 -25.99 -43.19 -23.75
CA GLU A 77 -27.18 -42.61 -24.36
C GLU A 77 -26.86 -41.78 -25.60
N TYR A 78 -25.60 -41.35 -25.74
CA TYR A 78 -25.19 -40.59 -26.93
C TYR A 78 -23.94 -41.20 -27.53
N PRO A 79 -23.80 -41.09 -28.86
CA PRO A 79 -22.61 -41.60 -29.53
C PRO A 79 -21.35 -40.74 -29.32
N ASP A 80 -21.55 -39.52 -28.82
CA ASP A 80 -20.45 -38.55 -28.64
C ASP A 80 -19.40 -39.08 -27.67
N ASP A 81 -18.14 -39.04 -28.08
CA ASP A 81 -17.01 -39.43 -27.24
C ASP A 81 -16.96 -38.66 -25.92
N SER A 82 -17.30 -37.37 -25.97
CA SER A 82 -17.38 -36.56 -24.78
C SER A 82 -18.53 -35.58 -24.82
N LEU A 83 -18.90 -35.08 -23.64
CA LEU A 83 -19.95 -34.07 -23.50
C LEU A 83 -19.38 -32.89 -22.73
N ASP A 84 -19.56 -31.69 -23.28
CA ASP A 84 -19.21 -30.47 -22.58
C ASP A 84 -20.42 -30.03 -21.78
N LEU A 85 -20.26 -29.94 -20.46
CA LEU A 85 -21.37 -29.65 -19.55
C LEU A 85 -21.27 -28.27 -18.95
N ASP A 86 -22.43 -27.67 -18.66
CA ASP A 86 -22.47 -26.39 -17.99
C ASP A 86 -21.77 -26.52 -16.62
N PRO A 87 -20.86 -25.60 -16.29
CA PRO A 87 -20.09 -25.72 -15.06
C PRO A 87 -20.88 -25.67 -13.76
N SER A 88 -22.14 -25.26 -13.80
CA SER A 88 -23.00 -25.36 -12.62
C SER A 88 -23.14 -26.81 -12.16
N MET A 89 -22.94 -27.77 -13.07
CA MET A 89 -23.01 -29.18 -12.72
C MET A 89 -21.83 -29.67 -11.90
N LEU A 90 -20.77 -28.86 -11.79
CA LEU A 90 -19.63 -29.20 -10.93
C LEU A 90 -20.02 -29.36 -9.47
N ASP A 91 -21.02 -28.62 -9.01
CA ASP A 91 -21.47 -28.75 -7.63
C ASP A 91 -22.14 -30.09 -7.36
N SER A 92 -22.60 -30.74 -8.42
CA SER A 92 -23.28 -32.01 -8.30
C SER A 92 -22.36 -33.23 -8.38
N ILE A 93 -21.09 -33.06 -8.75
CA ILE A 93 -20.21 -34.23 -8.88
C ILE A 93 -19.12 -34.20 -7.84
N TRP A 94 -18.55 -35.37 -7.56
CA TRP A 94 -17.38 -35.45 -6.72
C TRP A 94 -16.21 -34.87 -7.48
N LYS A 95 -15.33 -34.20 -6.77
CA LYS A 95 -14.07 -33.79 -7.35
C LYS A 95 -12.97 -33.73 -6.29
N PRO A 96 -11.71 -33.82 -6.72
CA PRO A 96 -10.61 -33.81 -5.76
C PRO A 96 -10.53 -32.49 -5.01
N ASP A 97 -9.86 -32.51 -3.86
CA ASP A 97 -9.76 -31.35 -2.98
C ASP A 97 -8.33 -30.76 -3.04
N LEU A 98 -7.86 -30.53 -4.24
CA LEU A 98 -6.50 -30.07 -4.46
C LEU A 98 -6.32 -28.67 -3.88
N PHE A 99 -5.26 -28.46 -3.13
CA PHE A 99 -4.90 -27.12 -2.71
C PHE A 99 -3.43 -26.90 -2.95
N PHE A 100 -3.00 -25.65 -2.91
CA PHE A 100 -1.60 -25.33 -3.13
C PHE A 100 -0.92 -25.08 -1.80
N ALA A 101 0.01 -25.95 -1.47
CA ALA A 101 0.57 -25.97 -0.11
C ALA A 101 1.40 -24.75 0.20
N ASN A 102 2.03 -24.15 -0.80
CA ASN A 102 2.86 -22.98 -0.57
C ASN A 102 2.18 -21.70 -1.04
N GLU A 103 0.86 -21.72 -1.07
CA GLU A 103 0.08 -20.56 -1.48
C GLU A 103 -0.15 -19.62 -0.31
N LYS A 104 0.13 -18.34 -0.54
CA LYS A 104 -0.16 -17.27 0.41
C LYS A 104 -1.45 -16.54 0.09
N GLY A 105 -1.83 -16.51 -1.18
CA GLY A 105 -3.11 -15.95 -1.62
C GLY A 105 -3.58 -16.67 -2.88
N ALA A 106 -4.89 -16.82 -3.02
CA ALA A 106 -5.45 -17.55 -4.13
C ALA A 106 -6.88 -17.11 -4.35
N ASN A 107 -7.28 -16.92 -5.61
CA ASN A 107 -8.66 -16.64 -5.89
C ASN A 107 -9.13 -17.28 -7.19
N PHE A 108 -10.43 -17.53 -7.23
CA PHE A 108 -11.11 -17.96 -8.46
C PHE A 108 -11.36 -16.73 -9.32
N HIS A 109 -11.87 -16.97 -10.52
CA HIS A 109 -12.25 -15.90 -11.44
C HIS A 109 -13.69 -16.10 -11.83
N GLU A 110 -14.51 -15.09 -11.60
CA GLU A 110 -15.97 -15.21 -11.75
C GLU A 110 -16.58 -14.24 -12.76
N VAL A 111 -15.75 -13.49 -13.47
CA VAL A 111 -16.21 -12.55 -14.46
C VAL A 111 -15.98 -13.11 -15.85
N THR A 112 -16.97 -13.12 -16.75
CA THR A 112 -18.35 -12.68 -16.49
C THR A 112 -19.20 -13.81 -15.94
N THR A 113 -18.64 -15.02 -15.96
CA THR A 113 -19.24 -16.18 -15.28
C THR A 113 -18.07 -16.97 -14.71
N ASP A 114 -18.36 -18.06 -14.01
CA ASP A 114 -17.27 -18.83 -13.41
C ASP A 114 -16.32 -19.37 -14.48
N ASN A 115 -15.03 -19.07 -14.33
CA ASN A 115 -14.01 -19.48 -15.27
C ASN A 115 -13.68 -20.95 -14.99
N LYS A 116 -14.61 -21.83 -15.38
CA LYS A 116 -14.50 -23.26 -15.13
C LYS A 116 -15.01 -24.04 -16.31
N LEU A 117 -14.47 -25.24 -16.48
CA LEU A 117 -14.79 -26.10 -17.61
C LEU A 117 -15.02 -27.51 -17.10
N LEU A 118 -16.07 -28.17 -17.57
CA LEU A 118 -16.34 -29.57 -17.22
C LEU A 118 -16.71 -30.39 -18.46
N ARG A 119 -15.94 -31.46 -18.68
CA ARG A 119 -16.13 -32.34 -19.81
C ARG A 119 -16.13 -33.77 -19.29
N ILE A 120 -17.14 -34.56 -19.67
CA ILE A 120 -17.16 -35.98 -19.32
C ILE A 120 -17.13 -36.86 -20.58
N PHE A 121 -16.58 -38.06 -20.44
CA PHE A 121 -16.40 -38.98 -21.56
C PHE A 121 -17.25 -40.22 -21.39
N LYS A 122 -17.50 -40.92 -22.50
CA LYS A 122 -18.28 -42.19 -22.50
C LYS A 122 -17.95 -43.13 -21.35
N ASN A 123 -16.66 -43.35 -21.14
CA ASN A 123 -16.18 -44.27 -20.09
C ASN A 123 -16.19 -43.69 -18.67
N GLY A 124 -16.70 -42.48 -18.49
CA GLY A 124 -16.74 -41.85 -17.18
C GLY A 124 -15.52 -41.01 -16.80
N ASN A 125 -14.54 -40.89 -17.69
CA ASN A 125 -13.47 -39.94 -17.43
C ASN A 125 -14.03 -38.53 -17.31
N VAL A 126 -13.35 -37.73 -16.49
CA VAL A 126 -13.72 -36.35 -16.29
C VAL A 126 -12.50 -35.48 -16.57
N LEU A 127 -12.73 -34.35 -17.23
CA LEU A 127 -11.75 -33.28 -17.38
C LEU A 127 -12.34 -32.03 -16.75
N TYR A 128 -11.59 -31.46 -15.81
CA TYR A 128 -12.05 -30.33 -15.03
C TYR A 128 -10.97 -29.29 -15.09
N SER A 129 -11.28 -28.13 -15.64
CA SER A 129 -10.31 -27.07 -15.73
C SER A 129 -10.81 -25.82 -15.07
N ILE A 130 -9.94 -25.15 -14.33
CA ILE A 130 -10.32 -23.97 -13.61
C ILE A 130 -9.22 -22.94 -13.63
N ARG A 131 -9.61 -21.68 -13.78
CA ARG A 131 -8.67 -20.59 -13.80
C ARG A 131 -8.43 -20.06 -12.40
N LEU A 132 -7.15 -19.86 -12.06
CA LEU A 132 -6.77 -19.42 -10.73
C LEU A 132 -5.65 -18.40 -10.76
N THR A 133 -5.67 -17.51 -9.79
CA THR A 133 -4.56 -16.61 -9.54
C THR A 133 -3.99 -17.03 -8.18
N LEU A 134 -2.68 -17.21 -8.14
CA LEU A 134 -2.00 -17.67 -6.95
C LEU A 134 -0.81 -16.79 -6.62
N THR A 135 -0.69 -16.43 -5.36
CA THR A 135 0.55 -15.89 -4.83
C THR A 135 1.21 -17.00 -4.06
N LEU A 136 2.35 -17.46 -4.54
CA LEU A 136 3.06 -18.59 -3.97
C LEU A 136 4.36 -18.12 -3.33
N SER A 137 4.75 -18.78 -2.25
CA SER A 137 5.96 -18.40 -1.55
C SER A 137 7.16 -19.01 -2.26
N CYS A 138 8.24 -18.23 -2.34
CA CYS A 138 9.49 -18.66 -2.98
C CYS A 138 10.64 -18.13 -2.13
N PRO A 139 11.07 -18.90 -1.13
CA PRO A 139 12.26 -18.58 -0.33
C PRO A 139 13.49 -18.46 -1.22
N MET A 140 14.16 -17.32 -1.14
CA MET A 140 15.27 -17.04 -2.05
C MET A 140 16.61 -17.10 -1.36
N ASP A 141 17.62 -17.57 -2.08
CA ASP A 141 18.99 -17.51 -1.63
C ASP A 141 19.67 -16.37 -2.40
N LEU A 142 20.01 -15.30 -1.70
CA LEU A 142 20.58 -14.13 -2.35
C LEU A 142 22.10 -13.99 -2.27
N LYS A 143 22.82 -15.05 -1.90
CA LYS A 143 24.30 -14.97 -1.74
C LYS A 143 24.98 -14.38 -2.98
N ASN A 144 24.54 -14.79 -4.17
CA ASN A 144 25.12 -14.30 -5.43
C ASN A 144 24.39 -13.13 -6.07
N PHE A 145 23.41 -12.55 -5.38
CA PHE A 145 22.68 -11.42 -5.92
C PHE A 145 23.67 -10.31 -6.32
N PRO A 146 23.52 -9.72 -7.51
CA PRO A 146 22.40 -9.94 -8.41
C PRO A 146 22.74 -10.85 -9.58
N MET A 147 23.70 -11.75 -9.40
CA MET A 147 24.01 -12.77 -10.39
C MET A 147 23.45 -14.10 -9.93
N ASP A 148 22.26 -14.05 -9.33
CA ASP A 148 21.66 -15.21 -8.68
C ASP A 148 20.68 -15.90 -9.60
N VAL A 149 20.46 -17.17 -9.34
CA VAL A 149 19.38 -17.93 -9.99
C VAL A 149 18.52 -18.48 -8.86
N GLN A 150 17.21 -18.34 -9.00
CA GLN A 150 16.28 -18.78 -7.97
C GLN A 150 15.47 -19.97 -8.47
N THR A 151 15.03 -20.79 -7.53
CA THR A 151 14.11 -21.88 -7.83
C THR A 151 12.81 -21.66 -7.09
N CYS A 152 11.73 -21.45 -7.83
CA CYS A 152 10.43 -21.24 -7.26
C CYS A 152 9.57 -22.45 -7.52
N ILE A 153 8.86 -22.91 -6.50
CA ILE A 153 8.10 -24.14 -6.60
C ILE A 153 6.60 -23.88 -6.52
N MET A 154 5.84 -24.85 -6.97
CA MET A 154 4.39 -24.86 -6.83
C MET A 154 4.00 -26.27 -6.39
N GLN A 155 3.40 -26.40 -5.21
CA GLN A 155 3.01 -27.71 -4.68
C GLN A 155 1.51 -27.94 -4.74
N LEU A 156 1.10 -29.05 -5.35
CA LEU A 156 -0.31 -29.41 -5.47
C LEU A 156 -0.58 -30.59 -4.56
N GLU A 157 -1.44 -30.40 -3.56
CA GLU A 157 -1.61 -31.37 -2.47
C GLU A 157 -3.09 -31.65 -2.20
N SER A 158 -3.39 -32.82 -1.66
CA SER A 158 -4.74 -33.09 -1.14
C SER A 158 -4.79 -32.67 0.31
N PHE A 159 -5.87 -31.97 0.70
CA PHE A 159 -5.97 -31.53 2.09
C PHE A 159 -6.56 -32.60 2.99
N GLY A 160 -7.58 -33.32 2.49
CA GLY A 160 -8.37 -34.21 3.33
C GLY A 160 -8.33 -35.69 3.03
N TYR A 161 -7.83 -36.06 1.84
CA TYR A 161 -7.74 -37.46 1.44
C TYR A 161 -6.32 -37.97 1.63
N THR A 162 -6.19 -39.10 2.32
CA THR A 162 -4.88 -39.77 2.45
C THR A 162 -4.58 -40.58 1.20
N MET A 163 -3.34 -41.06 1.12
CA MET A 163 -2.84 -41.75 -0.09
C MET A 163 -3.59 -43.03 -0.42
N ASN A 164 -4.28 -43.60 0.54
CA ASN A 164 -5.10 -44.77 0.29
C ASN A 164 -6.45 -44.46 -0.34
N ASP A 165 -6.84 -43.19 -0.33
CA ASP A 165 -8.07 -42.73 -1.02
C ASP A 165 -7.84 -41.88 -2.28
N LEU A 166 -6.73 -41.12 -2.33
CA LEU A 166 -6.49 -40.17 -3.43
C LEU A 166 -5.00 -39.94 -3.73
N ILE A 167 -4.66 -39.92 -5.02
CA ILE A 167 -3.28 -39.81 -5.50
C ILE A 167 -3.18 -38.88 -6.70
N PHE A 168 -2.30 -37.88 -6.61
CA PHE A 168 -2.03 -36.97 -7.71
C PHE A 168 -0.79 -37.41 -8.46
N GLU A 169 -0.79 -37.10 -9.74
CA GLU A 169 0.29 -37.45 -10.65
C GLU A 169 0.31 -36.40 -11.74
N TRP A 170 1.49 -35.93 -12.15
CA TRP A 170 1.59 -35.10 -13.34
C TRP A 170 1.27 -35.95 -14.56
N GLN A 171 0.57 -35.35 -15.50
CA GLN A 171 0.36 -35.90 -16.83
C GLN A 171 1.68 -36.27 -17.50
N ASP A 172 1.67 -37.33 -18.33
CA ASP A 172 2.89 -37.76 -19.03
C ASP A 172 3.31 -36.77 -20.09
N GLU A 173 2.39 -36.42 -21.00
CA GLU A 173 2.67 -35.49 -22.10
C GLU A 173 2.43 -34.02 -21.70
N ALA A 174 3.50 -33.23 -21.73
CA ALA A 174 3.47 -31.77 -21.53
C ALA A 174 2.60 -31.32 -20.37
N PRO A 175 3.00 -31.68 -19.15
CA PRO A 175 2.24 -31.34 -17.94
C PRO A 175 2.19 -29.86 -17.62
N VAL A 176 3.18 -29.09 -18.09
CA VAL A 176 3.24 -27.67 -17.80
C VAL A 176 3.45 -26.92 -19.10
N GLN A 177 2.42 -26.22 -19.57
CA GLN A 177 2.52 -25.42 -20.78
C GLN A 177 2.64 -23.96 -20.34
N VAL A 178 3.35 -23.15 -21.13
CA VAL A 178 3.52 -21.75 -20.86
C VAL A 178 3.03 -20.97 -22.07
N ALA A 179 2.26 -19.92 -21.84
CA ALA A 179 1.73 -19.11 -22.95
C ALA A 179 2.85 -18.58 -23.84
N GLU A 180 2.61 -18.57 -25.15
CA GLU A 180 3.63 -18.12 -26.12
C GLU A 180 3.97 -16.64 -25.90
N GLY A 181 5.25 -16.33 -25.90
CA GLY A 181 5.72 -14.96 -25.79
C GLY A 181 5.67 -14.38 -24.39
N LEU A 182 5.47 -15.22 -23.39
CA LEU A 182 5.51 -14.77 -22.01
C LEU A 182 6.94 -14.42 -21.61
N THR A 183 7.15 -13.18 -21.15
CA THR A 183 8.46 -12.77 -20.64
C THR A 183 8.33 -12.07 -19.30
N LEU A 184 9.46 -12.00 -18.60
CA LEU A 184 9.56 -11.31 -17.31
C LEU A 184 10.64 -10.25 -17.43
N PRO A 185 10.37 -9.04 -16.93
CA PRO A 185 11.36 -7.95 -17.05
C PRO A 185 12.73 -8.23 -16.41
N GLN A 186 12.73 -8.82 -15.21
CA GLN A 186 13.95 -9.03 -14.43
C GLN A 186 14.58 -10.41 -14.59
N PHE A 187 13.82 -11.39 -15.06
CA PHE A 187 14.28 -12.77 -15.08
C PHE A 187 14.10 -13.45 -16.42
N LEU A 188 14.87 -14.51 -16.64
CA LEU A 188 14.59 -15.47 -17.68
C LEU A 188 14.02 -16.70 -17.03
N LEU A 189 12.85 -17.12 -17.50
CA LEU A 189 12.26 -18.37 -17.06
C LEU A 189 12.80 -19.48 -17.94
N LYS A 190 13.52 -20.43 -17.35
CA LYS A 190 14.14 -21.50 -18.13
C LYS A 190 13.09 -22.48 -18.65
N GLU A 191 13.38 -23.06 -19.81
CA GLU A 191 12.47 -23.97 -20.47
C GLU A 191 12.29 -25.27 -19.66
N GLU A 192 13.36 -25.73 -19.03
CA GLU A 192 13.32 -26.96 -18.25
C GLU A 192 12.70 -26.73 -16.86
N LYS A 193 11.62 -27.47 -16.58
CA LYS A 193 10.96 -27.47 -15.27
C LYS A 193 11.08 -28.84 -14.62
N ASP A 194 11.52 -28.88 -13.36
CA ASP A 194 11.63 -30.16 -12.65
C ASP A 194 10.27 -30.56 -12.09
N LEU A 195 9.90 -31.82 -12.27
CA LEU A 195 8.70 -32.39 -11.66
C LEU A 195 9.10 -33.36 -10.58
N ARG A 196 8.46 -33.32 -9.43
CA ARG A 196 8.74 -34.32 -8.41
C ARG A 196 7.60 -34.48 -7.43
N TYR A 197 7.79 -35.44 -6.53
CA TYR A 197 6.88 -35.67 -5.43
C TYR A 197 7.32 -34.96 -4.17
N CYS A 198 6.35 -34.46 -3.42
CA CYS A 198 6.56 -33.77 -2.14
C CYS A 198 5.67 -34.44 -1.10
N THR A 199 5.50 -35.75 -1.19
CA THR A 199 4.56 -36.47 -0.32
C THR A 199 4.68 -35.99 1.13
N LYS A 200 3.54 -35.65 1.74
CA LYS A 200 3.52 -35.03 3.04
C LYS A 200 3.12 -36.01 4.12
N HIS A 201 3.84 -35.94 5.24
CA HIS A 201 3.53 -36.75 6.42
C HIS A 201 3.22 -35.85 7.60
N TYR A 202 1.96 -35.72 7.94
CA TYR A 202 1.56 -34.96 9.12
C TYR A 202 1.09 -35.94 10.19
N ASN A 203 0.81 -35.43 11.39
CA ASN A 203 0.21 -36.28 12.46
C ASN A 203 -1.22 -36.73 12.13
N THR A 204 -1.77 -36.23 11.03
CA THR A 204 -3.10 -36.62 10.57
C THR A 204 -3.05 -37.69 9.50
N GLY A 205 -1.85 -38.03 9.03
CA GLY A 205 -1.67 -39.03 8.00
C GLY A 205 -0.73 -38.63 6.87
N LYS A 206 -0.82 -39.36 5.78
CA LYS A 206 0.10 -39.28 4.67
C LYS A 206 -0.66 -38.79 3.42
N PHE A 207 -0.19 -37.71 2.80
CA PHE A 207 -0.97 -37.00 1.79
C PHE A 207 -0.21 -36.78 0.50
N THR A 208 -0.87 -37.09 -0.60
CA THR A 208 -0.34 -36.92 -1.95
C THR A 208 0.01 -35.46 -2.25
N CYS A 209 1.13 -35.25 -2.92
CA CYS A 209 1.66 -33.91 -3.17
C CYS A 209 2.64 -34.01 -4.30
N ILE A 210 2.39 -33.22 -5.35
CA ILE A 210 3.29 -33.15 -6.49
C ILE A 210 3.70 -31.71 -6.64
N GLU A 211 4.85 -31.53 -7.28
CA GLU A 211 5.58 -30.28 -7.24
C GLU A 211 6.12 -30.00 -8.63
N VAL A 212 6.09 -28.74 -9.02
CA VAL A 212 6.83 -28.30 -10.20
C VAL A 212 7.79 -27.22 -9.76
N ARG A 213 9.00 -27.25 -10.30
CA ARG A 213 10.03 -26.24 -9.96
C ARG A 213 10.40 -25.44 -11.18
N PHE A 214 10.36 -24.11 -11.03
CA PHE A 214 10.76 -23.21 -12.09
C PHE A 214 12.11 -22.62 -11.77
N HIS A 215 12.94 -22.46 -12.79
CA HIS A 215 14.25 -21.84 -12.62
C HIS A 215 14.26 -20.46 -13.24
N LEU A 216 14.60 -19.47 -12.42
CA LEU A 216 14.58 -18.07 -12.82
C LEU A 216 15.98 -17.51 -12.74
N GLU A 217 16.51 -17.06 -13.88
CA GLU A 217 17.85 -16.48 -13.94
C GLU A 217 17.71 -14.96 -13.98
N ARG A 218 18.29 -14.27 -13.02
CA ARG A 218 18.22 -12.81 -12.96
C ARG A 218 19.05 -12.17 -14.08
N GLN A 219 18.46 -11.19 -14.76
CA GLN A 219 19.13 -10.46 -15.84
C GLN A 219 20.03 -9.38 -15.25
N MET A 220 21.22 -9.26 -15.82
CA MET A 220 22.30 -8.46 -15.27
C MET A 220 22.21 -6.96 -15.62
N GLY A 221 21.70 -6.65 -16.82
CA GLY A 221 21.69 -5.29 -17.37
C GLY A 221 21.27 -4.17 -16.44
N TYR A 222 20.14 -4.33 -15.77
CA TYR A 222 19.67 -3.31 -14.84
C TYR A 222 20.72 -2.94 -13.79
N TYR A 223 21.46 -3.94 -13.31
CA TYR A 223 22.39 -3.72 -12.20
C TYR A 223 23.70 -3.08 -12.67
N LEU A 224 24.05 -3.28 -13.95
CA LEU A 224 25.16 -2.56 -14.53
C LEU A 224 24.83 -1.06 -14.56
N ILE A 225 23.63 -0.73 -15.02
CA ILE A 225 23.23 0.65 -15.20
C ILE A 225 23.02 1.37 -13.86
N GLN A 226 22.43 0.67 -12.90
CA GLN A 226 21.92 1.27 -11.68
C GLN A 226 22.95 1.30 -10.55
N MET A 227 23.91 0.37 -10.62
CA MET A 227 24.67 0.00 -9.43
C MET A 227 26.17 -0.13 -9.70
N TYR A 228 26.56 -0.99 -10.65
CA TYR A 228 27.96 -1.29 -10.91
C TYR A 228 28.70 -0.13 -11.59
N ILE A 229 28.13 0.37 -12.67
CA ILE A 229 28.75 1.47 -13.41
C ILE A 229 28.78 2.78 -12.61
N PRO A 230 27.65 3.18 -12.02
CA PRO A 230 27.74 4.36 -11.14
C PRO A 230 28.81 4.28 -10.04
N SER A 231 28.94 3.12 -9.40
CA SER A 231 29.95 2.94 -8.35
C SER A 231 31.37 2.95 -8.94
N LEU A 232 31.51 2.41 -10.15
CA LEU A 232 32.78 2.45 -10.89
C LEU A 232 33.24 3.90 -11.11
N LEU A 233 32.30 4.76 -11.48
CA LEU A 233 32.61 6.15 -11.75
C LEU A 233 32.99 6.91 -10.49
N ILE A 234 32.45 6.54 -9.35
CA ILE A 234 32.82 7.17 -8.09
C ILE A 234 34.27 6.78 -7.73
N VAL A 235 34.67 5.55 -8.04
CA VAL A 235 36.03 5.11 -7.79
C VAL A 235 37.01 5.88 -8.68
N ILE A 236 36.66 5.99 -9.96
CA ILE A 236 37.49 6.75 -10.90
C ILE A 236 37.60 8.23 -10.50
N LEU A 237 36.48 8.79 -10.01
CA LEU A 237 36.44 10.15 -9.50
C LEU A 237 37.48 10.34 -8.41
N SER A 238 37.56 9.38 -7.49
CA SER A 238 38.51 9.47 -6.38
C SER A 238 39.97 9.55 -6.86
N TRP A 239 40.26 8.96 -8.01
CA TRP A 239 41.61 8.93 -8.56
C TRP A 239 42.09 10.27 -9.11
N VAL A 240 41.17 11.17 -9.49
CA VAL A 240 41.62 12.45 -10.09
C VAL A 240 42.41 13.23 -9.05
N SER A 241 42.10 12.99 -7.77
CA SER A 241 42.87 13.52 -6.65
C SER A 241 44.38 13.38 -6.84
N PHE A 242 44.83 12.23 -7.35
CA PHE A 242 46.26 11.96 -7.51
C PHE A 242 46.96 12.89 -8.51
N TRP A 243 46.20 13.49 -9.42
CA TRP A 243 46.74 14.45 -10.40
C TRP A 243 46.56 15.92 -9.96
N ILE A 244 45.89 16.15 -8.84
CA ILE A 244 45.71 17.50 -8.30
C ILE A 244 46.89 17.87 -7.41
N ASN A 245 47.23 19.16 -7.41
CA ASN A 245 48.35 19.68 -6.63
C ASN A 245 48.23 19.33 -5.15
N MET A 246 49.32 18.82 -4.57
CA MET A 246 49.35 18.49 -3.12
C MET A 246 49.14 19.70 -2.20
N ASP A 247 49.31 20.92 -2.73
CA ASP A 247 49.04 22.16 -1.99
C ASP A 247 47.56 22.44 -1.83
N ALA A 248 46.74 21.92 -2.75
CA ALA A 248 45.29 22.13 -2.74
C ALA A 248 44.59 21.16 -1.79
N ALA A 249 44.79 21.37 -0.48
CA ALA A 249 44.25 20.49 0.54
C ALA A 249 42.72 20.40 0.51
N PRO A 250 42.02 21.55 0.46
CA PRO A 250 40.55 21.47 0.45
C PRO A 250 39.96 20.80 -0.80
N ALA A 251 40.65 20.89 -1.93
CA ALA A 251 40.21 20.24 -3.16
C ALA A 251 40.33 18.71 -3.05
N ARG A 252 41.51 18.25 -2.64
CA ARG A 252 41.76 16.82 -2.54
C ARG A 252 41.01 16.16 -1.38
N VAL A 253 40.78 16.91 -0.30
CA VAL A 253 39.98 16.40 0.83
C VAL A 253 38.50 16.35 0.45
N ALA A 254 38.03 17.35 -0.30
CA ALA A 254 36.66 17.34 -0.80
C ALA A 254 36.41 16.12 -1.69
N LEU A 255 37.37 15.82 -2.57
CA LEU A 255 37.29 14.62 -3.41
C LEU A 255 37.17 13.34 -2.59
N GLY A 256 37.96 13.26 -1.52
CA GLY A 256 37.92 12.11 -0.62
C GLY A 256 36.62 11.98 0.15
N ILE A 257 36.16 13.08 0.73
CA ILE A 257 34.93 13.09 1.52
C ILE A 257 33.76 12.64 0.66
N THR A 258 33.56 13.34 -0.45
CA THR A 258 32.35 13.14 -1.27
C THR A 258 32.28 11.75 -1.91
N THR A 259 33.43 11.21 -2.33
CA THR A 259 33.45 9.85 -2.86
C THR A 259 33.17 8.82 -1.78
N VAL A 260 33.74 9.00 -0.60
CA VAL A 260 33.47 8.11 0.54
C VAL A 260 31.99 8.15 0.93
N LEU A 261 31.43 9.34 1.08
CA LEU A 261 30.03 9.50 1.46
C LEU A 261 29.07 8.99 0.41
N THR A 262 29.35 9.29 -0.85
CA THR A 262 28.52 8.79 -1.95
C THR A 262 28.55 7.26 -1.99
N MET A 263 29.71 6.71 -1.68
CA MET A 263 29.89 5.28 -1.68
C MET A 263 29.09 4.58 -0.56
N THR A 264 28.93 5.24 0.59
CA THR A 264 28.10 4.69 1.68
C THR A 264 26.61 4.68 1.34
N THR A 265 26.12 5.75 0.72
CA THR A 265 24.72 5.80 0.29
C THR A 265 24.48 4.84 -0.88
N GLN A 266 25.44 4.78 -1.79
CA GLN A 266 25.45 3.80 -2.87
C GLN A 266 25.31 2.39 -2.31
N SER A 267 26.03 2.12 -1.23
CA SER A 267 26.01 0.81 -0.59
C SER A 267 24.66 0.49 0.06
N SER A 268 24.09 1.42 0.82
CA SER A 268 22.77 1.18 1.42
C SER A 268 21.68 1.10 0.34
N GLY A 269 21.81 1.92 -0.70
CA GLY A 269 20.89 1.91 -1.84
C GLY A 269 20.86 0.59 -2.60
N SER A 270 21.96 -0.14 -2.59
CA SER A 270 22.06 -1.43 -3.27
C SER A 270 21.26 -2.55 -2.58
N ARG A 271 20.83 -2.30 -1.35
CA ARG A 271 20.04 -3.25 -0.55
C ARG A 271 18.60 -2.81 -0.33
N ALA A 272 18.25 -1.60 -0.77
CA ALA A 272 16.99 -0.97 -0.39
C ALA A 272 15.77 -1.79 -0.81
N SER A 273 15.90 -2.53 -1.90
CA SER A 273 14.80 -3.29 -2.49
C SER A 273 14.81 -4.78 -2.08
N LEU A 274 15.55 -5.12 -1.03
CA LEU A 274 15.79 -6.51 -0.65
C LEU A 274 15.37 -6.78 0.78
N PRO A 275 15.11 -8.05 1.08
CA PRO A 275 14.81 -8.35 2.48
C PRO A 275 16.07 -8.20 3.30
N LYS A 276 15.89 -7.96 4.60
CA LYS A 276 17.00 -7.65 5.49
C LYS A 276 17.71 -8.90 5.97
N VAL A 277 18.32 -9.60 5.02
CA VAL A 277 19.09 -10.81 5.31
C VAL A 277 20.43 -10.49 5.96
N SER A 278 20.93 -11.46 6.72
CA SER A 278 22.11 -11.25 7.55
C SER A 278 23.36 -11.91 6.99
N TYR A 279 23.32 -12.34 5.74
CA TYR A 279 24.52 -12.82 5.07
C TYR A 279 25.02 -11.83 4.02
N VAL A 280 26.28 -12.00 3.63
CA VAL A 280 26.93 -11.15 2.65
C VAL A 280 26.54 -11.59 1.24
N LYS A 281 26.17 -10.62 0.40
CA LYS A 281 25.77 -10.89 -0.99
C LYS A 281 26.90 -10.44 -1.91
N ALA A 282 26.81 -10.80 -3.19
CA ALA A 282 27.84 -10.45 -4.15
C ALA A 282 27.93 -8.92 -4.36
N ILE A 283 26.78 -8.26 -4.40
CA ILE A 283 26.76 -6.80 -4.49
C ILE A 283 27.40 -6.13 -3.25
N ASP A 284 27.27 -6.76 -2.08
CA ASP A 284 27.88 -6.23 -0.86
C ASP A 284 29.41 -6.26 -0.92
N ILE A 285 29.96 -7.36 -1.42
CA ILE A 285 31.40 -7.48 -1.60
C ILE A 285 31.91 -6.35 -2.47
N TRP A 286 31.25 -6.15 -3.61
CA TRP A 286 31.61 -5.10 -4.56
C TRP A 286 31.57 -3.72 -3.94
N MET A 287 30.47 -3.39 -3.28
CA MET A 287 30.31 -2.09 -2.65
C MET A 287 31.35 -1.87 -1.55
N ALA A 288 31.65 -2.92 -0.80
CA ALA A 288 32.64 -2.83 0.27
C ALA A 288 34.04 -2.55 -0.27
N VAL A 289 34.42 -3.24 -1.33
CA VAL A 289 35.73 -3.06 -1.94
C VAL A 289 35.81 -1.68 -2.58
N CYS A 290 34.76 -1.27 -3.29
CA CYS A 290 34.70 0.08 -3.84
C CYS A 290 34.86 1.12 -2.74
N LEU A 291 34.20 0.89 -1.61
CA LEU A 291 34.32 1.80 -0.46
C LEU A 291 35.76 1.84 0.08
N LEU A 292 36.39 0.67 0.18
CA LEU A 292 37.79 0.57 0.60
C LEU A 292 38.74 1.37 -0.30
N PHE A 293 38.59 1.22 -1.62
CA PHE A 293 39.42 1.92 -2.60
C PHE A 293 39.30 3.44 -2.49
N VAL A 294 38.08 3.88 -2.29
CA VAL A 294 37.78 5.31 -2.22
C VAL A 294 38.26 5.91 -0.89
N PHE A 295 38.17 5.13 0.18
CA PHE A 295 38.68 5.50 1.50
C PHE A 295 40.20 5.55 1.48
N SER A 296 40.80 4.56 0.82
CA SER A 296 42.26 4.47 0.67
C SER A 296 42.85 5.67 -0.06
N ALA A 297 42.12 6.19 -1.05
CA ALA A 297 42.56 7.38 -1.80
C ALA A 297 42.63 8.61 -0.89
N LEU A 298 41.65 8.75 0.00
CA LEU A 298 41.68 9.82 0.99
C LEU A 298 42.84 9.65 1.96
N LEU A 299 43.03 8.42 2.47
CA LEU A 299 44.16 8.14 3.35
C LEU A 299 45.48 8.42 2.66
N GLU A 300 45.54 8.11 1.37
CA GLU A 300 46.72 8.43 0.58
C GLU A 300 47.04 9.93 0.66
N TYR A 301 46.02 10.79 0.52
CA TYR A 301 46.29 12.22 0.65
C TYR A 301 46.66 12.64 2.06
N ALA A 302 46.05 12.04 3.07
CA ALA A 302 46.44 12.31 4.45
C ALA A 302 47.93 12.10 4.62
N ALA A 303 48.44 11.02 4.03
CA ALA A 303 49.86 10.70 4.06
C ALA A 303 50.68 11.75 3.31
N VAL A 304 50.22 12.11 2.12
CA VAL A 304 50.89 13.13 1.29
C VAL A 304 50.99 14.47 2.03
N ASN A 305 49.87 14.88 2.62
CA ASN A 305 49.80 16.13 3.37
C ASN A 305 50.68 16.08 4.61
N PHE A 306 50.73 14.91 5.26
CA PHE A 306 51.47 14.74 6.50
C PHE A 306 52.98 14.65 6.29
N VAL A 307 53.44 13.84 5.33
CA VAL A 307 54.88 13.67 5.13
C VAL A 307 55.54 14.94 4.57
N SER A 308 54.74 15.80 3.92
CA SER A 308 55.25 17.04 3.34
C SER A 308 55.06 18.29 4.22
N ARG A 309 54.73 18.12 5.51
CA ARG A 309 54.57 19.26 6.44
C ARG A 309 55.75 20.21 6.40
N ALA A 310 56.94 19.70 6.72
CA ALA A 310 58.18 20.47 6.60
C ALA A 310 58.45 20.67 5.11
N GLY A 311 58.42 21.90 4.65
CA GLY A 311 58.43 22.17 3.21
C GLY A 311 59.77 22.01 2.52
N THR A 312 60.54 20.99 2.90
CA THR A 312 61.90 20.77 2.42
C THR A 312 61.93 19.77 1.25
N LYS A 313 62.87 19.94 0.33
CA LYS A 313 62.94 19.15 -0.91
C LYS A 313 62.80 17.63 -0.68
N VAL A 314 63.53 17.11 0.30
CA VAL A 314 63.53 15.66 0.54
C VAL A 314 62.13 15.09 0.90
N PHE A 315 61.37 15.86 1.68
CA PHE A 315 60.03 15.44 2.11
C PHE A 315 58.96 15.75 1.08
N ILE A 316 59.11 16.85 0.35
CA ILE A 316 58.23 17.15 -0.80
C ILE A 316 58.39 16.05 -1.85
N ASP A 317 59.63 15.60 -2.08
CA ASP A 317 59.90 14.52 -3.04
C ASP A 317 59.27 13.20 -2.61
N ARG A 318 59.31 12.92 -1.32
CA ARG A 318 58.73 11.69 -0.80
C ARG A 318 57.21 11.69 -0.97
N ALA A 319 56.58 12.82 -0.68
CA ALA A 319 55.15 13.01 -0.92
C ALA A 319 54.81 12.89 -2.42
N LYS A 320 55.63 13.47 -3.27
CA LYS A 320 55.41 13.40 -4.71
C LYS A 320 55.53 11.96 -5.23
N LYS A 321 56.39 11.15 -4.61
CA LYS A 321 56.57 9.75 -5.02
C LYS A 321 55.32 8.94 -4.65
N ILE A 322 54.73 9.25 -3.51
CA ILE A 322 53.49 8.60 -3.09
C ILE A 322 52.40 8.83 -4.13
N ASP A 323 52.28 10.06 -4.62
CA ASP A 323 51.32 10.37 -5.69
C ASP A 323 51.59 9.65 -6.99
N THR A 324 52.85 9.62 -7.45
CA THR A 324 53.16 9.01 -8.75
C THR A 324 52.95 7.50 -8.74
N ILE A 325 53.19 6.86 -7.59
CA ILE A 325 52.91 5.43 -7.44
C ILE A 325 51.40 5.19 -7.43
N SER A 326 50.67 6.02 -6.69
CA SER A 326 49.21 5.91 -6.58
C SER A 326 48.51 6.02 -7.93
N ARG A 327 49.02 6.87 -8.81
CA ARG A 327 48.45 6.98 -10.16
C ARG A 327 48.49 5.67 -10.94
N ALA A 328 49.49 4.84 -10.67
CA ALA A 328 49.61 3.54 -11.33
C ALA A 328 48.91 2.45 -10.52
N CYS A 329 49.15 2.41 -9.21
CA CYS A 329 48.75 1.26 -8.38
C CYS A 329 47.25 1.14 -8.08
N PHE A 330 46.58 2.26 -7.85
CA PHE A 330 45.15 2.23 -7.58
C PHE A 330 44.36 1.68 -8.78
N PRO A 331 44.57 2.24 -9.99
CA PRO A 331 43.90 1.65 -11.15
C PRO A 331 44.30 0.23 -11.43
N LEU A 332 45.56 -0.10 -11.20
CA LEU A 332 46.05 -1.46 -11.41
C LEU A 332 45.43 -2.45 -10.42
N ALA A 333 45.40 -2.08 -9.15
CA ALA A 333 44.83 -2.95 -8.10
C ALA A 333 43.33 -3.12 -8.29
N PHE A 334 42.67 -2.07 -8.77
CA PHE A 334 41.25 -2.12 -9.02
C PHE A 334 40.91 -3.00 -10.22
N LEU A 335 41.76 -2.99 -11.24
CA LEU A 335 41.62 -3.89 -12.38
C LEU A 335 41.77 -5.34 -11.94
N ILE A 336 42.78 -5.61 -11.12
CA ILE A 336 43.02 -6.96 -10.60
C ILE A 336 41.81 -7.46 -9.83
N PHE A 337 41.27 -6.64 -8.94
CA PHE A 337 40.06 -6.99 -8.20
C PHE A 337 38.88 -7.33 -9.12
N ASN A 338 38.65 -6.48 -10.11
CA ASN A 338 37.65 -6.74 -11.16
C ASN A 338 37.82 -8.08 -11.85
N ILE A 339 39.04 -8.43 -12.23
CA ILE A 339 39.30 -9.72 -12.86
C ILE A 339 38.76 -10.82 -11.92
N PHE A 340 39.23 -10.82 -10.68
CA PHE A 340 38.82 -11.83 -9.70
C PHE A 340 37.31 -11.87 -9.48
N TYR A 341 36.71 -10.70 -9.28
CA TYR A 341 35.28 -10.61 -8.99
C TYR A 341 34.41 -11.22 -10.09
N TRP A 342 34.56 -10.72 -11.31
CA TRP A 342 33.73 -11.19 -12.43
C TRP A 342 33.99 -12.65 -12.78
N VAL A 343 35.25 -13.06 -12.75
CA VAL A 343 35.60 -14.45 -13.04
C VAL A 343 34.94 -15.40 -12.03
N ILE A 344 34.99 -15.05 -10.75
CA ILE A 344 34.42 -15.90 -9.71
C ILE A 344 32.90 -16.12 -9.92
N TYR A 345 32.13 -15.05 -10.12
CA TYR A 345 30.65 -15.16 -10.12
C TYR A 345 30.05 -15.63 -11.46
N ALA B 6 -25.01 -57.22 3.44
CA ALA B 6 -24.87 -55.96 2.64
C ALA B 6 -24.62 -54.77 3.56
N PRO B 7 -23.43 -54.18 3.50
CA PRO B 7 -23.18 -53.07 4.40
C PRO B 7 -24.03 -51.86 3.96
N MET B 8 -24.37 -51.04 4.95
CA MET B 8 -25.18 -49.87 4.73
C MET B 8 -24.50 -48.82 3.82
N SER B 9 -25.26 -48.27 2.87
CA SER B 9 -24.71 -47.28 1.95
C SER B 9 -24.31 -46.03 2.73
N PRO B 10 -23.24 -45.35 2.30
CA PRO B 10 -22.82 -44.13 2.97
C PRO B 10 -23.93 -43.08 3.06
N SER B 11 -24.71 -42.94 2.00
CA SER B 11 -25.81 -41.97 1.99
C SER B 11 -26.77 -42.21 3.15
N ASP B 12 -27.22 -43.45 3.30
CA ASP B 12 -28.14 -43.81 4.38
C ASP B 12 -27.49 -43.63 5.73
N PHE B 13 -26.21 -44.00 5.83
CA PHE B 13 -25.49 -43.87 7.09
C PHE B 13 -25.40 -42.42 7.54
N LEU B 14 -25.01 -41.52 6.65
CA LEU B 14 -24.92 -40.10 6.99
C LEU B 14 -26.28 -39.53 7.32
N ASP B 15 -27.30 -40.03 6.64
CA ASP B 15 -28.68 -39.66 6.95
C ASP B 15 -29.06 -40.04 8.39
N LYS B 16 -28.74 -41.27 8.79
CA LYS B 16 -29.08 -41.77 10.13
C LYS B 16 -28.17 -41.20 11.21
N LEU B 17 -26.97 -40.76 10.86
CA LEU B 17 -26.02 -40.27 11.88
C LEU B 17 -26.18 -38.79 12.21
N MET B 18 -26.31 -37.96 11.18
CA MET B 18 -26.33 -36.52 11.36
C MET B 18 -27.26 -35.78 10.40
N GLY B 19 -27.99 -36.51 9.56
CA GLY B 19 -28.90 -35.90 8.59
C GLY B 19 -30.37 -36.00 8.99
N ARG B 20 -31.25 -35.96 7.98
CA ARG B 20 -32.71 -35.90 8.15
C ARG B 20 -33.28 -36.86 9.21
N THR B 21 -32.93 -38.14 9.15
CA THR B 21 -33.54 -39.13 10.05
C THR B 21 -32.80 -39.32 11.39
N SER B 22 -31.79 -38.51 11.67
CA SER B 22 -30.92 -38.74 12.83
C SER B 22 -31.45 -38.17 14.13
N GLY B 23 -32.17 -37.06 14.05
CA GLY B 23 -32.52 -36.29 15.25
C GLY B 23 -31.35 -35.46 15.83
N TYR B 24 -30.25 -35.36 15.08
CA TYR B 24 -29.07 -34.67 15.57
C TYR B 24 -29.29 -33.17 15.46
N ASP B 25 -29.01 -32.46 16.55
CA ASP B 25 -29.12 -31.02 16.57
C ASP B 25 -27.74 -30.42 16.86
N ALA B 26 -27.14 -29.82 15.84
CA ALA B 26 -25.81 -29.23 15.96
C ALA B 26 -25.73 -28.03 16.93
N ARG B 27 -26.89 -27.50 17.30
CA ARG B 27 -26.96 -26.41 18.28
C ARG B 27 -26.79 -26.86 19.72
N ILE B 28 -26.67 -28.17 19.93
CA ILE B 28 -26.52 -28.75 21.26
C ILE B 28 -25.15 -29.40 21.32
N ARG B 29 -24.40 -29.08 22.37
CA ARG B 29 -23.07 -29.61 22.53
C ARG B 29 -23.14 -31.06 22.99
N PRO B 30 -22.05 -31.83 22.77
CA PRO B 30 -21.94 -33.14 23.38
C PRO B 30 -22.05 -33.09 24.91
N ASN B 31 -22.82 -34.02 25.48
CA ASN B 31 -23.04 -34.11 26.93
C ASN B 31 -23.53 -32.81 27.53
N PHE B 32 -24.59 -32.23 26.98
CA PHE B 32 -24.91 -30.83 27.33
C PHE B 32 -25.35 -30.63 28.78
N LYS B 33 -25.95 -31.65 29.38
CA LYS B 33 -26.30 -31.57 30.79
C LYS B 33 -25.15 -32.03 31.69
N GLY B 34 -24.07 -32.49 31.08
CA GLY B 34 -22.95 -33.07 31.82
C GLY B 34 -21.76 -32.13 31.91
N PRO B 35 -20.57 -32.71 32.16
CA PRO B 35 -19.37 -31.87 32.28
C PRO B 35 -18.98 -31.22 30.94
N PRO B 36 -18.06 -30.24 30.99
CA PRO B 36 -17.63 -29.50 29.81
C PRO B 36 -17.02 -30.39 28.75
N VAL B 37 -17.21 -30.02 27.49
CA VAL B 37 -16.53 -30.71 26.40
C VAL B 37 -15.03 -30.41 26.49
N GLN B 38 -14.25 -31.47 26.46
CA GLN B 38 -12.80 -31.36 26.48
C GLN B 38 -12.31 -31.38 25.06
N VAL B 39 -11.79 -30.24 24.61
CA VAL B 39 -11.22 -30.13 23.28
C VAL B 39 -9.72 -30.13 23.39
N THR B 40 -9.07 -30.92 22.54
CA THR B 40 -7.62 -30.98 22.47
C THR B 40 -7.15 -30.36 21.15
N CYS B 41 -6.13 -29.51 21.23
CA CYS B 41 -5.68 -28.74 20.08
C CYS B 41 -4.23 -29.01 19.74
N ASN B 42 -3.92 -29.03 18.45
CA ASN B 42 -2.54 -28.94 18.00
C ASN B 42 -2.49 -28.14 16.70
N ILE B 43 -1.34 -27.52 16.42
CA ILE B 43 -1.19 -26.75 15.21
C ILE B 43 0.03 -27.21 14.44
N PHE B 44 -0.06 -27.16 13.12
CA PHE B 44 1.08 -27.33 12.24
C PHE B 44 1.36 -25.98 11.62
N ILE B 45 2.57 -25.49 11.78
CA ILE B 45 2.94 -24.20 11.23
C ILE B 45 3.55 -24.37 9.85
N ASN B 46 2.76 -24.00 8.85
CA ASN B 46 3.11 -24.20 7.47
C ASN B 46 3.99 -23.07 6.97
N SER B 47 3.87 -21.92 7.64
CA SER B 47 4.56 -20.71 7.21
C SER B 47 4.48 -19.66 8.34
N PHE B 48 5.50 -18.80 8.43
CA PHE B 48 5.71 -17.91 9.56
C PHE B 48 6.57 -16.73 9.12
N GLY B 49 6.02 -15.53 9.08
CA GLY B 49 6.72 -14.41 8.49
C GLY B 49 6.02 -13.09 8.65
N SER B 50 6.33 -12.16 7.75
CA SER B 50 5.82 -10.80 7.81
C SER B 50 5.85 -10.23 9.22
N ILE B 51 6.98 -10.43 9.90
CA ILE B 51 7.17 -9.87 11.22
C ILE B 51 7.46 -8.38 11.08
N ALA B 52 6.47 -7.57 11.41
CA ALA B 52 6.54 -6.13 11.24
C ALA B 52 6.66 -5.40 12.59
N GLU B 53 7.73 -4.63 12.76
CA GLU B 53 7.92 -3.82 13.96
C GLU B 53 6.96 -2.62 14.00
N THR B 54 6.66 -2.06 12.82
CA THR B 54 5.85 -0.84 12.73
C THR B 54 4.41 -1.10 13.18
N THR B 55 3.80 -2.10 12.56
CA THR B 55 2.44 -2.49 12.90
C THR B 55 2.42 -3.48 14.06
N MET B 56 3.59 -3.96 14.48
CA MET B 56 3.71 -4.71 15.71
C MET B 56 2.92 -6.03 15.65
N ASP B 57 3.15 -6.80 14.59
CA ASP B 57 2.41 -8.03 14.34
C ASP B 57 3.21 -9.01 13.46
N TYR B 58 2.66 -10.20 13.27
CA TYR B 58 3.27 -11.23 12.43
C TYR B 58 2.20 -12.11 11.78
N ARG B 59 2.61 -12.90 10.80
CA ARG B 59 1.68 -13.69 10.02
C ARG B 59 2.04 -15.16 10.01
N VAL B 60 1.04 -16.03 10.13
CA VAL B 60 1.26 -17.46 10.08
C VAL B 60 0.24 -18.10 9.19
N ASN B 61 0.66 -19.18 8.55
CA ASN B 61 -0.25 -20.09 7.88
C ASN B 61 -0.19 -21.37 8.66
N ILE B 62 -1.33 -21.84 9.15
CA ILE B 62 -1.36 -23.02 9.98
C ILE B 62 -2.46 -24.00 9.61
N PHE B 63 -2.27 -25.25 10.04
CA PHE B 63 -3.37 -26.20 10.11
C PHE B 63 -3.74 -26.26 11.58
N LEU B 64 -4.99 -25.92 11.90
CA LEU B 64 -5.49 -26.00 13.25
C LEU B 64 -6.25 -27.31 13.41
N ARG B 65 -5.84 -28.12 14.39
CA ARG B 65 -6.45 -29.42 14.63
C ARG B 65 -7.18 -29.39 15.96
N GLN B 66 -8.45 -29.80 15.96
CA GLN B 66 -9.23 -29.88 17.15
C GLN B 66 -9.77 -31.27 17.28
N LYS B 67 -9.73 -31.80 18.52
CA LYS B 67 -10.21 -33.13 18.80
C LYS B 67 -11.15 -33.11 19.98
N TRP B 68 -12.26 -33.84 19.89
CA TRP B 68 -13.18 -33.95 21.00
C TRP B 68 -14.10 -35.13 20.79
N ASN B 69 -14.85 -35.49 21.82
CA ASN B 69 -15.75 -36.64 21.71
C ASN B 69 -17.22 -36.23 21.64
N ASP B 70 -17.94 -36.82 20.69
CA ASP B 70 -19.38 -36.58 20.54
C ASP B 70 -20.08 -37.93 20.49
N PRO B 71 -20.65 -38.37 21.63
CA PRO B 71 -21.31 -39.69 21.70
C PRO B 71 -22.33 -39.94 20.61
N ARG B 72 -23.00 -38.90 20.15
CA ARG B 72 -24.00 -39.05 19.08
C ARG B 72 -23.40 -39.53 17.77
N LEU B 73 -22.09 -39.36 17.57
CA LEU B 73 -21.45 -39.74 16.31
C LEU B 73 -20.76 -41.10 16.37
N ALA B 74 -20.85 -41.78 17.50
CA ALA B 74 -20.34 -43.15 17.59
C ALA B 74 -21.11 -44.03 16.61
N TYR B 75 -20.41 -45.01 16.02
CA TYR B 75 -21.03 -45.92 15.05
C TYR B 75 -20.55 -47.36 15.26
N SER B 76 -21.40 -48.30 14.85
CA SER B 76 -21.03 -49.72 14.81
C SER B 76 -21.27 -50.34 13.43
N GLU B 77 -21.78 -49.56 12.48
CA GLU B 77 -22.21 -50.09 11.20
C GLU B 77 -21.04 -50.53 10.32
N TYR B 78 -19.84 -50.03 10.61
CA TYR B 78 -18.65 -50.43 9.87
C TYR B 78 -17.53 -50.85 10.82
N PRO B 79 -16.68 -51.79 10.39
CA PRO B 79 -15.57 -52.22 11.23
C PRO B 79 -14.43 -51.20 11.32
N ASP B 80 -14.44 -50.22 10.41
CA ASP B 80 -13.37 -49.24 10.29
C ASP B 80 -13.24 -48.44 11.57
N ASP B 81 -12.04 -48.36 12.09
CA ASP B 81 -11.79 -47.53 13.26
C ASP B 81 -12.16 -46.06 13.08
N SER B 82 -11.93 -45.52 11.88
CA SER B 82 -12.34 -44.17 11.59
C SER B 82 -12.90 -44.03 10.18
N LEU B 83 -13.64 -42.95 9.96
CA LEU B 83 -14.21 -42.63 8.67
C LEU B 83 -13.81 -41.21 8.29
N ASP B 84 -13.29 -41.05 7.08
CA ASP B 84 -12.98 -39.73 6.53
C ASP B 84 -14.21 -39.23 5.80
N LEU B 85 -14.76 -38.11 6.25
CA LEU B 85 -16.03 -37.60 5.72
C LEU B 85 -15.81 -36.37 4.89
N ASP B 86 -16.68 -36.18 3.91
CA ASP B 86 -16.66 -34.98 3.09
C ASP B 86 -16.88 -33.76 3.98
N PRO B 87 -16.05 -32.72 3.84
CA PRO B 87 -16.12 -31.57 4.76
C PRO B 87 -17.41 -30.77 4.71
N SER B 88 -18.24 -30.96 3.70
CA SER B 88 -19.58 -30.37 3.71
C SER B 88 -20.41 -30.84 4.91
N MET B 89 -20.07 -31.99 5.48
CA MET B 89 -20.77 -32.50 6.65
C MET B 89 -20.43 -31.74 7.93
N LEU B 90 -19.40 -30.90 7.90
CA LEU B 90 -19.08 -30.05 9.05
C LEU B 90 -20.20 -29.11 9.44
N ASP B 91 -20.99 -28.66 8.47
CA ASP B 91 -22.13 -27.79 8.76
C ASP B 91 -23.23 -28.52 9.55
N SER B 92 -23.25 -29.85 9.47
CA SER B 92 -24.25 -30.64 10.16
C SER B 92 -23.86 -31.08 11.57
N ILE B 93 -22.61 -30.88 12.00
CA ILE B 93 -22.23 -31.32 13.34
C ILE B 93 -21.92 -30.15 14.23
N TRP B 94 -21.99 -30.40 15.53
CA TRP B 94 -21.55 -29.41 16.50
C TRP B 94 -20.04 -29.33 16.42
N LYS B 95 -19.49 -28.13 16.59
CA LYS B 95 -18.07 -27.96 16.75
C LYS B 95 -17.76 -26.77 17.63
N PRO B 96 -16.56 -26.76 18.23
CA PRO B 96 -16.21 -25.66 19.13
C PRO B 96 -16.14 -24.34 18.39
N ASP B 97 -16.22 -23.24 19.13
CA ASP B 97 -16.21 -21.90 18.55
C ASP B 97 -14.88 -21.18 18.84
N LEU B 98 -13.79 -21.86 18.52
CA LEU B 98 -12.46 -21.37 18.80
C LEU B 98 -12.19 -20.11 17.99
N PHE B 99 -11.68 -19.07 18.61
CA PHE B 99 -11.19 -17.90 17.90
C PHE B 99 -9.84 -17.50 18.45
N PHE B 100 -9.12 -16.66 17.72
CA PHE B 100 -7.79 -16.26 18.13
C PHE B 100 -7.86 -14.88 18.71
N ALA B 101 -7.58 -14.78 20.00
CA ALA B 101 -7.88 -13.57 20.75
C ALA B 101 -7.02 -12.40 20.34
N ASN B 102 -5.80 -12.68 19.88
CA ASN B 102 -4.89 -11.61 19.47
C ASN B 102 -4.77 -11.52 17.95
N GLU B 103 -5.80 -11.96 17.26
CA GLU B 103 -5.84 -11.92 15.80
C GLU B 103 -6.34 -10.56 15.31
N LYS B 104 -5.59 -9.97 14.39
CA LYS B 104 -5.96 -8.73 13.72
C LYS B 104 -6.59 -8.99 12.35
N GLY B 105 -6.20 -10.10 11.73
CA GLY B 105 -6.78 -10.53 10.46
C GLY B 105 -6.70 -12.04 10.36
N ALA B 106 -7.70 -12.63 9.73
CA ALA B 106 -7.77 -14.08 9.64
C ALA B 106 -8.63 -14.46 8.45
N ASN B 107 -8.21 -15.47 7.70
CA ASN B 107 -9.06 -15.99 6.64
C ASN B 107 -8.96 -17.50 6.49
N PHE B 108 -10.03 -18.09 5.96
CA PHE B 108 -10.05 -19.47 5.55
C PHE B 108 -9.42 -19.57 4.18
N HIS B 109 -9.26 -20.80 3.71
CA HIS B 109 -8.71 -21.06 2.39
C HIS B 109 -9.69 -21.94 1.65
N GLU B 110 -10.10 -21.48 0.47
CA GLU B 110 -11.20 -22.12 -0.26
C GLU B 110 -10.82 -22.59 -1.67
N VAL B 111 -9.54 -22.48 -2.02
CA VAL B 111 -9.05 -22.92 -3.32
C VAL B 111 -8.31 -24.25 -3.19
N THR B 112 -8.62 -25.27 -3.99
CA THR B 112 -9.69 -25.29 -4.99
C THR B 112 -11.03 -25.72 -4.38
N THR B 113 -10.99 -26.21 -3.14
CA THR B 113 -12.19 -26.47 -2.35
C THR B 113 -11.83 -26.09 -0.93
N ASP B 114 -12.77 -26.20 0.00
CA ASP B 114 -12.52 -25.78 1.37
C ASP B 114 -11.37 -26.60 1.95
N ASN B 115 -10.36 -25.90 2.45
CA ASN B 115 -9.20 -26.56 3.05
C ASN B 115 -9.58 -27.00 4.47
N LYS B 116 -10.37 -28.06 4.55
CA LYS B 116 -10.89 -28.59 5.80
C LYS B 116 -10.92 -30.10 5.76
N LEU B 117 -10.82 -30.70 6.94
CA LEU B 117 -10.75 -32.15 7.08
C LEU B 117 -11.63 -32.57 8.25
N LEU B 118 -12.40 -33.63 8.04
CA LEU B 118 -13.27 -34.18 9.08
C LEU B 118 -13.16 -35.69 9.15
N ARG B 119 -12.79 -36.20 10.31
CA ARG B 119 -12.63 -37.62 10.53
C ARG B 119 -13.36 -37.98 11.82
N ILE B 120 -14.20 -39.01 11.77
CA ILE B 120 -14.87 -39.50 12.99
C ILE B 120 -14.47 -40.94 13.30
N PHE B 121 -14.50 -41.30 14.57
CA PHE B 121 -14.06 -42.61 15.02
C PHE B 121 -15.21 -43.41 15.59
N LYS B 122 -15.04 -44.74 15.65
CA LYS B 122 -16.07 -45.66 16.22
C LYS B 122 -16.71 -45.15 17.50
N ASN B 123 -15.88 -44.70 18.44
CA ASN B 123 -16.33 -44.24 19.73
C ASN B 123 -16.89 -42.81 19.74
N GLY B 124 -17.01 -42.19 18.57
CA GLY B 124 -17.53 -40.84 18.48
C GLY B 124 -16.51 -39.71 18.60
N ASN B 125 -15.23 -40.03 18.72
CA ASN B 125 -14.21 -38.98 18.65
C ASN B 125 -14.28 -38.30 17.30
N VAL B 126 -13.93 -37.02 17.29
CA VAL B 126 -13.88 -36.23 16.08
C VAL B 126 -12.48 -35.62 15.97
N LEU B 127 -11.96 -35.60 14.74
CA LEU B 127 -10.78 -34.86 14.39
C LEU B 127 -11.17 -33.87 13.31
N TYR B 128 -10.89 -32.60 13.56
CA TYR B 128 -11.31 -31.52 12.68
C TYR B 128 -10.10 -30.65 12.42
N SER B 129 -9.66 -30.58 11.17
CA SER B 129 -8.51 -29.77 10.83
C SER B 129 -8.87 -28.76 9.79
N ILE B 130 -8.36 -27.54 9.98
CA ILE B 130 -8.66 -26.45 9.07
C ILE B 130 -7.45 -25.56 8.84
N ARG B 131 -7.26 -25.15 7.59
CA ARG B 131 -6.15 -24.31 7.23
C ARG B 131 -6.51 -22.83 7.35
N LEU B 132 -5.64 -22.05 7.99
CA LEU B 132 -5.90 -20.67 8.29
C LEU B 132 -4.68 -19.81 8.06
N THR B 133 -4.92 -18.57 7.66
CA THR B 133 -3.92 -17.56 7.66
C THR B 133 -4.32 -16.55 8.72
N LEU B 134 -3.38 -16.21 9.59
CA LEU B 134 -3.63 -15.31 10.72
C LEU B 134 -2.58 -14.19 10.78
N THR B 135 -3.04 -12.97 10.96
CA THR B 135 -2.17 -11.89 11.34
C THR B 135 -2.42 -11.69 12.82
N LEU B 136 -1.42 -11.95 13.63
CA LEU B 136 -1.52 -11.89 15.07
C LEU B 136 -0.69 -10.74 15.61
N SER B 137 -1.17 -10.11 16.68
CA SER B 137 -0.48 -8.97 17.25
C SER B 137 0.65 -9.47 18.13
N CYS B 138 1.79 -8.79 18.07
CA CYS B 138 2.97 -9.13 18.86
C CYS B 138 3.61 -7.84 19.36
N PRO B 139 3.18 -7.34 20.53
CA PRO B 139 3.79 -6.17 21.15
C PRO B 139 5.27 -6.41 21.42
N MET B 140 6.12 -5.51 20.92
CA MET B 140 7.56 -5.70 20.99
C MET B 140 8.21 -4.76 21.97
N ASP B 141 9.24 -5.26 22.65
CA ASP B 141 10.11 -4.42 23.48
C ASP B 141 11.41 -4.20 22.72
N LEU B 142 11.66 -2.97 22.28
CA LEU B 142 12.81 -2.68 21.44
C LEU B 142 14.00 -2.06 22.15
N LYS B 143 14.04 -2.11 23.48
CA LYS B 143 15.13 -1.47 24.27
C LYS B 143 16.51 -1.91 23.77
N ASN B 144 16.67 -3.20 23.49
CA ASN B 144 17.95 -3.75 23.02
C ASN B 144 18.09 -3.86 21.50
N PHE B 145 17.14 -3.33 20.74
CA PHE B 145 17.21 -3.41 19.28
C PHE B 145 18.54 -2.82 18.81
N PRO B 146 19.25 -3.49 17.90
CA PRO B 146 18.78 -4.68 17.19
C PRO B 146 19.37 -5.98 17.73
N MET B 147 19.73 -6.00 19.01
CA MET B 147 20.17 -7.23 19.68
C MET B 147 19.06 -7.74 20.58
N ASP B 148 17.84 -7.63 20.07
CA ASP B 148 16.65 -7.92 20.86
C ASP B 148 16.14 -9.32 20.57
N VAL B 149 15.40 -9.84 21.53
CA VAL B 149 14.68 -11.10 21.34
C VAL B 149 13.24 -10.79 21.66
N GLN B 150 12.32 -11.25 20.82
CA GLN B 150 10.91 -10.97 21.00
C GLN B 150 10.16 -12.24 21.32
N THR B 151 9.04 -12.09 22.02
CA THR B 151 8.14 -13.20 22.30
C THR B 151 6.79 -12.92 21.67
N CYS B 152 6.42 -13.72 20.70
CA CYS B 152 5.15 -13.56 20.02
C CYS B 152 4.23 -14.69 20.42
N ILE B 153 2.99 -14.35 20.73
CA ILE B 153 2.05 -15.32 21.25
C ILE B 153 0.91 -15.58 20.28
N MET B 154 0.24 -16.71 20.50
CA MET B 154 -0.98 -17.06 19.79
C MET B 154 -1.96 -17.57 20.83
N GLN B 155 -3.08 -16.89 20.99
CA GLN B 155 -4.12 -17.29 21.97
C GLN B 155 -5.34 -17.94 21.32
N LEU B 156 -5.69 -19.14 21.78
CA LEU B 156 -6.85 -19.85 21.28
C LEU B 156 -7.92 -19.85 22.34
N GLU B 157 -9.06 -19.24 22.06
CA GLU B 157 -10.08 -18.95 23.07
C GLU B 157 -11.48 -19.37 22.57
N SER B 158 -12.40 -19.66 23.50
CA SER B 158 -13.81 -19.82 23.16
C SER B 158 -14.49 -18.48 23.27
N PHE B 159 -15.31 -18.13 22.27
CA PHE B 159 -16.00 -16.84 22.31
C PHE B 159 -17.27 -16.89 23.13
N GLY B 160 -18.02 -17.98 23.02
CA GLY B 160 -19.39 -18.04 23.55
C GLY B 160 -19.66 -19.07 24.64
N TYR B 161 -18.77 -20.04 24.81
CA TYR B 161 -18.92 -21.09 25.82
C TYR B 161 -18.06 -20.77 27.03
N THR B 162 -18.68 -20.78 28.20
CA THR B 162 -17.96 -20.62 29.45
C THR B 162 -17.29 -21.94 29.86
N MET B 163 -16.42 -21.88 30.87
CA MET B 163 -15.61 -23.04 31.30
C MET B 163 -16.43 -24.22 31.79
N ASN B 164 -17.68 -23.98 32.18
CA ASN B 164 -18.54 -25.08 32.58
C ASN B 164 -19.12 -25.85 31.41
N ASP B 165 -19.05 -25.27 30.20
CA ASP B 165 -19.53 -25.93 28.99
C ASP B 165 -18.41 -26.39 28.04
N LEU B 166 -17.27 -25.69 28.04
CA LEU B 166 -16.20 -25.97 27.07
C LEU B 166 -14.81 -25.62 27.59
N ILE B 167 -13.86 -26.53 27.35
CA ILE B 167 -12.48 -26.37 27.82
C ILE B 167 -11.46 -26.78 26.76
N PHE B 168 -10.50 -25.89 26.47
CA PHE B 168 -9.43 -26.17 25.54
C PHE B 168 -8.19 -26.59 26.30
N GLU B 169 -7.41 -27.44 25.65
CA GLU B 169 -6.20 -28.00 26.21
C GLU B 169 -5.27 -28.31 25.04
N TRP B 170 -3.99 -28.02 25.18
CA TRP B 170 -3.01 -28.49 24.21
C TRP B 170 -2.90 -30.00 24.33
N GLN B 171 -2.76 -30.65 23.18
CA GLN B 171 -2.39 -32.06 23.08
C GLN B 171 -1.10 -32.38 23.86
N ASP B 172 -1.00 -33.59 24.41
CA ASP B 172 0.17 -34.01 25.17
C ASP B 172 1.40 -34.18 24.27
N GLU B 173 1.26 -34.98 23.22
CA GLU B 173 2.37 -35.26 22.29
C GLU B 173 2.43 -34.23 21.15
N ALA B 174 3.55 -33.50 21.08
CA ALA B 174 3.89 -32.58 19.99
C ALA B 174 2.71 -31.68 19.55
N PRO B 175 2.30 -30.77 20.43
CA PRO B 175 1.16 -29.89 20.15
C PRO B 175 1.41 -28.85 19.07
N VAL B 176 2.66 -28.51 18.83
CA VAL B 176 3.03 -27.50 17.85
C VAL B 176 4.12 -28.08 16.96
N GLN B 177 3.79 -28.40 15.72
CA GLN B 177 4.77 -28.89 14.76
C GLN B 177 5.10 -27.74 13.81
N VAL B 178 6.31 -27.71 13.31
CA VAL B 178 6.76 -26.68 12.39
C VAL B 178 7.26 -27.37 11.14
N ALA B 179 6.89 -26.86 9.97
CA ALA B 179 7.30 -27.48 8.71
C ALA B 179 8.84 -27.54 8.62
N GLU B 180 9.35 -28.64 8.06
CA GLU B 180 10.78 -28.84 7.94
C GLU B 180 11.42 -27.76 7.06
N GLY B 181 12.54 -27.22 7.53
CA GLY B 181 13.31 -26.25 6.75
C GLY B 181 12.74 -24.85 6.71
N LEU B 182 11.77 -24.57 7.58
CA LEU B 182 11.20 -23.24 7.66
C LEU B 182 12.21 -22.29 8.29
N THR B 183 12.54 -21.21 7.59
CA THR B 183 13.44 -20.18 8.12
C THR B 183 12.85 -18.79 7.93
N LEU B 184 13.38 -17.84 8.69
CA LEU B 184 12.97 -16.44 8.62
C LEU B 184 14.22 -15.62 8.31
N PRO B 185 14.12 -14.64 7.39
CA PRO B 185 15.33 -13.86 7.02
C PRO B 185 15.98 -13.08 8.16
N GLN B 186 15.15 -12.46 9.01
CA GLN B 186 15.62 -11.57 10.08
C GLN B 186 15.76 -12.24 11.46
N PHE B 187 15.10 -13.39 11.65
CA PHE B 187 15.05 -13.99 12.98
C PHE B 187 15.40 -15.47 12.99
N LEU B 188 15.78 -15.95 14.16
CA LEU B 188 15.82 -17.37 14.44
C LEU B 188 14.63 -17.71 15.32
N LEU B 189 13.82 -18.67 14.85
CA LEU B 189 12.71 -19.17 15.65
C LEU B 189 13.26 -20.28 16.51
N LYS B 190 13.21 -20.10 17.83
CA LYS B 190 13.77 -21.10 18.75
C LYS B 190 12.89 -22.35 18.77
N GLU B 191 13.54 -23.48 19.02
CA GLU B 191 12.88 -24.78 19.03
C GLU B 191 11.90 -24.89 20.20
N GLU B 192 12.26 -24.30 21.35
CA GLU B 192 11.41 -24.36 22.53
C GLU B 192 10.27 -23.34 22.46
N LYS B 193 9.04 -23.84 22.55
CA LYS B 193 7.83 -23.02 22.61
C LYS B 193 7.13 -23.19 23.96
N ASP B 194 6.78 -22.09 24.63
CA ASP B 194 6.10 -22.17 25.92
C ASP B 194 4.62 -22.38 25.69
N LEU B 195 4.02 -23.31 26.42
CA LEU B 195 2.59 -23.50 26.43
C LEU B 195 2.03 -22.98 27.76
N ARG B 196 0.96 -22.20 27.71
CA ARG B 196 0.40 -21.58 28.89
C ARG B 196 -1.12 -21.49 28.82
N TYR B 197 -1.76 -21.26 29.97
CA TYR B 197 -3.16 -20.85 30.01
C TYR B 197 -3.28 -19.34 30.09
N CYS B 198 -4.30 -18.82 29.41
CA CYS B 198 -4.60 -17.41 29.40
C CYS B 198 -6.07 -17.25 29.75
N THR B 199 -6.58 -18.08 30.67
CA THR B 199 -8.01 -18.07 31.03
C THR B 199 -8.54 -16.65 31.20
N LYS B 200 -9.64 -16.35 30.53
CA LYS B 200 -10.15 -15.00 30.45
C LYS B 200 -11.34 -14.81 31.38
N HIS B 201 -11.36 -13.70 32.09
CA HIS B 201 -12.50 -13.35 32.94
C HIS B 201 -13.08 -12.00 32.50
N TYR B 202 -14.20 -12.05 31.78
CA TYR B 202 -14.86 -10.83 31.31
C TYR B 202 -16.11 -10.61 32.14
N ASN B 203 -16.79 -9.48 31.95
CA ASN B 203 -18.09 -9.25 32.59
C ASN B 203 -19.19 -10.18 32.08
N THR B 204 -18.88 -10.98 31.05
CA THR B 204 -19.81 -11.95 30.49
C THR B 204 -19.56 -13.36 31.01
N GLY B 205 -18.49 -13.55 31.78
CA GLY B 205 -18.14 -14.85 32.32
C GLY B 205 -16.68 -15.23 32.15
N LYS B 206 -16.42 -16.52 32.34
CA LYS B 206 -15.07 -17.07 32.42
C LYS B 206 -14.87 -18.00 31.24
N PHE B 207 -13.81 -17.75 30.45
CA PHE B 207 -13.66 -18.41 29.15
C PHE B 207 -12.30 -19.07 28.97
N THR B 208 -12.33 -20.31 28.50
CA THR B 208 -11.13 -21.11 28.25
C THR B 208 -10.24 -20.43 27.22
N CYS B 209 -8.94 -20.51 27.44
CA CYS B 209 -7.96 -19.84 26.59
C CYS B 209 -6.61 -20.49 26.82
N ILE B 210 -6.00 -20.98 25.74
CA ILE B 210 -4.67 -21.54 25.80
C ILE B 210 -3.80 -20.76 24.85
N GLU B 211 -2.50 -20.82 25.09
CA GLU B 211 -1.56 -19.90 24.52
C GLU B 211 -0.30 -20.66 24.13
N VAL B 212 0.29 -20.30 23.01
CA VAL B 212 1.64 -20.75 22.69
C VAL B 212 2.50 -19.53 22.50
N ARG B 213 3.73 -19.58 23.01
CA ARG B 213 4.67 -18.47 22.87
C ARG B 213 5.87 -18.89 22.03
N PHE B 214 6.19 -18.09 21.04
CA PHE B 214 7.35 -18.31 20.20
C PHE B 214 8.43 -17.32 20.57
N HIS B 215 9.67 -17.77 20.57
CA HIS B 215 10.81 -16.90 20.83
C HIS B 215 11.58 -16.65 19.55
N LEU B 216 11.74 -15.38 19.23
CA LEU B 216 12.39 -14.95 17.99
C LEU B 216 13.64 -14.13 18.33
N GLU B 217 14.79 -14.62 17.90
CA GLU B 217 16.05 -13.94 18.15
C GLU B 217 16.48 -13.22 16.88
N ARG B 218 16.65 -11.91 16.96
CA ARG B 218 17.01 -11.12 15.79
C ARG B 218 18.45 -11.38 15.38
N GLN B 219 18.66 -11.58 14.07
CA GLN B 219 19.98 -11.82 13.52
C GLN B 219 20.71 -10.51 13.32
N MET B 220 21.99 -10.50 13.68
CA MET B 220 22.80 -9.30 13.81
C MET B 220 23.39 -8.81 12.49
N GLY B 221 23.71 -9.75 11.59
CA GLY B 221 24.43 -9.47 10.36
C GLY B 221 23.98 -8.29 9.55
N TYR B 222 22.69 -8.19 9.27
CA TYR B 222 22.16 -7.08 8.50
C TYR B 222 22.54 -5.72 9.11
N TYR B 223 22.54 -5.63 10.45
CA TYR B 223 22.77 -4.36 11.12
C TYR B 223 24.26 -3.98 11.17
N LEU B 224 25.13 -4.97 11.11
CA LEU B 224 26.55 -4.71 10.94
C LEU B 224 26.79 -4.06 9.59
N ILE B 225 26.19 -4.63 8.54
CA ILE B 225 26.41 -4.15 7.17
C ILE B 225 25.78 -2.79 6.92
N GLN B 226 24.58 -2.59 7.47
CA GLN B 226 23.72 -1.47 7.10
C GLN B 226 23.95 -0.24 7.99
N MET B 227 24.43 -0.48 9.20
CA MET B 227 24.28 0.50 10.27
C MET B 227 25.55 0.69 11.09
N TYR B 228 26.08 -0.39 11.67
CA TYR B 228 27.23 -0.30 12.57
C TYR B 228 28.53 0.00 11.84
N ILE B 229 28.82 -0.76 10.79
CA ILE B 229 30.06 -0.58 10.03
C ILE B 229 30.09 0.76 9.28
N PRO B 230 29.01 1.10 8.54
CA PRO B 230 29.00 2.42 7.93
C PRO B 230 29.22 3.58 8.91
N SER B 231 28.61 3.52 10.09
CA SER B 231 28.81 4.56 11.11
C SER B 231 30.23 4.55 11.67
N LEU B 232 30.81 3.36 11.79
CA LEU B 232 32.21 3.18 12.19
C LEU B 232 33.17 3.92 11.24
N LEU B 233 32.89 3.78 9.95
CA LEU B 233 33.72 4.41 8.93
C LEU B 233 33.60 5.94 8.94
N ILE B 234 32.44 6.47 9.29
CA ILE B 234 32.28 7.91 9.40
C ILE B 234 33.10 8.44 10.57
N VAL B 235 33.17 7.67 11.66
CA VAL B 235 33.97 8.07 12.82
C VAL B 235 35.45 8.08 12.45
N ILE B 236 35.91 7.03 11.78
CA ILE B 236 37.30 6.93 11.34
C ILE B 236 37.63 8.08 10.36
N LEU B 237 36.68 8.40 9.48
CA LEU B 237 36.82 9.51 8.55
C LEU B 237 37.13 10.80 9.31
N SER B 238 36.40 11.04 10.38
CA SER B 238 36.58 12.26 11.15
C SER B 238 37.99 12.38 11.73
N TRP B 239 38.64 11.24 11.99
CA TRP B 239 39.98 11.23 12.57
C TRP B 239 41.10 11.64 11.59
N VAL B 240 40.88 11.51 10.28
CA VAL B 240 41.94 11.87 9.32
C VAL B 240 42.26 13.35 9.45
N SER B 241 41.27 14.14 9.87
CA SER B 241 41.45 15.55 10.22
C SER B 241 42.70 15.80 11.07
N PHE B 242 42.94 14.93 12.06
CA PHE B 242 44.07 15.12 13.00
C PHE B 242 45.44 15.02 12.32
N TRP B 243 45.52 14.38 11.15
CA TRP B 243 46.76 14.29 10.38
C TRP B 243 46.88 15.35 9.28
N ILE B 244 45.83 16.16 9.10
CA ILE B 244 45.83 17.24 8.10
C ILE B 244 46.43 18.50 8.72
N ASN B 245 47.09 19.28 7.88
CA ASN B 245 47.72 20.52 8.31
C ASN B 245 46.75 21.48 8.98
N MET B 246 47.12 22.01 10.14
CA MET B 246 46.29 22.98 10.87
C MET B 246 46.02 24.28 10.08
N ASP B 247 46.83 24.57 9.07
CA ASP B 247 46.62 25.71 8.19
C ASP B 247 45.45 25.51 7.22
N ALA B 248 45.13 24.26 6.91
CA ALA B 248 44.05 23.93 5.96
C ALA B 248 42.69 23.95 6.65
N ALA B 249 42.24 25.15 6.99
CA ALA B 249 40.98 25.31 7.72
C ALA B 249 39.77 24.76 6.97
N PRO B 250 39.62 25.11 5.67
CA PRO B 250 38.43 24.60 4.95
C PRO B 250 38.41 23.08 4.78
N ALA B 251 39.58 22.44 4.72
CA ALA B 251 39.68 21.00 4.63
C ALA B 251 39.21 20.33 5.91
N ARG B 252 39.78 20.78 7.04
CA ARG B 252 39.46 20.19 8.33
C ARG B 252 38.04 20.52 8.80
N VAL B 253 37.53 21.69 8.42
CA VAL B 253 36.15 22.05 8.75
C VAL B 253 35.16 21.27 7.88
N ALA B 254 35.51 21.06 6.60
CA ALA B 254 34.70 20.22 5.72
C ALA B 254 34.59 18.80 6.27
N LEU B 255 35.70 18.25 6.75
CA LEU B 255 35.71 16.94 7.40
C LEU B 255 34.77 16.88 8.59
N GLY B 256 34.78 17.93 9.41
CA GLY B 256 33.91 18.02 10.57
C GLY B 256 32.43 18.14 10.22
N ILE B 257 32.13 19.03 9.28
CA ILE B 257 30.75 19.26 8.88
C ILE B 257 30.15 17.97 8.34
N THR B 258 30.80 17.39 7.34
CA THR B 258 30.22 16.28 6.59
C THR B 258 30.05 15.02 7.44
N THR B 259 31.00 14.76 8.34
CA THR B 259 30.87 13.63 9.26
C THR B 259 29.73 13.86 10.27
N VAL B 260 29.61 15.08 10.79
CA VAL B 260 28.51 15.41 11.69
C VAL B 260 27.15 15.27 11.00
N LEU B 261 27.02 15.83 9.80
CA LEU B 261 25.77 15.78 9.06
C LEU B 261 25.41 14.37 8.62
N THR B 262 26.39 13.63 8.13
CA THR B 262 26.16 12.25 7.74
C THR B 262 25.72 11.42 8.94
N MET B 263 26.30 11.73 10.10
CA MET B 263 25.98 11.03 11.32
C MET B 263 24.54 11.31 11.80
N THR B 264 24.01 12.50 11.55
CA THR B 264 22.60 12.80 11.89
C THR B 264 21.59 12.05 10.99
N THR B 265 21.88 11.98 9.68
CA THR B 265 21.03 11.22 8.75
C THR B 265 21.16 9.71 9.02
N GLN B 266 22.37 9.27 9.30
CA GLN B 266 22.63 7.91 9.73
C GLN B 266 21.77 7.56 10.95
N SER B 267 21.67 8.51 11.88
CA SER B 267 20.90 8.31 13.10
C SER B 267 19.40 8.23 12.84
N SER B 268 18.85 9.14 12.05
CA SER B 268 17.41 9.05 11.71
C SER B 268 17.10 7.82 10.84
N GLY B 269 18.01 7.47 9.94
CA GLY B 269 17.90 6.27 9.12
C GLY B 269 17.86 4.97 9.90
N SER B 270 18.49 4.95 11.08
CA SER B 270 18.50 3.77 11.94
C SER B 270 17.15 3.47 12.60
N ARG B 271 16.24 4.43 12.56
CA ARG B 271 14.90 4.30 13.13
C ARG B 271 13.78 4.26 12.08
N ALA B 272 14.14 4.44 10.81
CA ALA B 272 13.15 4.65 9.76
C ALA B 272 12.15 3.51 9.62
N SER B 273 12.59 2.29 9.94
CA SER B 273 11.77 1.08 9.78
C SER B 273 11.09 0.63 11.09
N LEU B 274 11.00 1.52 12.07
CA LEU B 274 10.56 1.16 13.41
C LEU B 274 9.38 2.00 13.84
N PRO B 275 8.59 1.48 14.80
CA PRO B 275 7.54 2.33 15.34
C PRO B 275 8.14 3.46 16.15
N LYS B 276 7.39 4.55 16.27
CA LYS B 276 7.90 5.77 16.88
C LYS B 276 7.81 5.72 18.40
N VAL B 277 8.57 4.80 18.97
CA VAL B 277 8.64 4.63 20.42
C VAL B 277 9.43 5.75 21.08
N SER B 278 9.09 6.01 22.34
CA SER B 278 9.66 7.12 23.08
C SER B 278 10.75 6.72 24.08
N TYR B 279 11.24 5.50 24.00
CA TYR B 279 12.39 5.09 24.82
C TYR B 279 13.66 4.94 23.98
N VAL B 280 14.80 4.94 24.65
CA VAL B 280 16.10 4.83 24.02
C VAL B 280 16.40 3.37 23.71
N LYS B 281 16.85 3.09 22.49
CA LYS B 281 17.19 1.74 22.06
C LYS B 281 18.70 1.59 22.03
N ALA B 282 19.19 0.37 21.86
CA ALA B 282 20.64 0.13 21.82
C ALA B 282 21.30 0.80 20.61
N ILE B 283 20.65 0.76 19.46
CA ILE B 283 21.13 1.44 18.28
C ILE B 283 21.17 2.96 18.47
N ASP B 284 20.25 3.53 19.27
CA ASP B 284 20.26 4.97 19.55
C ASP B 284 21.51 5.37 20.35
N ILE B 285 21.85 4.58 21.35
CA ILE B 285 23.02 4.84 22.18
C ILE B 285 24.25 4.91 21.29
N TRP B 286 24.38 3.91 20.43
CA TRP B 286 25.51 3.82 19.49
C TRP B 286 25.59 5.02 18.56
N MET B 287 24.48 5.37 17.93
CA MET B 287 24.45 6.51 17.03
C MET B 287 24.75 7.82 17.76
N ALA B 288 24.26 7.95 18.99
CA ALA B 288 24.49 9.15 19.78
C ALA B 288 25.98 9.32 20.13
N VAL B 289 26.61 8.23 20.55
CA VAL B 289 28.01 8.27 20.91
C VAL B 289 28.87 8.51 19.67
N CYS B 290 28.56 7.83 18.57
CA CYS B 290 29.22 8.11 17.30
C CYS B 290 29.09 9.58 16.89
N LEU B 291 27.91 10.14 17.08
CA LEU B 291 27.68 11.56 16.79
C LEU B 291 28.53 12.46 17.70
N LEU B 292 28.61 12.12 18.99
CA LEU B 292 29.45 12.83 19.94
C LEU B 292 30.93 12.86 19.54
N PHE B 293 31.45 11.69 19.17
CA PHE B 293 32.86 11.54 18.77
C PHE B 293 33.19 12.40 17.54
N VAL B 294 32.26 12.41 16.61
CA VAL B 294 32.45 13.11 15.35
C VAL B 294 32.32 14.65 15.55
N PHE B 295 31.43 15.04 16.45
CA PHE B 295 31.25 16.44 16.82
C PHE B 295 32.48 16.92 17.60
N SER B 296 32.98 16.07 18.49
CA SER B 296 34.17 16.37 19.29
C SER B 296 35.42 16.62 18.43
N ALA B 297 35.53 15.88 17.32
CA ALA B 297 36.65 16.05 16.40
C ALA B 297 36.63 17.43 15.75
N LEU B 298 35.43 17.91 15.39
CA LEU B 298 35.27 19.26 14.87
C LEU B 298 35.61 20.30 15.94
N LEU B 299 35.10 20.12 17.15
CA LEU B 299 35.43 21.01 18.27
C LEU B 299 36.93 21.02 18.55
N GLU B 300 37.57 19.86 18.42
CA GLU B 300 39.01 19.79 18.55
C GLU B 300 39.70 20.74 17.56
N TYR B 301 39.25 20.78 16.31
CA TYR B 301 39.85 21.70 15.34
C TYR B 301 39.54 23.16 15.66
N ALA B 302 38.33 23.45 16.12
CA ALA B 302 38.00 24.80 16.54
C ALA B 302 39.02 25.29 17.56
N ALA B 303 39.37 24.41 18.50
CA ALA B 303 40.37 24.72 19.52
C ALA B 303 41.76 24.93 18.90
N VAL B 304 42.13 24.04 17.99
CA VAL B 304 43.43 24.13 17.29
C VAL B 304 43.55 25.44 16.51
N ASN B 305 42.50 25.77 15.76
CA ASN B 305 42.45 27.01 14.99
C ASN B 305 42.47 28.25 15.87
N PHE B 306 41.80 28.16 17.02
CA PHE B 306 41.67 29.28 17.95
C PHE B 306 42.94 29.53 18.76
N VAL B 307 43.55 28.50 19.34
CA VAL B 307 44.74 28.71 20.18
C VAL B 307 45.94 29.15 19.35
N SER B 308 45.93 28.83 18.06
CA SER B 308 47.04 29.18 17.16
C SER B 308 46.83 30.47 16.35
N ARG B 309 45.84 31.30 16.71
CA ARG B 309 45.57 32.58 16.01
C ARG B 309 46.83 33.42 15.87
N ALA B 310 47.45 33.78 17.00
CA ALA B 310 48.73 34.48 17.00
C ALA B 310 49.78 33.48 16.54
N GLY B 311 50.41 33.75 15.39
CA GLY B 311 51.25 32.75 14.73
C GLY B 311 52.61 32.53 15.34
N THR B 312 52.68 32.54 16.68
CA THR B 312 53.95 32.48 17.41
C THR B 312 54.27 31.05 17.87
N LYS B 313 55.55 30.71 17.93
CA LYS B 313 56.01 29.34 18.22
C LYS B 313 55.30 28.68 19.42
N VAL B 314 55.19 29.40 20.53
CA VAL B 314 54.60 28.84 21.76
C VAL B 314 53.13 28.40 21.57
N PHE B 315 52.36 29.18 20.81
CA PHE B 315 50.94 28.88 20.56
C PHE B 315 50.73 27.88 19.43
N ILE B 316 51.59 27.93 18.41
CA ILE B 316 51.61 26.90 17.36
C ILE B 316 51.93 25.53 17.98
N ASP B 317 52.89 25.51 18.91
CA ASP B 317 53.26 24.27 19.62
C ASP B 317 52.12 23.73 20.49
N ARG B 318 51.38 24.61 21.14
CA ARG B 318 50.23 24.22 21.97
C ARG B 318 49.13 23.58 21.09
N ALA B 319 48.85 24.20 19.94
CA ALA B 319 47.92 23.66 18.96
C ALA B 319 48.39 22.32 18.40
N LYS B 320 49.69 22.19 18.11
CA LYS B 320 50.26 20.95 17.60
C LYS B 320 50.16 19.82 18.64
N LYS B 321 50.25 20.16 19.93
CA LYS B 321 50.15 19.17 21.01
C LYS B 321 48.71 18.63 21.10
N ILE B 322 47.74 19.51 20.90
CA ILE B 322 46.33 19.11 20.87
C ILE B 322 46.10 18.06 19.78
N ASP B 323 46.67 18.28 18.60
CA ASP B 323 46.57 17.32 17.50
C ASP B 323 47.24 15.98 17.82
N THR B 324 48.46 16.00 18.37
CA THR B 324 49.19 14.75 18.60
C THR B 324 48.54 13.91 19.69
N ILE B 325 47.93 14.54 20.68
CA ILE B 325 47.15 13.83 21.69
C ILE B 325 45.88 13.23 21.08
N SER B 326 45.18 14.02 20.26
CA SER B 326 43.95 13.59 19.60
C SER B 326 44.13 12.36 18.72
N ARG B 327 45.27 12.27 18.04
CA ARG B 327 45.58 11.09 17.22
C ARG B 327 45.60 9.79 18.02
N ALA B 328 45.98 9.87 19.30
CA ALA B 328 46.00 8.71 20.18
C ALA B 328 44.66 8.55 20.92
N CYS B 329 44.15 9.65 21.48
CA CYS B 329 43.04 9.57 22.43
C CYS B 329 41.67 9.27 21.83
N PHE B 330 41.37 9.82 20.66
CA PHE B 330 40.08 9.57 20.00
C PHE B 330 39.93 8.09 19.64
N PRO B 331 40.91 7.50 18.93
CA PRO B 331 40.81 6.06 18.67
C PRO B 331 40.81 5.21 19.93
N LEU B 332 41.58 5.62 20.93
CA LEU B 332 41.65 4.88 22.19
C LEU B 332 40.32 4.95 22.96
N ALA B 333 39.73 6.14 23.05
CA ALA B 333 38.47 6.32 23.75
C ALA B 333 37.32 5.61 23.02
N PHE B 334 37.40 5.59 21.70
CA PHE B 334 36.40 4.91 20.90
C PHE B 334 36.48 3.39 21.05
N LEU B 335 37.70 2.87 21.17
CA LEU B 335 37.91 1.45 21.43
C LEU B 335 37.34 1.07 22.79
N ILE B 336 37.60 1.90 23.80
CA ILE B 336 37.09 1.68 25.15
C ILE B 336 35.56 1.63 25.15
N PHE B 337 34.93 2.60 24.48
CA PHE B 337 33.47 2.61 24.36
C PHE B 337 32.93 1.34 23.70
N ASN B 338 33.54 0.93 22.61
CA ASN B 338 33.23 -0.34 21.95
C ASN B 338 33.30 -1.54 22.86
N ILE B 339 34.36 -1.64 23.68
CA ILE B 339 34.47 -2.74 24.63
C ILE B 339 33.20 -2.75 25.50
N PHE B 340 32.92 -1.62 26.15
CA PHE B 340 31.75 -1.51 27.03
C PHE B 340 30.43 -1.83 26.32
N TYR B 341 30.21 -1.24 25.15
CA TYR B 341 28.97 -1.41 24.42
C TYR B 341 28.68 -2.89 24.09
N TRP B 342 29.61 -3.53 23.40
CA TRP B 342 29.40 -4.92 22.97
C TRP B 342 29.34 -5.90 24.14
N VAL B 343 30.17 -5.69 25.15
CA VAL B 343 30.14 -6.54 26.33
C VAL B 343 28.79 -6.44 27.05
N ILE B 344 28.26 -5.23 27.20
CA ILE B 344 26.98 -5.03 27.88
C ILE B 344 25.83 -5.75 27.17
N TYR B 345 25.66 -5.51 25.87
CA TYR B 345 24.52 -6.06 25.13
C TYR B 345 24.72 -7.53 24.74
N LYS B 346 25.91 -7.89 24.31
CA LYS B 346 26.22 -9.31 24.04
C LYS B 346 26.70 -10.06 25.30
N ILE B 347 26.06 -9.77 26.45
CA ILE B 347 26.11 -10.61 27.66
C ILE B 347 24.79 -10.39 28.44
N LEU B 348 24.65 -9.22 29.07
CA LEU B 348 23.38 -8.82 29.71
C LEU B 348 22.46 -8.09 28.73
N MET C 8 -38.16 -30.88 28.82
CA MET C 8 -38.39 -30.53 27.38
C MET C 8 -37.05 -30.45 26.64
N SER C 9 -36.98 -31.15 25.50
CA SER C 9 -35.72 -31.18 24.74
C SER C 9 -35.41 -29.78 24.21
N PRO C 10 -34.12 -29.43 24.16
CA PRO C 10 -33.74 -28.13 23.63
C PRO C 10 -34.30 -27.86 22.24
N SER C 11 -34.31 -28.88 21.37
CA SER C 11 -34.82 -28.72 20.01
C SER C 11 -36.26 -28.23 20.02
N ASP C 12 -37.10 -28.90 20.80
CA ASP C 12 -38.51 -28.52 20.90
C ASP C 12 -38.65 -27.13 21.52
N PHE C 13 -37.84 -26.84 22.52
CA PHE C 13 -37.89 -25.55 23.21
C PHE C 13 -37.58 -24.41 22.25
N LEU C 14 -36.49 -24.54 21.50
CA LEU C 14 -36.14 -23.51 20.52
C LEU C 14 -37.19 -23.39 19.42
N ASP C 15 -37.82 -24.50 19.07
CA ASP C 15 -38.92 -24.50 18.13
C ASP C 15 -40.10 -23.69 18.67
N LYS C 16 -40.47 -23.90 19.93
CA LYS C 16 -41.61 -23.21 20.54
C LYS C 16 -41.30 -21.74 20.90
N LEU C 17 -40.02 -21.42 21.09
CA LEU C 17 -39.66 -20.07 21.54
C LEU C 17 -39.47 -19.08 20.37
N MET C 18 -38.76 -19.51 19.34
CA MET C 18 -38.40 -18.63 18.24
C MET C 18 -38.41 -19.30 16.86
N GLY C 19 -38.76 -20.59 16.79
CA GLY C 19 -38.75 -21.33 15.53
C GLY C 19 -40.14 -21.53 14.94
N ARG C 20 -40.27 -22.59 14.14
CA ARG C 20 -41.50 -22.89 13.37
C ARG C 20 -42.81 -22.72 14.14
N THR C 21 -42.91 -23.32 15.32
CA THR C 21 -44.20 -23.32 16.04
C THR C 21 -44.41 -22.13 16.98
N SER C 22 -43.49 -21.16 16.98
CA SER C 22 -43.49 -20.10 17.98
C SER C 22 -44.41 -18.93 17.65
N GLY C 23 -44.57 -18.63 16.36
CA GLY C 23 -45.24 -17.41 15.95
C GLY C 23 -44.37 -16.16 16.09
N TYR C 24 -43.08 -16.34 16.38
CA TYR C 24 -42.18 -15.23 16.60
C TYR C 24 -41.79 -14.60 15.25
N ASP C 25 -41.92 -13.28 15.15
CA ASP C 25 -41.55 -12.55 13.97
C ASP C 25 -40.44 -11.56 14.29
N ALA C 26 -39.22 -11.86 13.83
CA ALA C 26 -38.05 -11.03 14.13
C ALA C 26 -38.11 -9.64 13.52
N ARG C 27 -39.04 -9.43 12.58
CA ARG C 27 -39.26 -8.13 11.98
C ARG C 27 -40.05 -7.17 12.88
N ILE C 28 -40.49 -7.63 14.04
CA ILE C 28 -41.27 -6.83 14.98
C ILE C 28 -40.44 -6.67 16.24
N ARG C 29 -40.32 -5.43 16.69
CA ARG C 29 -39.54 -5.14 17.89
C ARG C 29 -40.31 -5.57 19.15
N PRO C 30 -39.59 -5.78 20.26
CA PRO C 30 -40.24 -5.97 21.55
C PRO C 30 -41.13 -4.77 21.94
N ASN C 31 -42.34 -5.05 22.44
CA ASN C 31 -43.32 -4.03 22.83
C ASN C 31 -43.61 -3.04 21.71
N PHE C 32 -43.95 -3.52 20.52
CA PHE C 32 -43.95 -2.62 19.36
C PHE C 32 -45.02 -1.53 19.42
N LYS C 33 -46.13 -1.81 20.09
CA LYS C 33 -47.15 -0.78 20.32
C LYS C 33 -46.90 0.04 21.58
N GLY C 34 -45.84 -0.30 22.32
CA GLY C 34 -45.52 0.36 23.57
C GLY C 34 -44.34 1.31 23.46
N PRO C 35 -43.71 1.60 24.61
CA PRO C 35 -42.58 2.54 24.60
C PRO C 35 -41.37 1.96 23.88
N PRO C 36 -40.40 2.81 23.56
CA PRO C 36 -39.17 2.41 22.88
C PRO C 36 -38.42 1.30 23.60
N VAL C 37 -37.77 0.43 22.84
CA VAL C 37 -36.87 -0.55 23.41
C VAL C 37 -35.67 0.19 24.02
N GLN C 38 -35.38 -0.12 25.28
CA GLN C 38 -34.22 0.41 25.97
C GLN C 38 -33.07 -0.58 25.80
N VAL C 39 -32.07 -0.19 25.04
CA VAL C 39 -30.87 -1.01 24.87
C VAL C 39 -29.74 -0.44 25.70
N THR C 40 -29.03 -1.31 26.40
CA THR C 40 -27.89 -0.92 27.21
C THR C 40 -26.62 -1.49 26.57
N CYS C 41 -25.58 -0.65 26.44
CA CYS C 41 -24.37 -1.03 25.74
C CYS C 41 -23.16 -0.95 26.62
N ASN C 42 -22.23 -1.89 26.43
CA ASN C 42 -20.89 -1.77 26.95
C ASN C 42 -19.89 -2.35 25.95
N ILE C 43 -18.66 -1.87 25.98
CA ILE C 43 -17.64 -2.39 25.09
C ILE C 43 -16.41 -2.83 25.87
N PHE C 44 -15.76 -3.88 25.37
CA PHE C 44 -14.47 -4.31 25.87
C PHE C 44 -13.49 -4.01 24.75
N ILE C 45 -12.48 -3.22 25.06
CA ILE C 45 -11.47 -2.87 24.06
C ILE C 45 -10.31 -3.85 24.10
N ASN C 46 -10.27 -4.70 23.09
CA ASN C 46 -9.34 -5.79 23.03
C ASN C 46 -8.02 -5.31 22.43
N SER C 47 -8.08 -4.24 21.67
CA SER C 47 -6.92 -3.73 20.95
C SER C 47 -7.24 -2.31 20.40
N PHE C 48 -6.21 -1.47 20.31
CA PHE C 48 -6.37 -0.05 20.05
C PHE C 48 -5.06 0.48 19.45
N GLY C 49 -5.09 0.88 18.19
CA GLY C 49 -3.85 1.25 17.52
C GLY C 49 -4.06 1.84 16.14
N SER C 50 -3.04 1.70 15.29
CA SER C 50 -3.05 2.29 13.95
C SER C 50 -3.58 3.71 13.96
N ILE C 51 -3.11 4.51 14.92
CA ILE C 51 -3.49 5.90 14.99
C ILE C 51 -2.71 6.67 13.94
N ALA C 52 -3.40 7.05 12.87
CA ALA C 52 -2.79 7.67 11.71
C ALA C 52 -3.17 9.15 11.60
N GLU C 53 -2.18 10.03 11.61
CA GLU C 53 -2.41 11.46 11.44
C GLU C 53 -2.79 11.81 10.00
N THR C 54 -2.21 11.09 9.04
CA THR C 54 -2.40 11.38 7.62
C THR C 54 -3.83 11.13 7.18
N THR C 55 -4.31 9.93 7.46
CA THR C 55 -5.68 9.56 7.14
C THR C 55 -6.64 9.95 8.24
N MET C 56 -6.10 10.40 9.36
CA MET C 56 -6.92 11.03 10.40
C MET C 56 -7.93 10.02 10.99
N ASP C 57 -7.43 8.87 11.42
CA ASP C 57 -8.28 7.80 11.92
C ASP C 57 -7.52 6.87 12.87
N TYR C 58 -8.24 5.92 13.47
CA TYR C 58 -7.64 4.92 14.34
C TYR C 58 -8.42 3.60 14.28
N ARG C 59 -7.82 2.55 14.83
CA ARG C 59 -8.39 1.20 14.72
C ARG C 59 -8.59 0.56 16.08
N VAL C 60 -9.72 -0.11 16.26
CA VAL C 60 -9.98 -0.84 17.49
C VAL C 60 -10.51 -2.22 17.18
N ASN C 61 -10.19 -3.16 18.06
CA ASN C 61 -10.84 -4.44 18.09
C ASN C 61 -11.63 -4.46 19.39
N ILE C 62 -12.94 -4.68 19.29
CA ILE C 62 -13.80 -4.64 20.48
C ILE C 62 -14.76 -5.81 20.57
N PHE C 63 -15.23 -6.07 21.77
CA PHE C 63 -16.45 -6.85 21.96
C PHE C 63 -17.53 -5.83 22.25
N LEU C 64 -18.56 -5.80 21.41
CA LEU C 64 -19.71 -4.94 21.62
C LEU C 64 -20.78 -5.75 22.30
N ARG C 65 -21.26 -5.27 23.45
CA ARG C 65 -22.30 -5.94 24.23
C ARG C 65 -23.57 -5.10 24.22
N GLN C 66 -24.68 -5.73 23.86
CA GLN C 66 -25.97 -5.09 23.87
C GLN C 66 -26.93 -5.88 24.73
N LYS C 67 -27.71 -5.17 25.53
CA LYS C 67 -28.67 -5.79 26.43
C LYS C 67 -30.01 -5.15 26.28
N TRP C 68 -31.07 -5.96 26.23
CA TRP C 68 -32.42 -5.43 26.15
C TRP C 68 -33.41 -6.51 26.54
N ASN C 69 -34.66 -6.13 26.76
CA ASN C 69 -35.69 -7.09 27.14
C ASN C 69 -36.66 -7.41 25.99
N ASP C 70 -36.91 -8.71 25.78
CA ASP C 70 -37.85 -9.17 24.79
C ASP C 70 -38.83 -10.14 25.45
N PRO C 71 -40.02 -9.66 25.83
CA PRO C 71 -41.00 -10.49 26.54
C PRO C 71 -41.32 -11.83 25.86
N ARG C 72 -41.25 -11.87 24.54
CA ARG C 72 -41.51 -13.09 23.79
C ARG C 72 -40.48 -14.20 24.09
N LEU C 73 -39.31 -13.83 24.60
CA LEU C 73 -38.25 -14.82 24.89
C LEU C 73 -38.18 -15.25 26.34
N ALA C 74 -39.06 -14.73 27.19
CA ALA C 74 -39.16 -15.22 28.57
C ALA C 74 -39.53 -16.72 28.55
N TYR C 75 -39.00 -17.46 29.52
CA TYR C 75 -39.25 -18.90 29.64
C TYR C 75 -39.45 -19.33 31.09
N SER C 76 -40.20 -20.40 31.27
CA SER C 76 -40.35 -21.06 32.56
C SER C 76 -40.03 -22.57 32.51
N GLU C 77 -39.68 -23.08 31.33
CA GLU C 77 -39.49 -24.51 31.14
C GLU C 77 -38.24 -25.05 31.83
N TYR C 78 -37.30 -24.18 32.17
CA TYR C 78 -36.09 -24.59 32.88
C TYR C 78 -35.84 -23.69 34.09
N PRO C 79 -35.22 -24.24 35.13
CA PRO C 79 -34.95 -23.46 36.34
C PRO C 79 -33.76 -22.52 36.17
N ASP C 80 -32.99 -22.72 35.10
CA ASP C 80 -31.78 -21.96 34.86
C ASP C 80 -32.11 -20.46 34.70
N ASP C 81 -31.40 -19.63 35.44
CA ASP C 81 -31.49 -18.18 35.31
C ASP C 81 -31.28 -17.67 33.87
N SER C 82 -30.34 -18.28 33.17
CA SER C 82 -30.05 -17.94 31.80
C SER C 82 -29.71 -19.16 30.97
N LEU C 83 -29.84 -19.02 29.66
CA LEU C 83 -29.49 -20.05 28.71
C LEU C 83 -28.51 -19.49 27.70
N ASP C 84 -27.40 -20.19 27.50
CA ASP C 84 -26.45 -19.82 26.46
C ASP C 84 -26.87 -20.55 25.20
N LEU C 85 -27.15 -19.78 24.14
CA LEU C 85 -27.68 -20.34 22.91
C LEU C 85 -26.67 -20.30 21.79
N ASP C 86 -26.78 -21.26 20.88
CA ASP C 86 -25.93 -21.26 19.69
C ASP C 86 -26.19 -19.99 18.89
N PRO C 87 -25.13 -19.29 18.47
CA PRO C 87 -25.31 -18.00 17.79
C PRO C 87 -26.03 -18.04 16.44
N SER C 88 -26.21 -19.21 15.86
CA SER C 88 -27.07 -19.33 14.68
C SER C 88 -28.51 -18.90 14.97
N MET C 89 -28.93 -18.94 16.24
CA MET C 89 -30.25 -18.49 16.62
C MET C 89 -30.43 -16.96 16.57
N LEU C 90 -29.33 -16.22 16.44
CA LEU C 90 -29.42 -14.76 16.30
C LEU C 90 -30.22 -14.34 15.07
N ASP C 91 -30.17 -15.13 14.01
CA ASP C 91 -30.92 -14.81 12.80
C ASP C 91 -32.43 -14.93 13.03
N SER C 92 -32.83 -15.69 14.04
CA SER C 92 -34.23 -15.87 14.35
C SER C 92 -34.82 -14.85 15.33
N ILE C 93 -34.01 -14.01 15.97
CA ILE C 93 -34.57 -13.05 16.92
C ILE C 93 -34.43 -11.63 16.44
N TRP C 94 -35.24 -10.74 16.98
CA TRP C 94 -35.09 -9.31 16.73
C TRP C 94 -33.84 -8.86 17.44
N LYS C 95 -33.12 -7.92 16.84
CA LYS C 95 -32.04 -7.26 17.53
C LYS C 95 -31.88 -5.85 17.02
N PRO C 96 -31.24 -4.97 17.82
CA PRO C 96 -31.08 -3.58 17.42
C PRO C 96 -30.18 -3.45 16.22
N ASP C 97 -30.28 -2.31 15.53
CA ASP C 97 -29.56 -2.10 14.27
C ASP C 97 -28.45 -1.08 14.48
N LEU C 98 -27.64 -1.33 15.51
CA LEU C 98 -26.60 -0.41 15.91
C LEU C 98 -25.56 -0.31 14.81
N PHE C 99 -25.16 0.89 14.45
CA PHE C 99 -24.01 1.09 13.56
C PHE C 99 -23.12 2.17 14.13
N PHE C 100 -21.91 2.24 13.63
CA PHE C 100 -20.94 3.23 14.13
C PHE C 100 -20.87 4.38 13.16
N ALA C 101 -21.32 5.53 13.63
CA ALA C 101 -21.54 6.66 12.73
C ALA C 101 -20.26 7.21 12.14
N ASN C 102 -19.15 7.11 12.87
CA ASN C 102 -17.89 7.63 12.41
C ASN C 102 -16.96 6.52 11.97
N GLU C 103 -17.54 5.41 11.56
CA GLU C 103 -16.77 4.27 11.05
C GLU C 103 -16.46 4.44 9.57
N LYS C 104 -15.18 4.26 9.21
CA LYS C 104 -14.72 4.24 7.81
C LYS C 104 -14.56 2.83 7.30
N GLY C 105 -14.29 1.88 8.18
CA GLY C 105 -14.21 0.46 7.85
C GLY C 105 -14.60 -0.37 9.05
N ALA C 106 -15.24 -1.50 8.81
CA ALA C 106 -15.73 -2.35 9.87
C ALA C 106 -15.91 -3.76 9.36
N ASN C 107 -15.52 -4.75 10.15
CA ASN C 107 -15.79 -6.13 9.78
C ASN C 107 -16.10 -6.99 10.99
N PHE C 108 -16.84 -8.05 10.72
CA PHE C 108 -17.09 -9.10 11.68
C PHE C 108 -15.90 -10.03 11.68
N HIS C 109 -15.91 -10.99 12.60
CA HIS C 109 -14.87 -12.00 12.70
C HIS C 109 -15.54 -13.35 12.64
N GLU C 110 -15.09 -14.17 11.69
CA GLU C 110 -15.76 -15.43 11.38
C GLU C 110 -14.87 -16.65 11.51
N VAL C 111 -13.64 -16.46 11.99
CA VAL C 111 -12.71 -17.57 12.20
C VAL C 111 -12.64 -17.91 13.70
N THR C 112 -12.77 -19.18 14.09
CA THR C 112 -13.09 -20.31 13.23
C THR C 112 -14.60 -20.49 13.02
N THR C 113 -15.37 -19.76 13.82
CA THR C 113 -16.82 -19.67 13.65
C THR C 113 -17.18 -18.23 13.98
N ASP C 114 -18.44 -17.86 13.85
CA ASP C 114 -18.83 -16.48 14.08
C ASP C 114 -18.53 -16.08 15.51
N ASN C 115 -17.77 -14.99 15.68
CA ASN C 115 -17.37 -14.50 16.99
C ASN C 115 -18.57 -13.74 17.56
N LYS C 116 -19.58 -14.48 17.98
CA LYS C 116 -20.82 -13.92 18.52
C LYS C 116 -21.29 -14.75 19.69
N LEU C 117 -22.01 -14.11 20.59
CA LEU C 117 -22.50 -14.74 21.80
C LEU C 117 -23.95 -14.32 22.02
N LEU C 118 -24.79 -15.28 22.38
CA LEU C 118 -26.20 -15.01 22.66
C LEU C 118 -26.64 -15.71 23.94
N ARG C 119 -27.14 -14.93 24.90
CA ARG C 119 -27.61 -15.44 26.18
C ARG C 119 -28.97 -14.84 26.47
N ILE C 120 -29.94 -15.68 26.83
CA ILE C 120 -31.26 -15.19 27.21
C ILE C 120 -31.57 -15.58 28.65
N PHE C 121 -32.39 -14.77 29.31
CA PHE C 121 -32.71 -14.95 30.73
C PHE C 121 -34.18 -15.27 30.92
N LYS C 122 -34.52 -15.86 32.08
CA LYS C 122 -35.91 -16.23 32.44
C LYS C 122 -36.93 -15.17 32.07
N ASN C 123 -36.63 -13.92 32.43
CA ASN C 123 -37.54 -12.80 32.20
C ASN C 123 -37.53 -12.25 30.79
N GLY C 124 -36.78 -12.87 29.88
CA GLY C 124 -36.72 -12.41 28.49
C GLY C 124 -35.62 -11.39 28.18
N ASN C 125 -34.79 -11.05 29.16
CA ASN C 125 -33.62 -10.24 28.84
C ASN C 125 -32.75 -10.96 27.85
N VAL C 126 -32.06 -10.20 27.04
CA VAL C 126 -31.10 -10.73 26.09
C VAL C 126 -29.75 -10.07 26.30
N LEU C 127 -28.69 -10.86 26.19
CA LEU C 127 -27.32 -10.35 26.13
C LEU C 127 -26.73 -10.83 24.81
N TYR C 128 -26.22 -9.89 24.03
CA TYR C 128 -25.74 -10.16 22.69
C TYR C 128 -24.37 -9.53 22.58
N SER C 129 -23.35 -10.34 22.36
CA SER C 129 -22.01 -9.82 22.26
C SER C 129 -21.38 -10.23 20.97
N ILE C 130 -20.68 -9.29 20.33
CA ILE C 130 -20.10 -9.53 19.05
C ILE C 130 -18.74 -8.87 18.93
N ARG C 131 -17.81 -9.58 18.32
CA ARG C 131 -16.49 -9.06 18.10
C ARG C 131 -16.38 -8.29 16.77
N LEU C 132 -15.78 -7.10 16.82
CA LEU C 132 -15.70 -6.23 15.67
C LEU C 132 -14.35 -5.55 15.59
N THR C 133 -13.93 -5.30 14.35
CA THR C 133 -12.81 -4.46 14.09
C THR C 133 -13.34 -3.23 13.37
N LEU C 134 -12.93 -2.06 13.86
CA LEU C 134 -13.43 -0.79 13.36
C LEU C 134 -12.28 0.16 13.07
N THR C 135 -12.34 0.79 11.90
CA THR C 135 -11.52 1.95 11.64
C THR C 135 -12.43 3.14 11.77
N LEU C 136 -12.16 3.97 12.78
CA LEU C 136 -13.00 5.11 13.11
C LEU C 136 -12.25 6.41 12.80
N SER C 137 -12.99 7.42 12.37
CA SER C 137 -12.40 8.68 12.00
C SER C 137 -12.16 9.49 13.27
N CYS C 138 -11.01 10.16 13.31
CA CYS C 138 -10.63 10.98 14.44
C CYS C 138 -9.97 12.25 13.89
N PRO C 139 -10.77 13.28 13.60
CA PRO C 139 -10.24 14.59 13.22
C PRO C 139 -9.33 15.15 14.28
N MET C 140 -8.10 15.48 13.91
CA MET C 140 -7.10 15.90 14.87
C MET C 140 -6.80 17.38 14.78
N ASP C 141 -6.52 17.98 15.93
CA ASP C 141 -6.02 19.35 16.00
C ASP C 141 -4.52 19.28 16.29
N LEU C 142 -3.70 19.66 15.33
CA LEU C 142 -2.25 19.52 15.46
C LEU C 142 -1.50 20.80 15.85
N LYS C 143 -2.21 21.84 16.31
CA LYS C 143 -1.58 23.13 16.62
C LYS C 143 -0.38 22.96 17.55
N ASN C 144 -0.52 22.11 18.57
CA ASN C 144 0.55 21.88 19.55
C ASN C 144 1.44 20.67 19.26
N PHE C 145 1.29 20.05 18.10
CA PHE C 145 2.10 18.89 17.76
C PHE C 145 3.58 19.25 17.87
N PRO C 146 4.39 18.40 18.48
CA PRO C 146 4.02 17.08 18.96
C PRO C 146 3.78 17.02 20.46
N MET C 147 3.38 18.14 21.07
CA MET C 147 2.98 18.14 22.48
C MET C 147 1.46 18.20 22.56
N ASP C 148 0.81 17.50 21.65
CA ASP C 148 -0.63 17.58 21.47
C ASP C 148 -1.33 16.46 22.20
N VAL C 149 -2.60 16.71 22.51
CA VAL C 149 -3.45 15.69 23.07
C VAL C 149 -4.66 15.63 22.14
N GLN C 150 -5.06 14.42 21.75
CA GLN C 150 -6.17 14.27 20.82
C GLN C 150 -7.34 13.61 21.51
N THR C 151 -8.53 13.89 21.00
CA THR C 151 -9.75 13.26 21.48
C THR C 151 -10.37 12.48 20.34
N CYS C 152 -10.39 11.17 20.48
CA CYS C 152 -10.97 10.32 19.48
C CYS C 152 -12.27 9.75 20.00
N ILE C 153 -13.30 9.77 19.16
CA ILE C 153 -14.63 9.36 19.57
C ILE C 153 -15.09 8.10 18.87
N MET C 154 -16.10 7.47 19.46
CA MET C 154 -16.77 6.34 18.87
C MET C 154 -18.25 6.58 19.09
N GLN C 155 -19.00 6.68 17.99
CA GLN C 155 -20.44 6.91 18.07
C GLN C 155 -21.27 5.68 17.73
N LEU C 156 -22.16 5.30 18.63
CA LEU C 156 -23.04 4.15 18.43
C LEU C 156 -24.44 4.65 18.19
N GLU C 157 -24.98 4.38 16.99
CA GLU C 157 -26.22 4.99 16.53
C GLU C 157 -27.20 3.94 15.97
N SER C 158 -28.51 4.23 16.00
CA SER C 158 -29.48 3.40 15.27
C SER C 158 -29.66 3.95 13.88
N PHE C 159 -29.65 3.09 12.87
CA PHE C 159 -29.78 3.57 11.52
C PHE C 159 -31.25 3.77 11.12
N GLY C 160 -32.12 2.87 11.56
CA GLY C 160 -33.50 2.83 11.04
C GLY C 160 -34.62 3.08 12.02
N TYR C 161 -34.32 3.00 13.31
CA TYR C 161 -35.32 3.20 14.36
C TYR C 161 -35.20 4.59 14.91
N THR C 162 -36.30 5.33 14.95
CA THR C 162 -36.34 6.63 15.60
C THR C 162 -36.45 6.49 17.12
N MET C 163 -36.29 7.60 17.82
CA MET C 163 -36.25 7.60 19.31
C MET C 163 -37.55 7.11 19.95
N ASN C 164 -38.65 7.15 19.22
CA ASN C 164 -39.90 6.62 19.73
C ASN C 164 -39.99 5.09 19.68
N ASP C 165 -39.11 4.46 18.92
CA ASP C 165 -39.04 2.99 18.83
C ASP C 165 -37.82 2.37 19.49
N LEU C 166 -36.69 3.10 19.53
CA LEU C 166 -35.43 2.54 20.02
C LEU C 166 -34.48 3.58 20.66
N ILE C 167 -33.90 3.23 21.80
CA ILE C 167 -33.04 4.13 22.58
C ILE C 167 -31.81 3.40 23.12
N PHE C 168 -30.64 3.94 22.85
CA PHE C 168 -29.39 3.41 23.37
C PHE C 168 -28.97 4.20 24.59
N GLU C 169 -28.28 3.50 25.49
CA GLU C 169 -27.82 4.05 26.75
C GLU C 169 -26.58 3.28 27.13
N TRP C 170 -25.54 3.96 27.60
CA TRP C 170 -24.43 3.25 28.20
C TRP C 170 -24.89 2.58 29.51
N GLN C 171 -24.38 1.39 29.74
CA GLN C 171 -24.49 0.70 31.02
C GLN C 171 -23.99 1.57 32.18
N ASP C 172 -24.60 1.41 33.35
CA ASP C 172 -24.22 2.20 34.53
C ASP C 172 -22.84 1.82 35.05
N GLU C 173 -22.64 0.53 35.31
CA GLU C 173 -21.35 0.02 35.84
C GLU C 173 -20.37 -0.35 34.71
N ALA C 174 -19.23 0.35 34.69
CA ALA C 174 -18.08 0.06 33.81
C ALA C 174 -18.47 -0.21 32.35
N PRO C 175 -18.99 0.81 31.67
CA PRO C 175 -19.45 0.67 30.30
C PRO C 175 -18.33 0.44 29.28
N VAL C 176 -17.12 0.85 29.61
CA VAL C 176 -15.99 0.70 28.71
C VAL C 176 -14.84 0.06 29.47
N GLN C 177 -14.55 -1.20 29.18
CA GLN C 177 -13.44 -1.90 29.80
C GLN C 177 -12.31 -1.94 28.79
N VAL C 178 -11.07 -1.93 29.28
CA VAL C 178 -9.89 -1.99 28.41
C VAL C 178 -9.06 -3.17 28.85
N ALA C 179 -8.58 -3.97 27.91
CA ALA C 179 -7.78 -5.14 28.24
C ALA C 179 -6.55 -4.75 29.09
N GLU C 180 -6.21 -5.58 30.07
CA GLU C 180 -5.10 -5.31 30.98
C GLU C 180 -3.77 -5.29 30.20
N GLY C 181 -2.96 -4.28 30.48
CA GLY C 181 -1.64 -4.17 29.88
C GLY C 181 -1.63 -3.67 28.45
N LEU C 182 -2.75 -3.14 27.98
CA LEU C 182 -2.81 -2.55 26.64
C LEU C 182 -2.03 -1.24 26.61
N THR C 183 -1.05 -1.13 25.72
CA THR C 183 -0.30 0.12 25.56
C THR C 183 -0.22 0.49 24.09
N LEU C 184 0.10 1.76 23.85
CA LEU C 184 0.29 2.29 22.51
C LEU C 184 1.70 2.88 22.45
N PRO C 185 2.45 2.61 21.36
CA PRO C 185 3.82 3.13 21.27
C PRO C 185 3.96 4.67 21.34
N GLN C 186 3.06 5.39 20.66
CA GLN C 186 3.16 6.84 20.55
C GLN C 186 2.32 7.62 21.56
N PHE C 187 1.32 6.98 22.15
CA PHE C 187 0.36 7.69 23.00
C PHE C 187 0.17 7.04 24.36
N LEU C 188 -0.33 7.83 25.30
CA LEU C 188 -0.91 7.33 26.53
C LEU C 188 -2.41 7.46 26.41
N LEU C 189 -3.11 6.33 26.59
CA LEU C 189 -4.55 6.36 26.63
C LEU C 189 -4.96 6.65 28.06
N LYS C 190 -5.64 7.77 28.29
CA LYS C 190 -6.02 8.17 29.65
C LYS C 190 -7.12 7.27 30.19
N GLU C 191 -7.11 7.08 31.51
CA GLU C 191 -8.06 6.21 32.19
C GLU C 191 -9.49 6.77 32.11
N GLU C 192 -9.63 8.09 32.19
CA GLU C 192 -10.94 8.74 32.12
C GLU C 192 -11.46 8.84 30.69
N LYS C 193 -12.64 8.26 30.45
CA LYS C 193 -13.34 8.34 29.16
C LYS C 193 -14.66 9.09 29.34
N ASP C 194 -14.92 10.08 28.49
CA ASP C 194 -16.18 10.83 28.57
C ASP C 194 -17.28 10.07 27.85
N LEU C 195 -18.45 9.99 28.48
CA LEU C 195 -19.63 9.41 27.86
C LEU C 195 -20.62 10.51 27.57
N ARG C 196 -21.21 10.51 26.38
CA ARG C 196 -22.12 11.55 25.96
C ARG C 196 -23.21 11.05 25.07
N TYR C 197 -24.25 11.87 24.89
CA TYR C 197 -25.22 11.69 23.83
C TYR C 197 -24.85 12.51 22.61
N CYS C 198 -25.10 11.94 21.44
CA CYS C 198 -24.86 12.57 20.15
C CYS C 198 -26.14 12.47 19.33
N THR C 199 -27.29 12.60 19.99
CA THR C 199 -28.58 12.43 19.32
C THR C 199 -28.61 13.12 17.96
N LYS C 200 -29.01 12.38 16.93
CA LYS C 200 -28.94 12.84 15.57
C LYS C 200 -30.29 13.28 15.04
N HIS C 201 -30.30 14.40 14.33
CA HIS C 201 -31.50 14.89 13.66
C HIS C 201 -31.26 14.97 12.16
N TYR C 202 -31.80 14.05 11.40
CA TYR C 202 -31.73 14.08 9.95
C TYR C 202 -33.08 14.44 9.38
N ASN C 203 -33.18 14.64 8.07
CA ASN C 203 -34.48 14.86 7.42
C ASN C 203 -35.39 13.62 7.47
N THR C 204 -34.86 12.51 7.96
CA THR C 204 -35.62 11.27 8.08
C THR C 204 -36.13 11.06 9.50
N GLY C 205 -35.74 11.93 10.42
CA GLY C 205 -36.16 11.83 11.81
C GLY C 205 -35.04 11.99 12.83
N LYS C 206 -35.35 11.56 14.04
CA LYS C 206 -34.49 11.77 15.20
C LYS C 206 -34.01 10.41 15.71
N PHE C 207 -32.70 10.25 15.82
CA PHE C 207 -32.10 8.92 16.04
C PHE C 207 -31.17 8.87 17.24
N THR C 208 -31.34 7.85 18.07
CA THR C 208 -30.53 7.63 19.25
C THR C 208 -29.06 7.44 18.88
N CYS C 209 -28.18 8.00 19.70
CA CYS C 209 -26.75 7.98 19.43
C CYS C 209 -26.04 8.26 20.74
N ILE C 210 -25.14 7.35 21.11
CA ILE C 210 -24.31 7.55 22.28
C ILE C 210 -22.87 7.48 21.84
N GLU C 211 -22.01 8.07 22.65
CA GLU C 211 -20.66 8.42 22.24
C GLU C 211 -19.71 8.15 23.40
N VAL C 212 -18.53 7.63 23.10
CA VAL C 212 -17.47 7.57 24.09
C VAL C 212 -16.30 8.33 23.53
N ARG C 213 -15.62 9.09 24.38
CA ARG C 213 -14.45 9.88 23.96
C ARG C 213 -13.21 9.40 24.68
N PHE C 214 -12.18 9.12 23.90
CA PHE C 214 -10.90 8.70 24.45
C PHE C 214 -9.93 9.85 24.35
N HIS C 215 -9.10 10.01 25.38
CA HIS C 215 -8.08 11.04 25.38
C HIS C 215 -6.70 10.40 25.23
N LEU C 216 -5.98 10.85 24.20
CA LEU C 216 -4.68 10.30 23.84
C LEU C 216 -3.64 11.38 23.96
N GLU C 217 -2.67 11.17 24.85
CA GLU C 217 -1.59 12.13 25.07
C GLU C 217 -0.35 11.63 24.34
N ARG C 218 0.17 12.43 23.43
CA ARG C 218 1.34 12.04 22.65
C ARG C 218 2.60 12.04 23.49
N GLN C 219 3.38 10.98 23.38
CA GLN C 219 4.61 10.84 24.13
C GLN C 219 5.71 11.61 23.44
N MET C 220 6.52 12.30 24.23
CA MET C 220 7.48 13.29 23.76
C MET C 220 8.82 12.69 23.29
N GLY C 221 9.24 11.61 23.94
CA GLY C 221 10.56 11.01 23.74
C GLY C 221 11.02 10.84 22.31
N TYR C 222 10.18 10.25 21.47
CA TYR C 222 10.53 10.08 20.05
C TYR C 222 10.92 11.37 19.37
N TYR C 223 10.25 12.46 19.71
CA TYR C 223 10.49 13.74 19.05
C TYR C 223 11.76 14.45 19.56
N LEU C 224 12.15 14.18 20.79
CA LEU C 224 13.43 14.64 21.29
C LEU C 224 14.54 14.01 20.49
N ILE C 225 14.47 12.69 20.30
CA ILE C 225 15.51 11.93 19.64
C ILE C 225 15.59 12.23 18.14
N GLN C 226 14.44 12.38 17.51
CA GLN C 226 14.34 12.40 16.06
C GLN C 226 14.44 13.82 15.48
N MET C 227 14.08 14.80 16.29
CA MET C 227 13.69 16.11 15.76
C MET C 227 14.32 17.29 16.54
N TYR C 228 14.06 17.35 17.85
CA TYR C 228 14.50 18.47 18.67
C TYR C 228 16.00 18.47 18.91
N ILE C 229 16.54 17.34 19.35
CA ILE C 229 17.97 17.25 19.65
C ILE C 229 18.84 17.35 18.39
N PRO C 230 18.50 16.60 17.31
CA PRO C 230 19.26 16.82 16.08
C PRO C 230 19.28 18.28 15.59
N SER C 231 18.15 18.97 15.67
CA SER C 231 18.08 20.38 15.25
C SER C 231 18.89 21.27 16.20
N LEU C 232 18.90 20.93 17.48
CA LEU C 232 19.71 21.62 18.49
C LEU C 232 21.20 21.55 18.12
N LEU C 233 21.64 20.37 17.70
CA LEU C 233 23.04 20.18 17.34
C LEU C 233 23.44 20.95 16.09
N ILE C 234 22.51 21.12 15.15
CA ILE C 234 22.79 21.90 13.96
C ILE C 234 22.98 23.37 14.33
N VAL C 235 22.21 23.85 15.31
CA VAL C 235 22.33 25.22 15.78
C VAL C 235 23.69 25.42 16.44
N ILE C 236 24.05 24.48 17.32
CA ILE C 236 25.36 24.53 17.99
C ILE C 236 26.51 24.47 16.98
N LEU C 237 26.34 23.65 15.95
CA LEU C 237 27.30 23.53 14.86
C LEU C 237 27.56 24.90 14.23
N SER C 238 26.48 25.65 13.98
CA SER C 238 26.61 26.95 13.36
C SER C 238 27.45 27.93 14.19
N TRP C 239 27.46 27.74 15.52
CA TRP C 239 28.18 28.63 16.43
C TRP C 239 29.69 28.43 16.40
N VAL C 240 30.18 27.26 15.97
CA VAL C 240 31.65 27.04 15.98
C VAL C 240 32.30 28.03 15.02
N SER C 241 31.56 28.46 14.00
CA SER C 241 31.97 29.51 13.08
C SER C 241 32.57 30.72 13.83
N PHE C 242 31.95 31.12 14.93
CA PHE C 242 32.38 32.31 15.68
C PHE C 242 33.78 32.18 16.29
N TRP C 243 34.26 30.95 16.48
CA TRP C 243 35.62 30.70 16.97
C TRP C 243 36.64 30.42 15.85
N ILE C 244 36.18 30.37 14.61
CA ILE C 244 37.06 30.15 13.45
C ILE C 244 37.59 31.48 12.95
N ASN C 245 38.82 31.46 12.44
CA ASN C 245 39.50 32.65 11.93
C ASN C 245 38.68 33.37 10.85
N MET C 246 38.52 34.68 10.99
CA MET C 246 37.78 35.48 10.01
C MET C 246 38.41 35.46 8.60
N ASP C 247 39.68 35.07 8.50
CA ASP C 247 40.36 34.92 7.21
C ASP C 247 39.91 33.68 6.44
N ALA C 248 39.42 32.68 7.17
CA ALA C 248 38.98 31.41 6.57
C ALA C 248 37.55 31.52 6.04
N ALA C 249 37.40 32.28 4.96
CA ALA C 249 36.09 32.53 4.37
C ALA C 249 35.38 31.25 3.94
N PRO C 250 36.07 30.36 3.20
CA PRO C 250 35.36 29.15 2.73
C PRO C 250 34.95 28.20 3.87
N ALA C 251 35.69 28.21 4.96
CA ALA C 251 35.35 27.41 6.13
C ALA C 251 34.07 27.92 6.81
N ARG C 252 34.06 29.22 7.11
CA ARG C 252 32.93 29.83 7.80
C ARG C 252 31.68 29.92 6.92
N VAL C 253 31.85 30.08 5.61
CA VAL C 253 30.73 30.07 4.68
C VAL C 253 30.17 28.65 4.51
N ALA C 254 31.05 27.64 4.46
CA ALA C 254 30.63 26.25 4.43
C ALA C 254 29.78 25.89 5.66
N LEU C 255 30.22 26.35 6.83
CA LEU C 255 29.45 26.16 8.06
C LEU C 255 28.05 26.77 7.97
N GLY C 256 27.96 27.97 7.39
CA GLY C 256 26.69 28.66 7.23
C GLY C 256 25.79 27.96 6.23
N ILE C 257 26.33 27.60 5.07
CA ILE C 257 25.55 26.96 4.02
C ILE C 257 24.94 25.66 4.55
N THR C 258 25.79 24.78 5.05
CA THR C 258 25.39 23.42 5.39
C THR C 258 24.40 23.37 6.56
N THR C 259 24.57 24.26 7.54
CA THR C 259 23.61 24.34 8.65
C THR C 259 22.26 24.89 8.16
N VAL C 260 22.28 25.91 7.31
CA VAL C 260 21.04 26.42 6.72
C VAL C 260 20.31 25.38 5.89
N LEU C 261 21.04 24.70 4.99
CA LEU C 261 20.44 23.67 4.14
C LEU C 261 19.94 22.46 4.94
N THR C 262 20.73 22.01 5.91
CA THR C 262 20.31 20.89 6.75
C THR C 262 19.06 21.27 7.53
N MET C 263 18.98 22.52 7.94
CA MET C 263 17.84 23.02 8.69
C MET C 263 16.56 23.06 7.86
N THR C 264 16.67 23.33 6.55
CA THR C 264 15.50 23.29 5.67
C THR C 264 14.96 21.87 5.44
N THR C 265 15.86 20.90 5.26
CA THR C 265 15.43 19.49 5.11
C THR C 265 14.91 18.95 6.44
N GLN C 266 15.57 19.33 7.53
CA GLN C 266 15.09 19.04 8.89
C GLN C 266 13.66 19.54 9.06
N SER C 267 13.39 20.73 8.56
CA SER C 267 12.07 21.34 8.66
C SER C 267 11.01 20.60 7.83
N SER C 268 11.30 20.27 6.57
CA SER C 268 10.34 19.52 5.75
C SER C 268 10.16 18.08 6.29
N GLY C 269 11.25 17.49 6.79
CA GLY C 269 11.20 16.17 7.42
C GLY C 269 10.34 16.09 8.66
N SER C 270 10.18 17.20 9.37
CA SER C 270 9.36 17.26 10.58
C SER C 270 7.85 17.18 10.29
N ARG C 271 7.48 17.37 9.03
CA ARG C 271 6.09 17.33 8.59
C ARG C 271 5.77 16.12 7.71
N ALA C 272 6.78 15.33 7.36
CA ALA C 272 6.64 14.30 6.33
C ALA C 272 5.57 13.26 6.66
N SER C 273 5.37 13.02 7.95
CA SER C 273 4.43 12.00 8.42
C SER C 273 3.05 12.57 8.81
N LEU C 274 2.73 13.78 8.36
CA LEU C 274 1.54 14.50 8.81
C LEU C 274 0.67 14.91 7.64
N PRO C 275 -0.61 15.18 7.91
CA PRO C 275 -1.46 15.64 6.84
C PRO C 275 -1.08 17.07 6.50
N LYS C 276 -1.39 17.49 5.29
CA LYS C 276 -0.97 18.77 4.77
C LYS C 276 -1.87 19.90 5.24
N VAL C 277 -1.85 20.12 6.54
CA VAL C 277 -2.63 21.20 7.15
C VAL C 277 -2.01 22.55 6.91
N SER C 278 -2.86 23.58 6.92
CA SER C 278 -2.46 24.93 6.56
C SER C 278 -2.29 25.87 7.74
N TYR C 279 -2.24 25.32 8.96
CA TYR C 279 -1.90 26.12 10.13
C TYR C 279 -0.51 25.80 10.67
N VAL C 280 0.02 26.70 11.49
CA VAL C 280 1.34 26.56 12.11
C VAL C 280 1.25 25.64 13.31
N LYS C 281 2.17 24.68 13.40
CA LYS C 281 2.25 23.75 14.51
C LYS C 281 3.40 24.14 15.44
N ALA C 282 3.47 23.54 16.63
CA ALA C 282 4.54 23.84 17.58
C ALA C 282 5.92 23.46 17.04
N ILE C 283 6.01 22.32 16.38
CA ILE C 283 7.25 21.91 15.73
C ILE C 283 7.66 22.87 14.62
N ASP C 284 6.71 23.49 13.93
CA ASP C 284 7.03 24.47 12.89
C ASP C 284 7.69 25.72 13.48
N ILE C 285 7.16 26.22 14.60
CA ILE C 285 7.72 27.37 15.28
C ILE C 285 9.18 27.10 15.63
N TRP C 286 9.43 25.95 16.22
CA TRP C 286 10.77 25.53 16.60
C TRP C 286 11.73 25.46 15.41
N MET C 287 11.30 24.80 14.35
CA MET C 287 12.14 24.66 13.16
C MET C 287 12.40 26.01 12.51
N ALA C 288 11.41 26.89 12.51
CA ALA C 288 11.54 28.22 11.93
C ALA C 288 12.56 29.06 12.71
N VAL C 289 12.47 29.03 14.04
CA VAL C 289 13.39 29.78 14.87
C VAL C 289 14.81 29.21 14.76
N CYS C 290 14.93 27.89 14.79
CA CYS C 290 16.23 27.25 14.56
C CYS C 290 16.82 27.67 13.22
N LEU C 291 15.98 27.72 12.18
CA LEU C 291 16.41 28.16 10.86
C LEU C 291 16.89 29.63 10.88
N LEU C 292 16.13 30.48 11.57
CA LEU C 292 16.52 31.88 11.74
C LEU C 292 17.89 32.05 12.41
N PHE C 293 18.12 31.31 13.50
CA PHE C 293 19.39 31.37 14.24
C PHE C 293 20.59 30.96 13.39
N VAL C 294 20.38 29.92 12.59
CA VAL C 294 21.42 29.38 11.74
C VAL C 294 21.70 30.28 10.54
N PHE C 295 20.65 30.92 10.03
CA PHE C 295 20.77 31.89 8.95
C PHE C 295 21.46 33.15 9.46
N SER C 296 21.10 33.56 10.67
CA SER C 296 21.70 34.73 11.32
C SER C 296 23.20 34.59 11.52
N ALA C 297 23.65 33.37 11.83
CA ALA C 297 25.07 33.10 12.01
C ALA C 297 25.85 33.31 10.71
N LEU C 298 25.26 32.89 9.59
CA LEU C 298 25.85 33.13 8.29
C LEU C 298 25.88 34.63 7.97
N LEU C 299 24.76 35.32 8.21
CA LEU C 299 24.71 36.77 8.03
C LEU C 299 25.75 37.48 8.90
N GLU C 300 25.95 36.97 10.11
CA GLU C 300 26.97 37.50 10.98
C GLU C 300 28.34 37.45 10.30
N TYR C 301 28.67 36.34 9.64
CA TYR C 301 29.95 36.26 8.95
C TYR C 301 30.00 37.16 7.73
N ALA C 302 28.90 37.30 7.01
CA ALA C 302 28.85 38.22 5.89
C ALA C 302 29.27 39.61 6.37
N ALA C 303 28.76 40.01 7.54
CA ALA C 303 29.10 41.30 8.13
C ALA C 303 30.58 41.37 8.52
N VAL C 304 31.08 40.31 9.15
CA VAL C 304 32.48 40.23 9.54
C VAL C 304 33.40 40.34 8.32
N ASN C 305 33.10 39.58 7.28
CA ASN C 305 33.86 39.59 6.04
C ASN C 305 33.80 40.95 5.35
N PHE C 306 32.63 41.58 5.41
CA PHE C 306 32.39 42.86 4.75
C PHE C 306 33.05 44.05 5.47
N VAL C 307 32.88 44.16 6.78
CA VAL C 307 33.43 45.31 7.51
C VAL C 307 34.96 45.27 7.56
N SER C 308 35.54 44.08 7.41
CA SER C 308 36.99 43.91 7.44
C SER C 308 37.67 43.87 6.05
N ARG C 309 36.97 44.27 4.99
CA ARG C 309 37.55 44.32 3.62
C ARG C 309 38.89 45.06 3.58
N ALA C 310 38.87 46.34 3.97
CA ALA C 310 40.10 47.11 4.11
C ALA C 310 40.86 46.57 5.30
N GLY C 311 42.04 46.00 5.07
CA GLY C 311 42.74 45.23 6.11
C GLY C 311 43.41 46.05 7.19
N THR C 312 42.76 47.14 7.63
CA THR C 312 43.34 48.09 8.58
C THR C 312 42.89 47.80 10.03
N LYS C 313 43.75 48.08 11.00
CA LYS C 313 43.50 47.73 12.41
C LYS C 313 42.11 48.11 12.92
N VAL C 314 41.67 49.33 12.63
CA VAL C 314 40.37 49.80 13.13
C VAL C 314 39.18 48.96 12.65
N PHE C 315 39.23 48.51 11.39
CA PHE C 315 38.16 47.71 10.79
C PHE C 315 38.27 46.22 11.11
N ILE C 316 39.49 45.71 11.23
CA ILE C 316 39.73 44.35 11.73
C ILE C 316 39.23 44.23 13.17
N ASP C 317 39.46 45.27 13.99
CA ASP C 317 38.96 45.29 15.37
C ASP C 317 37.44 45.31 15.45
N ARG C 318 36.80 46.06 14.56
CA ARG C 318 35.34 46.14 14.52
C ARG C 318 34.73 44.77 14.16
N ALA C 319 35.33 44.10 13.18
CA ALA C 319 34.96 42.72 12.82
C ALA C 319 35.20 41.73 13.96
N LYS C 320 36.33 41.86 14.66
CA LYS C 320 36.64 40.98 15.79
C LYS C 320 35.64 41.18 16.95
N LYS C 321 35.14 42.41 17.12
CA LYS C 321 34.16 42.70 18.17
C LYS C 321 32.82 42.03 17.85
N ILE C 322 32.45 42.02 16.58
CA ILE C 322 31.23 41.34 16.14
C ILE C 322 31.29 39.86 16.52
N ASP C 323 32.43 39.23 16.28
CA ASP C 323 32.64 37.83 16.66
C ASP C 323 32.57 37.57 18.16
N THR C 324 33.23 38.40 18.96
CA THR C 324 33.28 38.17 20.41
C THR C 324 31.90 38.37 21.06
N ILE C 325 31.11 39.30 20.53
CA ILE C 325 29.73 39.48 21.00
C ILE C 325 28.86 38.27 20.60
N SER C 326 29.01 37.81 19.36
CA SER C 326 28.26 36.68 18.82
C SER C 326 28.48 35.39 19.62
N ARG C 327 29.70 35.18 20.09
CA ARG C 327 30.00 34.03 20.95
C ARG C 327 29.17 33.98 22.23
N ALA C 328 28.81 35.15 22.76
CA ALA C 328 27.97 35.24 23.94
C ALA C 328 26.49 35.32 23.58
N CYS C 329 26.14 36.17 22.62
CA CYS C 329 24.74 36.52 22.37
C CYS C 329 23.89 35.44 21.69
N PHE C 330 24.47 34.72 20.72
CA PHE C 330 23.73 33.65 20.05
C PHE C 330 23.32 32.53 21.02
N PRO C 331 24.29 31.99 21.80
CA PRO C 331 23.88 31.00 22.80
C PRO C 331 22.93 31.53 23.86
N LEU C 332 23.13 32.79 24.25
CA LEU C 332 22.27 33.41 25.24
C LEU C 332 20.84 33.61 24.71
N ALA C 333 20.73 34.13 23.49
CA ALA C 333 19.41 34.37 22.88
C ALA C 333 18.68 33.05 22.61
N PHE C 334 19.44 32.02 22.27
CA PHE C 334 18.87 30.71 22.01
C PHE C 334 18.37 30.05 23.29
N LEU C 335 19.09 30.26 24.40
CA LEU C 335 18.64 29.79 25.71
C LEU C 335 17.34 30.49 26.12
N ILE C 336 17.27 31.80 25.91
CA ILE C 336 16.08 32.58 26.23
C ILE C 336 14.87 32.06 25.44
N PHE C 337 15.05 31.84 24.14
CA PHE C 337 13.99 31.29 23.30
C PHE C 337 13.50 29.93 23.81
N ASN C 338 14.44 29.04 24.11
CA ASN C 338 14.14 27.77 24.76
C ASN C 338 13.30 27.88 26.04
N ILE C 339 13.66 28.80 26.92
CA ILE C 339 12.87 29.02 28.13
C ILE C 339 11.43 29.29 27.71
N PHE C 340 11.22 30.30 26.86
CA PHE C 340 9.87 30.69 26.43
C PHE C 340 9.12 29.54 25.75
N TYR C 341 9.77 28.85 24.82
CA TYR C 341 9.14 27.78 24.06
C TYR C 341 8.61 26.67 24.97
N TRP C 342 9.49 26.07 25.78
CA TRP C 342 9.10 24.95 26.62
C TRP C 342 8.09 25.34 27.69
N VAL C 343 8.28 26.51 28.29
CA VAL C 343 7.33 26.98 29.31
C VAL C 343 5.94 27.17 28.72
N ILE C 344 5.85 27.75 27.52
CA ILE C 344 4.55 27.98 26.88
C ILE C 344 3.78 26.66 26.65
N TYR C 345 4.41 25.66 26.03
CA TYR C 345 3.69 24.45 25.60
C TYR C 345 3.47 23.39 26.71
N SER D 5 -61.92 -3.52 18.74
CA SER D 5 -61.57 -3.71 17.30
C SER D 5 -60.12 -4.15 17.17
N ALA D 6 -59.91 -5.43 16.86
CA ALA D 6 -58.56 -6.03 16.83
C ALA D 6 -57.81 -5.67 15.53
N PRO D 7 -56.74 -4.87 15.66
CA PRO D 7 -56.02 -4.51 14.45
C PRO D 7 -55.25 -5.71 13.92
N MET D 8 -55.06 -5.73 12.61
CA MET D 8 -54.39 -6.81 11.92
C MET D 8 -52.93 -6.95 12.36
N SER D 9 -52.48 -8.19 12.60
CA SER D 9 -51.12 -8.41 13.06
C SER D 9 -50.15 -8.00 11.95
N PRO D 10 -49.00 -7.45 12.35
CA PRO D 10 -48.00 -7.09 11.33
C PRO D 10 -47.64 -8.24 10.38
N SER D 11 -47.50 -9.45 10.92
CA SER D 11 -47.14 -10.61 10.09
C SER D 11 -48.13 -10.77 8.96
N ASP D 12 -49.42 -10.77 9.29
CA ASP D 12 -50.46 -10.94 8.28
C ASP D 12 -50.47 -9.78 7.32
N PHE D 13 -50.26 -8.57 7.83
CA PHE D 13 -50.24 -7.39 7.00
C PHE D 13 -49.12 -7.44 5.95
N LEU D 14 -47.91 -7.75 6.38
CA LEU D 14 -46.80 -7.86 5.44
C LEU D 14 -47.01 -9.00 4.44
N ASP D 15 -47.66 -10.07 4.90
CA ASP D 15 -48.03 -11.16 4.03
C ASP D 15 -48.97 -10.68 2.91
N LYS D 16 -50.01 -9.93 3.29
CA LYS D 16 -51.00 -9.44 2.34
C LYS D 16 -50.49 -8.30 1.47
N LEU D 17 -49.49 -7.56 1.94
CA LEU D 17 -49.01 -6.40 1.19
C LEU D 17 -47.94 -6.74 0.15
N MET D 18 -46.98 -7.54 0.54
CA MET D 18 -45.82 -7.83 -0.31
C MET D 18 -45.30 -9.26 -0.20
N GLY D 19 -45.94 -10.10 0.60
CA GLY D 19 -45.50 -11.48 0.79
C GLY D 19 -46.34 -12.50 0.04
N ARG D 20 -46.33 -13.74 0.55
CA ARG D 20 -46.99 -14.90 -0.09
C ARG D 20 -48.39 -14.63 -0.66
N THR D 21 -49.28 -14.05 0.11
CA THR D 21 -50.68 -13.88 -0.34
C THR D 21 -50.96 -12.57 -1.08
N SER D 22 -49.93 -11.77 -1.37
CA SER D 22 -50.13 -10.43 -1.91
C SER D 22 -50.29 -10.37 -3.42
N GLY D 23 -49.64 -11.29 -4.14
CA GLY D 23 -49.56 -11.20 -5.60
C GLY D 23 -48.58 -10.13 -6.09
N TYR D 24 -47.77 -9.58 -5.18
CA TYR D 24 -46.84 -8.52 -5.52
C TYR D 24 -45.64 -9.13 -6.23
N ASP D 25 -45.28 -8.55 -7.36
CA ASP D 25 -44.12 -8.98 -8.14
C ASP D 25 -43.10 -7.84 -8.22
N ALA D 26 -42.01 -7.97 -7.48
CA ALA D 26 -40.98 -6.94 -7.42
C ALA D 26 -40.27 -6.69 -8.75
N ARG D 27 -40.44 -7.61 -9.69
CA ARG D 27 -39.88 -7.47 -11.03
C ARG D 27 -40.64 -6.50 -11.93
N ILE D 28 -41.77 -5.98 -11.42
CA ILE D 28 -42.63 -5.08 -12.17
C ILE D 28 -42.60 -3.74 -11.46
N ARG D 29 -42.35 -2.67 -12.22
CA ARG D 29 -42.27 -1.35 -11.66
C ARG D 29 -43.66 -0.83 -11.35
N PRO D 30 -43.77 0.16 -10.44
CA PRO D 30 -45.04 0.88 -10.25
C PRO D 30 -45.55 1.52 -11.55
N ASN D 31 -46.85 1.37 -11.81
CA ASN D 31 -47.49 1.90 -13.02
C ASN D 31 -46.79 1.47 -14.29
N PHE D 32 -46.57 0.18 -14.48
CA PHE D 32 -45.67 -0.25 -15.54
C PHE D 32 -46.18 0.01 -16.96
N LYS D 33 -47.50 0.03 -17.15
CA LYS D 33 -48.07 0.42 -18.44
C LYS D 33 -48.26 1.93 -18.56
N GLY D 34 -47.97 2.67 -17.49
CA GLY D 34 -48.21 4.10 -17.44
C GLY D 34 -46.95 4.92 -17.60
N PRO D 35 -46.98 6.17 -17.13
CA PRO D 35 -45.80 7.02 -17.22
C PRO D 35 -44.65 6.55 -16.35
N PRO D 36 -43.45 7.08 -16.59
CA PRO D 36 -42.24 6.72 -15.83
C PRO D 36 -42.39 6.93 -14.34
N VAL D 37 -41.74 6.07 -13.55
CA VAL D 37 -41.66 6.28 -12.12
C VAL D 37 -40.79 7.53 -11.85
N GLN D 38 -41.35 8.44 -11.06
CA GLN D 38 -40.64 9.64 -10.65
C GLN D 38 -39.94 9.36 -9.32
N VAL D 39 -38.63 9.31 -9.35
CA VAL D 39 -37.84 9.10 -8.12
C VAL D 39 -37.23 10.43 -7.71
N THR D 40 -37.34 10.75 -6.44
CA THR D 40 -36.73 11.94 -5.87
C THR D 40 -35.58 11.56 -4.96
N CYS D 41 -34.44 12.23 -5.10
CA CYS D 41 -33.23 11.86 -4.40
C CYS D 41 -32.72 12.98 -3.52
N ASN D 42 -32.18 12.62 -2.35
CA ASN D 42 -31.37 13.53 -1.56
C ASN D 42 -30.25 12.75 -0.88
N ILE D 43 -29.15 13.43 -0.58
CA ILE D 43 -28.04 12.78 0.08
C ILE D 43 -27.63 13.53 1.33
N PHE D 44 -27.20 12.79 2.34
CA PHE D 44 -26.58 13.37 3.52
C PHE D 44 -25.12 12.97 3.46
N ILE D 45 -24.23 13.96 3.50
CA ILE D 45 -22.80 13.69 3.44
C ILE D 45 -22.25 13.56 4.83
N ASN D 46 -21.95 12.33 5.21
CA ASN D 46 -21.51 12.00 6.54
C ASN D 46 -20.01 12.24 6.68
N SER D 47 -19.30 12.20 5.55
CA SER D 47 -17.86 12.26 5.53
C SER D 47 -17.38 12.48 4.10
N PHE D 48 -16.25 13.18 3.96
CA PHE D 48 -15.78 13.67 2.66
C PHE D 48 -14.28 13.88 2.77
N GLY D 49 -13.49 13.10 2.05
CA GLY D 49 -12.05 13.15 2.19
C GLY D 49 -11.29 12.31 1.20
N SER D 50 -10.08 11.90 1.56
CA SER D 50 -9.18 11.17 0.68
C SER D 50 -9.15 11.76 -0.72
N ILE D 51 -9.04 13.09 -0.79
CA ILE D 51 -8.94 13.76 -2.07
C ILE D 51 -7.51 13.58 -2.59
N ALA D 52 -7.36 12.71 -3.58
CA ALA D 52 -6.06 12.32 -4.10
C ALA D 52 -5.82 12.90 -5.51
N GLU D 53 -4.76 13.68 -5.65
CA GLU D 53 -4.40 14.23 -6.96
C GLU D 53 -3.82 13.16 -7.89
N THR D 54 -3.09 12.20 -7.31
CA THR D 54 -2.39 11.19 -8.08
C THR D 54 -3.36 10.27 -8.80
N THR D 55 -4.27 9.70 -8.03
CA THR D 55 -5.30 8.82 -8.56
C THR D 55 -6.52 9.59 -9.03
N MET D 56 -6.54 10.89 -8.75
CA MET D 56 -7.53 11.78 -9.34
C MET D 56 -8.96 11.39 -8.93
N ASP D 57 -9.17 11.27 -7.60
CA ASP D 57 -10.44 10.83 -7.07
C ASP D 57 -10.66 11.31 -5.64
N TYR D 58 -11.85 11.06 -5.10
CA TYR D 58 -12.16 11.41 -3.71
C TYR D 58 -13.14 10.40 -3.12
N ARG D 59 -13.30 10.46 -1.79
CA ARG D 59 -14.11 9.49 -1.09
C ARG D 59 -15.19 10.16 -0.27
N VAL D 60 -16.40 9.59 -0.29
CA VAL D 60 -17.49 10.10 0.54
C VAL D 60 -18.15 8.96 1.26
N ASN D 61 -18.67 9.25 2.44
CA ASN D 61 -19.61 8.38 3.11
C ASN D 61 -20.93 9.13 3.12
N ILE D 62 -21.98 8.53 2.57
CA ILE D 62 -23.26 9.19 2.46
C ILE D 62 -24.45 8.32 2.88
N PHE D 63 -25.55 8.98 3.22
CA PHE D 63 -26.84 8.34 3.25
C PHE D 63 -27.53 8.75 1.95
N LEU D 64 -27.88 7.78 1.13
CA LEU D 64 -28.61 8.03 -0.11
C LEU D 64 -30.08 7.80 0.16
N ARG D 65 -30.91 8.81 -0.10
CA ARG D 65 -32.35 8.73 0.12
C ARG D 65 -33.07 8.75 -1.22
N GLN D 66 -33.94 7.78 -1.44
CA GLN D 66 -34.75 7.72 -2.64
C GLN D 66 -36.22 7.68 -2.25
N LYS D 67 -37.03 8.43 -2.98
CA LYS D 67 -38.46 8.51 -2.70
C LYS D 67 -39.24 8.29 -3.97
N TRP D 68 -40.29 7.49 -3.90
CA TRP D 68 -41.14 7.28 -5.06
C TRP D 68 -42.47 6.69 -4.60
N ASN D 69 -43.45 6.65 -5.51
CA ASN D 69 -44.76 6.11 -5.18
C ASN D 69 -45.00 4.74 -5.80
N ASP D 70 -45.51 3.82 -4.99
CA ASP D 70 -45.88 2.49 -5.45
C ASP D 70 -47.30 2.21 -4.98
N PRO D 71 -48.29 2.39 -5.88
CA PRO D 71 -49.71 2.18 -5.51
C PRO D 71 -50.02 0.84 -4.83
N ARG D 72 -49.28 -0.19 -5.18
CA ARG D 72 -49.47 -1.52 -4.57
C ARG D 72 -49.17 -1.53 -3.06
N LEU D 73 -48.40 -0.57 -2.57
CA LEU D 73 -48.02 -0.53 -1.16
C LEU D 73 -48.88 0.42 -0.32
N ALA D 74 -49.87 1.06 -0.93
CA ALA D 74 -50.85 1.84 -0.17
C ALA D 74 -51.59 0.94 0.81
N TYR D 75 -51.92 1.48 1.98
CA TYR D 75 -52.62 0.72 3.02
C TYR D 75 -53.70 1.57 3.71
N SER D 76 -54.73 0.89 4.20
CA SER D 76 -55.76 1.51 5.04
C SER D 76 -55.95 0.78 6.38
N GLU D 77 -55.20 -0.29 6.60
CA GLU D 77 -55.40 -1.14 7.78
C GLU D 77 -54.96 -0.47 9.09
N TYR D 78 -54.12 0.56 9.00
CA TYR D 78 -53.69 1.29 10.19
C TYR D 78 -53.88 2.79 9.99
N PRO D 79 -54.15 3.53 11.07
CA PRO D 79 -54.30 4.97 10.97
C PRO D 79 -52.97 5.73 10.80
N ASP D 80 -51.86 5.03 11.04
CA ASP D 80 -50.53 5.64 11.01
C ASP D 80 -50.23 6.17 9.62
N ASP D 81 -49.79 7.41 9.56
CA ASP D 81 -49.39 7.99 8.28
C ASP D 81 -48.27 7.23 7.59
N SER D 82 -47.31 6.72 8.36
CA SER D 82 -46.25 5.90 7.82
C SER D 82 -45.91 4.72 8.72
N LEU D 83 -45.27 3.72 8.11
CA LEU D 83 -44.83 2.52 8.82
C LEU D 83 -43.35 2.35 8.57
N ASP D 84 -42.60 2.17 9.65
CA ASP D 84 -41.19 1.83 9.55
C ASP D 84 -41.09 0.31 9.49
N LEU D 85 -40.51 -0.21 8.41
CA LEU D 85 -40.43 -1.64 8.19
C LEU D 85 -39.02 -2.16 8.34
N ASP D 86 -38.90 -3.41 8.75
CA ASP D 86 -37.62 -4.07 8.82
C ASP D 86 -36.99 -4.14 7.43
N PRO D 87 -35.71 -3.77 7.31
CA PRO D 87 -35.09 -3.66 5.98
C PRO D 87 -34.98 -4.96 5.21
N SER D 88 -35.16 -6.10 5.86
CA SER D 88 -35.23 -7.37 5.13
C SER D 88 -36.39 -7.37 4.11
N MET D 89 -37.39 -6.52 4.31
CA MET D 89 -38.49 -6.40 3.38
C MET D 89 -38.13 -5.69 2.08
N LEU D 90 -36.97 -5.04 2.03
CA LEU D 90 -36.50 -4.42 0.80
C LEU D 90 -36.33 -5.41 -0.35
N ASP D 91 -35.97 -6.65 -0.04
CA ASP D 91 -35.82 -7.67 -1.08
C ASP D 91 -37.17 -8.04 -1.72
N SER D 92 -38.26 -7.77 -1.01
CA SER D 92 -39.58 -8.09 -1.51
C SER D 92 -40.25 -6.98 -2.32
N ILE D 93 -39.69 -5.76 -2.34
CA ILE D 93 -40.34 -4.69 -3.09
C ILE D 93 -39.51 -4.27 -4.28
N TRP D 94 -40.16 -3.64 -5.24
CA TRP D 94 -39.46 -3.05 -6.37
C TRP D 94 -38.73 -1.83 -5.86
N LYS D 95 -37.55 -1.58 -6.40
CA LYS D 95 -36.85 -0.35 -6.14
C LYS D 95 -36.02 0.06 -7.35
N PRO D 96 -35.70 1.35 -7.46
CA PRO D 96 -34.89 1.82 -8.58
C PRO D 96 -33.50 1.21 -8.60
N ASP D 97 -32.84 1.24 -9.76
CA ASP D 97 -31.53 0.61 -9.93
C ASP D 97 -30.45 1.69 -10.07
N LEU D 98 -30.46 2.61 -9.13
CA LEU D 98 -29.55 3.74 -9.17
C LEU D 98 -28.12 3.25 -9.03
N PHE D 99 -27.23 3.73 -9.89
CA PHE D 99 -25.80 3.52 -9.69
C PHE D 99 -25.06 4.84 -9.87
N PHE D 100 -23.81 4.89 -9.42
CA PHE D 100 -23.01 6.09 -9.54
C PHE D 100 -22.07 5.98 -10.72
N ALA D 101 -22.29 6.82 -11.72
CA ALA D 101 -21.65 6.64 -13.02
C ALA D 101 -20.16 6.90 -12.96
N ASN D 102 -19.71 7.77 -12.07
CA ASN D 102 -18.29 8.05 -11.94
C ASN D 102 -17.66 7.40 -10.71
N GLU D 103 -18.26 6.30 -10.26
CA GLU D 103 -17.76 5.56 -9.12
C GLU D 103 -16.68 4.56 -9.54
N LYS D 104 -15.55 4.60 -8.84
CA LYS D 104 -14.45 3.66 -9.01
C LYS D 104 -14.51 2.54 -7.99
N GLY D 105 -15.07 2.82 -6.82
CA GLY D 105 -15.26 1.84 -5.75
C GLY D 105 -16.47 2.21 -4.91
N ALA D 106 -17.18 1.22 -4.43
CA ALA D 106 -18.42 1.45 -3.70
C ALA D 106 -18.73 0.26 -2.85
N ASN D 107 -19.12 0.49 -1.60
CA ASN D 107 -19.57 -0.60 -0.77
C ASN D 107 -20.75 -0.23 0.13
N PHE D 108 -21.52 -1.24 0.48
CA PHE D 108 -22.57 -1.12 1.47
C PHE D 108 -21.92 -1.22 2.84
N HIS D 109 -22.72 -1.01 3.88
CA HIS D 109 -22.28 -1.13 5.25
C HIS D 109 -23.19 -2.10 5.95
N GLU D 110 -22.60 -3.13 6.55
CA GLU D 110 -23.36 -4.25 7.08
C GLU D 110 -23.13 -4.51 8.57
N VAL D 111 -22.36 -3.65 9.22
CA VAL D 111 -22.07 -3.77 10.64
C VAL D 111 -22.92 -2.75 11.43
N THR D 112 -23.62 -3.15 12.49
CA THR D 112 -23.78 -4.52 12.96
C THR D 112 -24.92 -5.24 12.25
N THR D 113 -25.72 -4.49 11.49
CA THR D 113 -26.72 -5.06 10.56
C THR D 113 -26.71 -4.16 9.32
N ASP D 114 -27.52 -4.47 8.32
CA ASP D 114 -27.52 -3.70 7.09
C ASP D 114 -27.93 -2.26 7.39
N ASN D 115 -27.10 -1.31 6.99
CA ASN D 115 -27.33 0.11 7.21
C ASN D 115 -28.32 0.57 6.16
N LYS D 116 -29.56 0.19 6.33
CA LYS D 116 -30.64 0.50 5.41
C LYS D 116 -31.91 0.85 6.18
N LEU D 117 -32.75 1.67 5.57
CA LEU D 117 -33.98 2.14 6.18
C LEU D 117 -35.11 2.05 5.15
N LEU D 118 -36.27 1.56 5.57
CA LEU D 118 -37.44 1.47 4.68
C LEU D 118 -38.69 1.96 5.40
N ARG D 119 -39.34 2.96 4.83
CA ARG D 119 -40.54 3.54 5.39
C ARG D 119 -41.59 3.64 4.28
N ILE D 120 -42.80 3.17 4.55
CA ILE D 120 -43.90 3.32 3.58
C ILE D 120 -45.03 4.16 4.17
N PHE D 121 -45.78 4.83 3.31
CA PHE D 121 -46.84 5.75 3.72
C PHE D 121 -48.20 5.26 3.26
N LYS D 122 -49.26 5.75 3.90
CA LYS D 122 -50.67 5.38 3.56
C LYS D 122 -50.94 5.34 2.06
N ASN D 123 -50.51 6.39 1.36
CA ASN D 123 -50.74 6.50 -0.07
C ASN D 123 -49.79 5.69 -0.95
N GLY D 124 -48.91 4.89 -0.35
CA GLY D 124 -47.98 4.08 -1.11
C GLY D 124 -46.64 4.71 -1.43
N ASN D 125 -46.40 5.93 -0.95
CA ASN D 125 -45.06 6.48 -1.06
C ASN D 125 -44.07 5.60 -0.32
N VAL D 126 -42.84 5.58 -0.82
CA VAL D 126 -41.75 4.86 -0.20
C VAL D 126 -40.60 5.80 0.04
N LEU D 127 -39.97 5.64 1.21
CA LEU D 127 -38.70 6.30 1.52
C LEU D 127 -37.69 5.21 1.79
N TYR D 128 -36.58 5.25 1.06
CA TYR D 128 -35.57 4.22 1.12
C TYR D 128 -34.23 4.90 1.31
N SER D 129 -33.58 4.64 2.44
CA SER D 129 -32.28 5.24 2.70
C SER D 129 -31.23 4.19 2.95
N ILE D 130 -30.07 4.40 2.36
CA ILE D 130 -28.98 3.45 2.46
C ILE D 130 -27.63 4.14 2.61
N ARG D 131 -26.81 3.59 3.49
CA ARG D 131 -25.50 4.13 3.73
C ARG D 131 -24.46 3.54 2.79
N LEU D 132 -23.65 4.40 2.19
CA LEU D 132 -22.70 3.98 1.18
C LEU D 132 -21.37 4.69 1.34
N THR D 133 -20.31 4.00 0.97
CA THR D 133 -19.01 4.60 0.83
C THR D 133 -18.67 4.52 -0.65
N LEU D 134 -18.27 5.65 -1.21
CA LEU D 134 -17.99 5.77 -2.63
C LEU D 134 -16.63 6.42 -2.87
N THR D 135 -15.85 5.82 -3.76
CA THR D 135 -14.70 6.46 -4.31
C THR D 135 -15.12 6.91 -5.69
N LEU D 136 -15.16 8.22 -5.88
CA LEU D 136 -15.63 8.81 -7.11
C LEU D 136 -14.48 9.50 -7.82
N SER D 137 -14.51 9.46 -9.16
CA SER D 137 -13.44 10.04 -9.94
C SER D 137 -13.66 11.54 -10.03
N CYS D 138 -12.58 12.31 -9.92
CA CYS D 138 -12.61 13.76 -10.02
C CYS D 138 -11.40 14.21 -10.84
N PRO D 139 -11.53 14.27 -12.17
CA PRO D 139 -10.50 14.83 -13.03
C PRO D 139 -10.15 16.26 -12.64
N MET D 140 -8.88 16.52 -12.39
CA MET D 140 -8.46 17.81 -11.87
C MET D 140 -7.69 18.62 -12.90
N ASP D 141 -7.89 19.93 -12.87
CA ASP D 141 -7.08 20.87 -13.64
C ASP D 141 -6.10 21.52 -12.69
N LEU D 142 -4.82 21.21 -12.84
CA LEU D 142 -3.81 21.70 -11.92
C LEU D 142 -3.01 22.92 -12.40
N LYS D 143 -3.46 23.62 -13.45
CA LYS D 143 -2.70 24.77 -14.03
C LYS D 143 -2.31 25.78 -12.94
N ASN D 144 -3.24 26.09 -12.03
CA ASN D 144 -2.99 27.06 -10.97
C ASN D 144 -2.55 26.46 -9.64
N PHE D 145 -2.26 25.17 -9.60
CA PHE D 145 -1.82 24.53 -8.37
C PHE D 145 -0.61 25.27 -7.81
N PRO D 146 -0.58 25.58 -6.51
CA PRO D 146 -1.54 25.13 -5.52
C PRO D 146 -2.54 26.19 -5.14
N MET D 147 -2.82 27.12 -6.05
CA MET D 147 -3.88 28.12 -5.83
C MET D 147 -5.10 27.74 -6.67
N ASP D 148 -5.36 26.45 -6.74
CA ASP D 148 -6.37 25.91 -7.65
C ASP D 148 -7.68 25.68 -6.92
N VAL D 149 -8.75 25.67 -7.69
CA VAL D 149 -10.05 25.28 -7.17
C VAL D 149 -10.52 24.15 -8.07
N GLN D 150 -11.03 23.09 -7.47
CA GLN D 150 -11.44 21.91 -8.22
C GLN D 150 -12.95 21.73 -8.12
N THR D 151 -13.52 21.10 -9.14
CA THR D 151 -14.94 20.76 -9.13
C THR D 151 -15.07 19.25 -9.20
N CYS D 152 -15.59 18.66 -8.14
CA CYS D 152 -15.78 17.23 -8.09
C CYS D 152 -17.26 16.91 -8.17
N ILE D 153 -17.60 15.93 -8.99
CA ILE D 153 -19.00 15.65 -9.27
C ILE D 153 -19.39 14.28 -8.73
N MET D 154 -20.70 14.09 -8.59
CA MET D 154 -21.28 12.81 -8.25
C MET D 154 -22.48 12.61 -9.17
N GLN D 155 -22.47 11.57 -9.99
CA GLN D 155 -23.56 11.30 -10.94
C GLN D 155 -24.42 10.11 -10.52
N LEU D 156 -25.72 10.33 -10.43
CA LEU D 156 -26.65 9.29 -10.05
C LEU D 156 -27.44 8.91 -11.27
N GLU D 157 -27.33 7.67 -11.71
CA GLU D 157 -27.87 7.22 -13.01
C GLU D 157 -28.67 5.92 -12.89
N SER D 158 -29.61 5.68 -13.79
CA SER D 158 -30.26 4.37 -13.90
C SER D 158 -29.46 3.52 -14.86
N PHE D 159 -29.19 2.26 -14.49
CA PHE D 159 -28.42 1.40 -15.36
C PHE D 159 -29.29 0.72 -16.42
N GLY D 160 -30.49 0.29 -16.05
CA GLY D 160 -31.31 -0.56 -16.90
C GLY D 160 -32.64 -0.02 -17.37
N TYR D 161 -33.13 1.05 -16.74
CA TYR D 161 -34.40 1.66 -17.10
C TYR D 161 -34.17 2.89 -17.98
N THR D 162 -34.84 2.94 -19.12
CA THR D 162 -34.80 4.14 -19.97
C THR D 162 -35.76 5.21 -19.44
N MET D 163 -35.65 6.42 -19.99
CA MET D 163 -36.41 7.58 -19.49
C MET D 163 -37.93 7.43 -19.60
N ASN D 164 -38.39 6.52 -20.43
CA ASN D 164 -39.82 6.25 -20.52
C ASN D 164 -40.33 5.37 -19.38
N ASP D 165 -39.44 4.71 -18.67
CA ASP D 165 -39.79 3.88 -17.52
C ASP D 165 -39.37 4.46 -16.17
N LEU D 166 -38.27 5.23 -16.12
CA LEU D 166 -37.73 5.73 -14.86
C LEU D 166 -37.00 7.07 -14.98
N ILE D 167 -37.28 7.97 -14.03
CA ILE D 167 -36.73 9.33 -14.04
C ILE D 167 -36.29 9.77 -12.64
N PHE D 168 -35.03 10.21 -12.54
CA PHE D 168 -34.50 10.75 -11.29
C PHE D 168 -34.59 12.26 -11.30
N GLU D 169 -34.74 12.81 -10.11
CA GLU D 169 -34.88 14.23 -9.89
C GLU D 169 -34.36 14.54 -8.50
N TRP D 170 -33.59 15.60 -8.33
CA TRP D 170 -33.24 16.06 -6.99
C TRP D 170 -34.50 16.58 -6.31
N GLN D 171 -34.60 16.31 -5.02
CA GLN D 171 -35.59 16.90 -4.13
C GLN D 171 -35.55 18.43 -4.21
N ASP D 172 -36.70 19.07 -4.02
CA ASP D 172 -36.77 20.53 -4.04
C ASP D 172 -36.10 21.16 -2.83
N GLU D 173 -36.49 20.73 -1.63
CA GLU D 173 -35.96 21.28 -0.38
C GLU D 173 -34.69 20.53 0.09
N ALA D 174 -33.58 21.26 0.16
CA ALA D 174 -32.29 20.79 0.70
C ALA D 174 -31.90 19.38 0.25
N PRO D 175 -31.62 19.23 -1.05
CA PRO D 175 -31.28 17.91 -1.63
C PRO D 175 -29.94 17.35 -1.15
N VAL D 176 -29.04 18.21 -0.72
CA VAL D 176 -27.72 17.78 -0.29
C VAL D 176 -27.45 18.40 1.06
N GLN D 177 -27.45 17.59 2.11
CA GLN D 177 -27.13 18.06 3.46
C GLN D 177 -25.71 17.61 3.77
N VAL D 178 -25.00 18.39 4.57
CA VAL D 178 -23.63 18.06 4.97
C VAL D 178 -23.56 18.05 6.48
N ALA D 179 -22.92 17.04 7.06
CA ALA D 179 -22.86 16.92 8.52
C ALA D 179 -22.23 18.17 9.13
N GLU D 180 -22.75 18.59 10.28
CA GLU D 180 -22.26 19.81 10.95
C GLU D 180 -20.80 19.63 11.36
N GLY D 181 -20.00 20.66 11.10
CA GLY D 181 -18.60 20.69 11.53
C GLY D 181 -17.67 19.86 10.68
N LEU D 182 -18.14 19.39 9.53
CA LEU D 182 -17.29 18.65 8.61
C LEU D 182 -16.26 19.58 7.98
N THR D 183 -14.98 19.24 8.13
CA THR D 183 -13.90 20.01 7.50
C THR D 183 -12.94 19.08 6.79
N LEU D 184 -12.15 19.65 5.89
CA LEU D 184 -11.13 18.94 5.15
C LEU D 184 -9.80 19.65 5.42
N PRO D 185 -8.73 18.88 5.68
CA PRO D 185 -7.44 19.52 6.01
C PRO D 185 -6.87 20.43 4.91
N GLN D 186 -6.99 19.99 3.65
CA GLN D 186 -6.39 20.69 2.51
C GLN D 186 -7.33 21.64 1.77
N PHE D 187 -8.64 21.47 1.94
CA PHE D 187 -9.61 22.21 1.12
C PHE D 187 -10.70 22.87 1.95
N LEU D 188 -11.33 23.87 1.35
CA LEU D 188 -12.60 24.38 1.82
C LEU D 188 -13.66 23.88 0.88
N LEU D 189 -14.67 23.21 1.44
CA LEU D 189 -15.83 22.80 0.69
C LEU D 189 -16.82 23.96 0.69
N LYS D 190 -17.12 24.51 -0.49
CA LYS D 190 -18.01 25.66 -0.58
C LYS D 190 -19.45 25.26 -0.29
N GLU D 191 -20.20 26.20 0.28
CA GLU D 191 -21.58 25.96 0.69
C GLU D 191 -22.48 25.74 -0.54
N GLU D 192 -22.21 26.45 -1.62
CA GLU D 192 -23.00 26.33 -2.84
C GLU D 192 -22.61 25.08 -3.65
N LYS D 193 -23.59 24.21 -3.88
CA LYS D 193 -23.45 23.03 -4.74
C LYS D 193 -24.33 23.15 -5.98
N ASP D 194 -23.77 22.92 -7.16
CA ASP D 194 -24.56 22.98 -8.41
C ASP D 194 -25.29 21.67 -8.60
N LEU D 195 -26.56 21.75 -8.95
CA LEU D 195 -27.34 20.58 -9.34
C LEU D 195 -27.65 20.64 -10.82
N ARG D 196 -27.51 19.52 -11.52
CA ARG D 196 -27.88 19.52 -12.94
C ARG D 196 -28.16 18.14 -13.45
N TYR D 197 -28.56 18.10 -14.71
CA TYR D 197 -28.80 16.85 -15.40
C TYR D 197 -27.59 16.45 -16.22
N CYS D 198 -27.35 15.14 -16.27
CA CYS D 198 -26.28 14.55 -17.06
C CYS D 198 -26.89 13.45 -17.94
N THR D 199 -28.12 13.67 -18.44
CA THR D 199 -28.84 12.63 -19.19
C THR D 199 -27.93 11.92 -20.18
N LYS D 200 -27.94 10.60 -20.14
CA LYS D 200 -27.01 9.80 -20.91
C LYS D 200 -27.67 9.20 -22.14
N HIS D 201 -26.96 9.23 -23.27
CA HIS D 201 -27.39 8.60 -24.50
C HIS D 201 -26.35 7.55 -24.91
N TYR D 202 -26.67 6.29 -24.73
CA TYR D 202 -25.81 5.21 -25.19
C TYR D 202 -26.47 4.53 -26.39
N ASN D 203 -25.77 3.60 -27.03
CA ASN D 203 -26.39 2.78 -28.09
C ASN D 203 -27.48 1.84 -27.57
N THR D 204 -27.67 1.78 -26.26
CA THR D 204 -28.71 0.96 -25.64
C THR D 204 -29.95 1.79 -25.29
N GLY D 205 -29.87 3.10 -25.48
CA GLY D 205 -30.99 3.99 -25.16
C GLY D 205 -30.61 5.23 -24.38
N LYS D 206 -31.63 5.85 -23.81
CA LYS D 206 -31.52 7.15 -23.15
C LYS D 206 -31.83 6.97 -21.66
N PHE D 207 -30.91 7.40 -20.79
CA PHE D 207 -30.97 7.06 -19.37
C PHE D 207 -30.89 8.28 -18.45
N THR D 208 -31.80 8.33 -17.48
CA THR D 208 -31.86 9.40 -16.51
C THR D 208 -30.56 9.49 -15.69
N CYS D 209 -30.14 10.71 -15.40
CA CYS D 209 -28.88 10.93 -14.72
C CYS D 209 -28.93 12.33 -14.14
N ILE D 210 -28.73 12.44 -12.84
CA ILE D 210 -28.62 13.72 -12.17
C ILE D 210 -27.28 13.81 -11.50
N GLU D 211 -26.86 15.02 -11.25
CA GLU D 211 -25.47 15.31 -10.92
C GLU D 211 -25.44 16.38 -9.82
N VAL D 212 -24.51 16.24 -8.90
CA VAL D 212 -24.23 17.32 -7.96
C VAL D 212 -22.76 17.66 -8.11
N ARG D 213 -22.43 18.95 -8.07
CA ARG D 213 -21.05 19.41 -8.19
C ARG D 213 -20.62 20.10 -6.92
N PHE D 214 -19.48 19.69 -6.39
CA PHE D 214 -18.91 20.31 -5.22
C PHE D 214 -17.72 21.15 -5.63
N HIS D 215 -17.56 22.31 -4.99
CA HIS D 215 -16.42 23.18 -5.26
C HIS D 215 -15.47 23.14 -4.08
N LEU D 216 -14.21 22.81 -4.38
CA LEU D 216 -13.18 22.66 -3.37
C LEU D 216 -12.08 23.67 -3.63
N GLU D 217 -11.85 24.55 -2.67
CA GLU D 217 -10.82 25.56 -2.77
C GLU D 217 -9.62 25.11 -1.94
N ARG D 218 -8.45 24.96 -2.58
CA ARG D 218 -7.26 24.51 -1.89
C ARG D 218 -6.73 25.58 -0.95
N GLN D 219 -6.38 25.18 0.27
CA GLN D 219 -5.85 26.08 1.27
C GLN D 219 -4.37 26.28 1.03
N MET D 220 -3.93 27.53 1.18
CA MET D 220 -2.61 27.98 0.77
C MET D 220 -1.51 27.71 1.82
N GLY D 221 -1.88 27.77 3.09
CA GLY D 221 -0.94 27.71 4.21
C GLY D 221 0.13 26.64 4.13
N TYR D 222 -0.27 25.40 3.88
CA TYR D 222 0.70 24.31 3.79
C TYR D 222 1.81 24.59 2.79
N TYR D 223 1.45 25.21 1.67
CA TYR D 223 2.41 25.45 0.59
C TYR D 223 3.35 26.63 0.87
N LEU D 224 2.91 27.58 1.69
CA LEU D 224 3.79 28.62 2.16
C LEU D 224 4.88 28.01 3.03
N ILE D 225 4.48 27.13 3.95
CA ILE D 225 5.42 26.54 4.91
C ILE D 225 6.39 25.55 4.25
N GLN D 226 5.87 24.79 3.29
CA GLN D 226 6.57 23.61 2.77
C GLN D 226 7.41 23.93 1.54
N MET D 227 7.03 24.99 0.83
CA MET D 227 7.44 25.14 -0.55
C MET D 227 7.88 26.57 -0.88
N TYR D 228 7.00 27.56 -0.66
CA TYR D 228 7.27 28.93 -1.05
C TYR D 228 8.32 29.60 -0.16
N ILE D 229 8.14 29.52 1.15
CA ILE D 229 9.06 30.15 2.09
C ILE D 229 10.45 29.49 2.08
N PRO D 230 10.51 28.14 2.15
CA PRO D 230 11.84 27.53 2.00
C PRO D 230 12.59 27.92 0.71
N SER D 231 11.89 27.99 -0.42
CA SER D 231 12.52 28.40 -1.68
C SER D 231 12.94 29.88 -1.65
N LEU D 232 12.14 30.71 -0.97
CA LEU D 232 12.46 32.12 -0.77
C LEU D 232 13.80 32.27 -0.03
N LEU D 233 13.99 31.45 0.99
CA LEU D 233 15.21 31.51 1.80
C LEU D 233 16.44 31.06 1.02
N ILE D 234 16.28 30.13 0.10
CA ILE D 234 17.38 29.69 -0.74
C ILE D 234 17.80 30.82 -1.69
N VAL D 235 16.82 31.60 -2.18
CA VAL D 235 17.12 32.75 -3.04
C VAL D 235 17.88 33.81 -2.24
N ILE D 236 17.39 34.12 -1.04
CA ILE D 236 18.06 35.09 -0.17
C ILE D 236 19.48 34.63 0.18
N LEU D 237 19.64 33.33 0.42
CA LEU D 237 20.95 32.73 0.68
C LEU D 237 21.93 33.04 -0.45
N SER D 238 21.46 32.91 -1.69
CA SER D 238 22.31 33.15 -2.84
C SER D 238 22.83 34.59 -2.89
N TRP D 239 22.05 35.52 -2.34
CA TRP D 239 22.43 36.94 -2.37
C TRP D 239 23.56 37.31 -1.41
N VAL D 240 23.79 36.51 -0.36
CA VAL D 240 24.85 36.87 0.60
C VAL D 240 26.21 36.85 -0.11
N SER D 241 26.31 36.05 -1.16
CA SER D 241 27.46 36.03 -2.06
C SER D 241 27.92 37.45 -2.45
N PHE D 242 26.96 38.33 -2.75
CA PHE D 242 27.28 39.68 -3.24
C PHE D 242 28.01 40.54 -2.19
N TRP D 243 27.88 40.19 -0.92
CA TRP D 243 28.59 40.89 0.16
C TRP D 243 29.90 40.20 0.58
N ILE D 244 30.19 39.05 -0.01
CA ILE D 244 31.43 38.32 0.28
C ILE D 244 32.55 38.82 -0.65
N ASN D 245 33.77 38.81 -0.13
CA ASN D 245 34.94 39.26 -0.87
C ASN D 245 35.12 38.52 -2.20
N MET D 246 35.35 39.28 -3.28
CA MET D 246 35.56 38.69 -4.62
C MET D 246 36.80 37.79 -4.69
N ASP D 247 37.72 37.92 -3.73
CA ASP D 247 38.89 37.04 -3.63
C ASP D 247 38.55 35.64 -3.14
N ALA D 248 37.45 35.51 -2.38
CA ALA D 248 37.04 34.23 -1.82
C ALA D 248 36.24 33.39 -2.83
N ALA D 249 36.96 32.89 -3.84
CA ALA D 249 36.33 32.15 -4.91
C ALA D 249 35.58 30.90 -4.42
N PRO D 250 36.25 30.07 -3.59
CA PRO D 250 35.55 28.84 -3.16
C PRO D 250 34.31 29.09 -2.30
N ALA D 251 34.29 30.20 -1.56
CA ALA D 251 33.15 30.56 -0.75
C ALA D 251 31.98 30.95 -1.62
N ARG D 252 32.22 31.85 -2.57
CA ARG D 252 31.16 32.36 -3.43
C ARG D 252 30.68 31.32 -4.44
N VAL D 253 31.57 30.42 -4.87
CA VAL D 253 31.19 29.32 -5.76
C VAL D 253 30.40 28.25 -5.00
N ALA D 254 30.80 27.98 -3.75
CA ALA D 254 30.03 27.07 -2.89
C ALA D 254 28.60 27.58 -2.70
N LEU D 255 28.45 28.88 -2.45
CA LEU D 255 27.13 29.50 -2.34
C LEU D 255 26.28 29.30 -3.60
N GLY D 256 26.90 29.45 -4.76
CA GLY D 256 26.22 29.26 -6.03
C GLY D 256 25.83 27.82 -6.29
N ILE D 257 26.76 26.90 -6.07
CA ILE D 257 26.50 25.49 -6.31
C ILE D 257 25.33 25.01 -5.45
N THR D 258 25.45 25.22 -4.14
CA THR D 258 24.50 24.64 -3.19
C THR D 258 23.08 25.20 -3.33
N THR D 259 22.97 26.50 -3.62
CA THR D 259 21.67 27.10 -3.86
C THR D 259 21.04 26.58 -5.16
N VAL D 260 21.85 26.44 -6.21
CA VAL D 260 21.37 25.87 -7.48
C VAL D 260 20.90 24.42 -7.30
N LEU D 261 21.72 23.60 -6.65
CA LEU D 261 21.38 22.19 -6.43
C LEU D 261 20.16 22.01 -5.51
N THR D 262 20.11 22.78 -4.44
CA THR D 262 18.97 22.72 -3.53
C THR D 262 17.70 23.13 -4.25
N MET D 263 17.84 24.08 -5.16
CA MET D 263 16.70 24.57 -5.91
C MET D 263 16.16 23.54 -6.88
N THR D 264 17.03 22.69 -7.44
CA THR D 264 16.58 21.60 -8.34
C THR D 264 15.82 20.50 -7.58
N THR D 265 16.29 20.13 -6.40
CA THR D 265 15.59 19.13 -5.56
C THR D 265 14.29 19.72 -5.02
N GLN D 266 14.35 20.99 -4.62
CA GLN D 266 13.16 21.75 -4.23
C GLN D 266 12.10 21.70 -5.34
N SER D 267 12.56 21.85 -6.58
CA SER D 267 11.67 21.82 -7.73
C SER D 267 11.04 20.45 -7.99
N SER D 268 11.83 19.39 -7.95
CA SER D 268 11.25 18.04 -8.15
C SER D 268 10.37 17.64 -6.97
N GLY D 269 10.75 18.07 -5.76
CA GLY D 269 9.95 17.84 -4.56
C GLY D 269 8.58 18.50 -4.57
N SER D 270 8.45 19.61 -5.30
CA SER D 270 7.17 20.32 -5.42
C SER D 270 6.13 19.58 -6.26
N ARG D 271 6.57 18.56 -7.00
CA ARG D 271 5.70 17.76 -7.86
C ARG D 271 5.52 16.33 -7.37
N ALA D 272 6.24 15.96 -6.30
CA ALA D 272 6.35 14.55 -5.90
C ALA D 272 4.99 13.92 -5.57
N SER D 273 4.06 14.74 -5.09
CA SER D 273 2.74 14.29 -4.66
C SER D 273 1.64 14.45 -5.72
N LEU D 274 2.03 14.64 -6.98
CA LEU D 274 1.09 15.00 -8.03
C LEU D 274 1.15 14.03 -9.18
N PRO D 275 0.07 13.94 -9.97
CA PRO D 275 0.16 13.12 -11.17
C PRO D 275 1.10 13.75 -12.18
N LYS D 276 1.66 12.92 -13.05
CA LYS D 276 2.71 13.35 -13.97
C LYS D 276 2.12 14.03 -15.20
N VAL D 277 1.49 15.17 -14.97
CA VAL D 277 0.89 15.98 -16.04
C VAL D 277 1.95 16.71 -16.85
N SER D 278 1.61 16.99 -18.11
CA SER D 278 2.56 17.55 -19.06
C SER D 278 2.40 19.05 -19.29
N TYR D 279 1.60 19.72 -18.47
CA TYR D 279 1.49 21.17 -18.55
C TYR D 279 2.17 21.85 -17.37
N VAL D 280 2.43 23.15 -17.54
CA VAL D 280 3.09 23.96 -16.54
C VAL D 280 2.10 24.39 -15.48
N LYS D 281 2.46 24.23 -14.21
CA LYS D 281 1.61 24.64 -13.09
C LYS D 281 2.16 25.92 -12.49
N ALA D 282 1.39 26.55 -11.60
CA ALA D 282 1.81 27.79 -10.97
C ALA D 282 3.05 27.59 -10.09
N ILE D 283 3.11 26.49 -9.36
CA ILE D 283 4.29 26.15 -8.56
C ILE D 283 5.52 25.93 -9.43
N ASP D 284 5.35 25.42 -10.65
CA ASP D 284 6.46 25.22 -11.58
C ASP D 284 7.07 26.55 -12.03
N ILE D 285 6.22 27.53 -12.35
CA ILE D 285 6.67 28.86 -12.73
C ILE D 285 7.54 29.43 -11.62
N TRP D 286 7.04 29.37 -10.40
CA TRP D 286 7.75 29.86 -9.23
C TRP D 286 9.10 29.20 -9.02
N MET D 287 9.12 27.87 -9.05
CA MET D 287 10.37 27.13 -8.88
C MET D 287 11.36 27.42 -10.00
N ALA D 288 10.86 27.58 -11.22
CA ALA D 288 11.72 27.86 -12.36
C ALA D 288 12.37 29.26 -12.22
N VAL D 289 11.59 30.25 -11.83
CA VAL D 289 12.11 31.60 -11.68
C VAL D 289 13.09 31.64 -10.51
N CYS D 290 12.74 31.01 -9.39
CA CYS D 290 13.67 30.90 -8.27
C CYS D 290 14.98 30.24 -8.69
N LEU D 291 14.88 29.21 -9.50
CA LEU D 291 16.08 28.54 -10.03
C LEU D 291 16.91 29.49 -10.92
N LEU D 292 16.22 30.25 -11.78
CA LEU D 292 16.88 31.25 -12.61
C LEU D 292 17.66 32.29 -11.80
N PHE D 293 17.02 32.83 -10.76
CA PHE D 293 17.62 33.85 -9.91
C PHE D 293 18.89 33.35 -9.21
N VAL D 294 18.82 32.10 -8.76
CA VAL D 294 19.90 31.49 -8.02
C VAL D 294 21.07 31.10 -8.96
N PHE D 295 20.72 30.70 -10.18
CA PHE D 295 21.71 30.41 -11.22
C PHE D 295 22.38 31.70 -11.68
N SER D 296 21.59 32.76 -11.83
CA SER D 296 22.08 34.08 -12.22
C SER D 296 23.08 34.65 -11.23
N ALA D 297 22.88 34.38 -9.94
CA ALA D 297 23.80 34.84 -8.92
C ALA D 297 25.16 34.18 -9.06
N LEU D 298 25.17 32.90 -9.40
CA LEU D 298 26.42 32.18 -9.67
C LEU D 298 27.10 32.74 -10.93
N LEU D 299 26.33 32.93 -12.00
CA LEU D 299 26.86 33.53 -13.21
C LEU D 299 27.42 34.92 -12.94
N GLU D 300 26.75 35.68 -12.06
CA GLU D 300 27.24 36.98 -11.67
C GLU D 300 28.66 36.85 -11.10
N TYR D 301 28.91 35.86 -10.25
CA TYR D 301 30.27 35.68 -9.72
C TYR D 301 31.27 35.23 -10.78
N ALA D 302 30.84 34.38 -11.70
CA ALA D 302 31.70 33.97 -12.79
C ALA D 302 32.20 35.22 -13.51
N ALA D 303 31.31 36.18 -13.72
CA ALA D 303 31.64 37.42 -14.39
C ALA D 303 32.61 38.24 -13.53
N VAL D 304 32.33 38.34 -12.24
CA VAL D 304 33.17 39.07 -11.31
C VAL D 304 34.60 38.50 -11.29
N ASN D 305 34.68 37.18 -11.18
CA ASN D 305 35.96 36.49 -11.16
C ASN D 305 36.72 36.64 -12.48
N PHE D 306 35.98 36.64 -13.58
CA PHE D 306 36.56 36.70 -14.92
C PHE D 306 37.02 38.10 -15.29
N VAL D 307 36.20 39.13 -15.07
CA VAL D 307 36.59 40.49 -15.46
C VAL D 307 37.74 41.02 -14.61
N SER D 308 37.91 40.48 -13.40
CA SER D 308 38.97 40.91 -12.49
C SER D 308 40.25 40.04 -12.53
N ARG D 309 40.41 39.18 -13.54
CA ARG D 309 41.61 38.34 -13.68
C ARG D 309 42.89 39.17 -13.59
N ALA D 310 43.04 40.13 -14.49
CA ALA D 310 44.18 41.06 -14.46
C ALA D 310 43.95 41.96 -13.26
N GLY D 311 44.83 41.90 -12.27
CA GLY D 311 44.57 42.54 -10.98
C GLY D 311 44.74 44.03 -10.95
N THR D 312 44.32 44.71 -12.02
CA THR D 312 44.54 46.15 -12.19
C THR D 312 43.33 46.97 -11.77
N LYS D 313 43.56 48.18 -11.26
CA LYS D 313 42.49 49.00 -10.66
C LYS D 313 41.23 49.11 -11.52
N VAL D 314 41.40 49.37 -12.81
CA VAL D 314 40.25 49.58 -13.69
C VAL D 314 39.34 48.36 -13.79
N PHE D 315 39.93 47.17 -13.80
CA PHE D 315 39.18 45.90 -13.90
C PHE D 315 38.65 45.42 -12.54
N ILE D 316 39.39 45.67 -11.47
CA ILE D 316 38.91 45.41 -10.10
C ILE D 316 37.69 46.30 -9.83
N ASP D 317 37.74 47.56 -10.27
CA ASP D 317 36.63 48.50 -10.11
C ASP D 317 35.40 48.07 -10.88
N ARG D 318 35.61 47.53 -12.08
CA ARG D 318 34.50 47.05 -12.90
C ARG D 318 33.81 45.85 -12.26
N ALA D 319 34.62 44.93 -11.72
CA ALA D 319 34.10 43.80 -10.97
C ALA D 319 33.36 44.23 -9.71
N LYS D 320 33.90 45.21 -9.00
CA LYS D 320 33.28 45.75 -7.79
C LYS D 320 31.93 46.41 -8.12
N LYS D 321 31.80 47.04 -9.30
CA LYS D 321 30.56 47.70 -9.72
C LYS D 321 29.49 46.66 -10.00
N ILE D 322 29.89 45.53 -10.58
CA ILE D 322 28.97 44.43 -10.83
C ILE D 322 28.35 43.97 -9.51
N ASP D 323 29.17 43.81 -8.47
CA ASP D 323 28.69 43.43 -7.14
C ASP D 323 27.74 44.47 -6.54
N THR D 324 28.10 45.75 -6.59
CA THR D 324 27.28 46.78 -5.93
C THR D 324 25.91 46.94 -6.61
N ILE D 325 25.87 46.75 -7.93
CA ILE D 325 24.61 46.78 -8.66
C ILE D 325 23.77 45.55 -8.29
N SER D 326 24.42 44.38 -8.24
CA SER D 326 23.75 43.12 -7.91
C SER D 326 23.08 43.15 -6.53
N ARG D 327 23.72 43.80 -5.55
CA ARG D 327 23.13 43.94 -4.22
C ARG D 327 21.78 44.65 -4.24
N ALA D 328 21.59 45.57 -5.19
CA ALA D 328 20.33 46.29 -5.33
C ALA D 328 19.38 45.56 -6.29
N CYS D 329 19.90 45.15 -7.45
CA CYS D 329 19.05 44.70 -8.54
C CYS D 329 18.42 43.31 -8.37
N PHE D 330 19.16 42.36 -7.80
CA PHE D 330 18.61 41.02 -7.57
C PHE D 330 17.41 41.07 -6.61
N PRO D 331 17.57 41.67 -5.42
CA PRO D 331 16.40 41.80 -4.54
C PRO D 331 15.27 42.62 -5.16
N LEU D 332 15.61 43.66 -5.91
CA LEU D 332 14.60 44.50 -6.55
C LEU D 332 13.85 43.74 -7.64
N ALA D 333 14.57 43.01 -8.48
CA ALA D 333 13.97 42.24 -9.56
C ALA D 333 13.12 41.09 -9.01
N PHE D 334 13.57 40.53 -7.89
CA PHE D 334 12.83 39.45 -7.26
C PHE D 334 11.54 39.96 -6.62
N LEU D 335 11.57 41.16 -6.05
CA LEU D 335 10.38 41.80 -5.51
C LEU D 335 9.37 42.07 -6.62
N ILE D 336 9.86 42.59 -7.74
CA ILE D 336 9.00 42.86 -8.90
C ILE D 336 8.31 41.58 -9.38
N PHE D 337 9.08 40.51 -9.52
CA PHE D 337 8.51 39.21 -9.93
C PHE D 337 7.42 38.74 -8.96
N ASN D 338 7.71 38.82 -7.67
CA ASN D 338 6.72 38.55 -6.62
C ASN D 338 5.43 39.33 -6.76
N ILE D 339 5.52 40.64 -7.02
CA ILE D 339 4.33 41.44 -7.22
C ILE D 339 3.51 40.81 -8.33
N PHE D 340 4.13 40.61 -9.50
CA PHE D 340 3.43 40.04 -10.65
C PHE D 340 2.83 38.67 -10.36
N TYR D 341 3.62 37.78 -9.75
CA TYR D 341 3.19 36.41 -9.50
C TYR D 341 1.95 36.34 -8.63
N TRP D 342 2.02 36.93 -7.45
CA TRP D 342 0.90 36.88 -6.50
C TRP D 342 -0.35 37.62 -7.01
N VAL D 343 -0.15 38.77 -7.63
CA VAL D 343 -1.27 39.52 -8.18
C VAL D 343 -1.99 38.72 -9.27
N ILE D 344 -1.24 38.07 -10.15
CA ILE D 344 -1.84 37.28 -11.22
C ILE D 344 -2.71 36.13 -10.68
N TYR D 345 -2.14 35.31 -9.80
CA TYR D 345 -2.84 34.12 -9.32
C TYR D 345 -3.85 34.39 -8.21
N LYS D 346 -3.47 35.20 -7.21
CA LYS D 346 -4.31 35.44 -6.03
C LYS D 346 -5.06 36.79 -6.06
N ILE D 347 -5.40 37.30 -7.26
CA ILE D 347 -6.14 38.58 -7.37
C ILE D 347 -6.54 38.93 -8.82
N MET E 8 -51.86 -10.60 -21.12
CA MET E 8 -51.21 -11.59 -20.20
C MET E 8 -50.32 -10.86 -19.19
N SER E 9 -50.50 -11.18 -17.90
CA SER E 9 -49.73 -10.52 -16.87
C SER E 9 -48.24 -10.86 -17.02
N PRO E 10 -47.36 -9.90 -16.72
CA PRO E 10 -45.94 -10.18 -16.80
C PRO E 10 -45.51 -11.40 -16.00
N SER E 11 -46.07 -11.59 -14.80
CA SER E 11 -45.72 -12.74 -13.96
C SER E 11 -45.95 -14.04 -14.70
N ASP E 12 -47.14 -14.20 -15.28
CA ASP E 12 -47.47 -15.42 -16.03
C ASP E 12 -46.59 -15.56 -17.25
N PHE E 13 -46.32 -14.45 -17.93
CA PHE E 13 -45.48 -14.47 -19.12
C PHE E 13 -44.07 -14.96 -18.79
N LEU E 14 -43.45 -14.40 -17.76
CA LEU E 14 -42.11 -14.84 -17.37
C LEU E 14 -42.10 -16.29 -16.90
N ASP E 15 -43.19 -16.70 -16.26
CA ASP E 15 -43.37 -18.09 -15.87
C ASP E 15 -43.36 -19.02 -17.10
N LYS E 16 -44.13 -18.66 -18.14
CA LYS E 16 -44.24 -19.48 -19.35
C LYS E 16 -42.99 -19.39 -20.24
N LEU E 17 -42.23 -18.31 -20.13
CA LEU E 17 -41.08 -18.11 -21.02
C LEU E 17 -39.80 -18.76 -20.52
N MET E 18 -39.52 -18.56 -19.24
CA MET E 18 -38.25 -19.01 -18.65
C MET E 18 -38.36 -19.52 -17.22
N GLY E 19 -39.56 -19.54 -16.65
CA GLY E 19 -39.77 -19.98 -15.27
C GLY E 19 -40.35 -21.39 -15.15
N ARG E 20 -41.03 -21.64 -14.04
CA ARG E 20 -41.55 -22.96 -13.67
C ARG E 20 -42.24 -23.73 -14.81
N THR E 21 -43.17 -23.10 -15.51
CA THR E 21 -43.96 -23.82 -16.52
C THR E 21 -43.37 -23.81 -17.92
N SER E 22 -42.15 -23.28 -18.08
CA SER E 22 -41.58 -23.06 -19.42
C SER E 22 -40.87 -24.27 -20.01
N GLY E 23 -40.28 -25.10 -19.16
CA GLY E 23 -39.40 -26.17 -19.63
C GLY E 23 -38.03 -25.67 -20.09
N TYR E 24 -37.72 -24.41 -19.82
CA TYR E 24 -36.47 -23.81 -20.26
C TYR E 24 -35.34 -24.29 -19.35
N ASP E 25 -34.26 -24.76 -19.97
CA ASP E 25 -33.08 -25.22 -19.25
C ASP E 25 -31.89 -24.34 -19.64
N ALA E 26 -31.46 -23.49 -18.71
CA ALA E 26 -30.35 -22.56 -18.96
C ALA E 26 -29.00 -23.24 -19.16
N ARG E 27 -28.93 -24.53 -18.83
CA ARG E 27 -27.73 -25.33 -19.07
C ARG E 27 -27.57 -25.79 -20.51
N ILE E 28 -28.53 -25.47 -21.36
CA ILE E 28 -28.51 -25.83 -22.77
C ILE E 28 -28.42 -24.56 -23.59
N ARG E 29 -27.49 -24.52 -24.52
CA ARG E 29 -27.30 -23.35 -25.37
C ARG E 29 -28.38 -23.29 -26.43
N PRO E 30 -28.63 -22.10 -26.99
CA PRO E 30 -29.49 -21.96 -28.17
C PRO E 30 -29.00 -22.82 -29.34
N ASN E 31 -29.92 -23.53 -30.00
CA ASN E 31 -29.60 -24.40 -31.14
C ASN E 31 -28.52 -25.41 -30.82
N PHE E 32 -28.66 -26.16 -29.74
CA PHE E 32 -27.51 -26.93 -29.23
C PHE E 32 -27.06 -28.07 -30.16
N LYS E 33 -27.98 -28.62 -30.93
CA LYS E 33 -27.60 -29.61 -31.94
C LYS E 33 -27.22 -28.98 -33.27
N GLY E 34 -27.35 -27.66 -33.37
CA GLY E 34 -27.08 -26.93 -34.61
C GLY E 34 -25.74 -26.21 -34.61
N PRO E 35 -25.63 -25.19 -35.47
CA PRO E 35 -24.37 -24.45 -35.54
C PRO E 35 -24.10 -23.63 -34.29
N PRO E 36 -22.86 -23.12 -34.14
CA PRO E 36 -22.45 -22.37 -32.97
C PRO E 36 -23.29 -21.13 -32.75
N VAL E 37 -23.46 -20.74 -31.49
CA VAL E 37 -24.10 -19.48 -31.16
C VAL E 37 -23.19 -18.33 -31.59
N GLN E 38 -23.75 -17.40 -32.34
CA GLN E 38 -23.03 -16.23 -32.81
C GLN E 38 -23.29 -15.11 -31.82
N VAL E 39 -22.27 -14.72 -31.07
CA VAL E 39 -22.39 -13.63 -30.12
C VAL E 39 -21.70 -12.41 -30.70
N THR E 40 -22.37 -11.27 -30.61
CA THR E 40 -21.82 -10.01 -31.06
C THR E 40 -21.54 -9.12 -29.87
N CYS E 41 -20.35 -8.51 -29.84
CA CYS E 41 -19.91 -7.75 -28.68
C CYS E 41 -19.63 -6.29 -29.02
N ASN E 42 -19.96 -5.40 -28.10
CA ASN E 42 -19.43 -4.05 -28.13
C ASN E 42 -19.16 -3.57 -26.70
N ILE E 43 -18.23 -2.62 -26.55
CA ILE E 43 -17.93 -2.08 -25.24
C ILE E 43 -18.05 -0.56 -25.25
N PHE E 44 -18.48 -0.01 -24.13
CA PHE E 44 -18.44 1.42 -23.89
C PHE E 44 -17.39 1.63 -22.81
N ILE E 45 -16.39 2.45 -23.09
CA ILE E 45 -15.34 2.72 -22.14
C ILE E 45 -15.70 3.93 -21.31
N ASN E 46 -16.05 3.68 -20.07
CA ASN E 46 -16.54 4.70 -19.17
C ASN E 46 -15.37 5.40 -18.50
N SER E 47 -14.24 4.71 -18.43
CA SER E 47 -13.06 5.20 -17.71
C SER E 47 -11.84 4.35 -18.08
N PHE E 48 -10.65 4.97 -18.07
CA PHE E 48 -9.43 4.36 -18.60
C PHE E 48 -8.23 5.02 -17.95
N GLY E 49 -7.48 4.30 -17.14
CA GLY E 49 -6.43 4.93 -16.35
C GLY E 49 -5.57 3.94 -15.58
N SER E 50 -4.96 4.41 -14.50
CA SER E 50 -4.02 3.62 -13.71
C SER E 50 -3.06 2.85 -14.58
N ILE E 51 -2.50 3.52 -15.58
CA ILE E 51 -1.51 2.91 -16.44
C ILE E 51 -0.19 2.86 -15.70
N ALA E 52 0.19 1.67 -15.25
CA ALA E 52 1.35 1.47 -14.41
C ALA E 52 2.48 0.74 -15.16
N GLU E 53 3.64 1.37 -15.25
CA GLU E 53 4.80 0.76 -15.90
C GLU E 53 5.40 -0.34 -15.03
N THR E 54 5.35 -0.15 -13.71
CA THR E 54 5.98 -1.08 -12.77
C THR E 54 5.30 -2.44 -12.77
N THR E 55 3.99 -2.43 -12.58
CA THR E 55 3.18 -3.64 -12.61
C THR E 55 2.73 -3.98 -14.03
N MET E 56 2.98 -3.09 -14.97
CA MET E 56 2.82 -3.41 -16.40
C MET E 56 1.36 -3.74 -16.73
N ASP E 57 0.46 -2.83 -16.35
CA ASP E 57 -0.97 -3.05 -16.51
C ASP E 57 -1.75 -1.74 -16.56
N TYR E 58 -3.05 -1.83 -16.83
CA TYR E 58 -3.92 -0.66 -16.84
C TYR E 58 -5.32 -1.04 -16.40
N ARG E 59 -6.14 -0.03 -16.11
CA ARG E 59 -7.46 -0.25 -15.57
C ARG E 59 -8.55 0.40 -16.45
N VAL E 60 -9.66 -0.30 -16.63
CA VAL E 60 -10.80 0.26 -17.35
C VAL E 60 -12.08 -0.01 -16.59
N ASN E 61 -13.02 0.91 -16.73
CA ASN E 61 -14.40 0.68 -16.35
C ASN E 61 -15.19 0.66 -17.64
N ILE E 62 -15.90 -0.43 -17.91
CA ILE E 62 -16.64 -0.57 -19.16
C ILE E 62 -18.05 -1.07 -18.97
N PHE E 63 -18.88 -0.81 -19.98
CA PHE E 63 -20.13 -1.56 -20.15
C PHE E 63 -19.83 -2.57 -21.24
N LEU E 64 -19.97 -3.86 -20.91
CA LEU E 64 -19.80 -4.91 -21.88
C LEU E 64 -21.18 -5.31 -22.40
N ARG E 65 -21.35 -5.24 -23.71
CA ARG E 65 -22.63 -5.58 -24.36
C ARG E 65 -22.47 -6.85 -25.18
N GLN E 66 -23.34 -7.82 -24.93
CA GLN E 66 -23.36 -9.06 -25.69
C GLN E 66 -24.73 -9.24 -26.32
N LYS E 67 -24.73 -9.67 -27.58
CA LYS E 67 -25.98 -9.89 -28.32
C LYS E 67 -25.97 -11.26 -28.97
N TRP E 68 -27.08 -11.98 -28.87
CA TRP E 68 -27.20 -13.27 -29.51
C TRP E 68 -28.66 -13.66 -29.62
N ASN E 69 -28.95 -14.71 -30.39
CA ASN E 69 -30.33 -15.15 -30.56
C ASN E 69 -30.63 -16.43 -29.80
N ASP E 70 -31.74 -16.43 -29.09
CA ASP E 70 -32.22 -17.62 -28.39
C ASP E 70 -33.68 -17.87 -28.78
N PRO E 71 -33.92 -18.79 -29.73
CA PRO E 71 -35.27 -19.07 -30.21
C PRO E 71 -36.30 -19.34 -29.11
N ARG E 72 -35.87 -19.92 -28.00
CA ARG E 72 -36.76 -20.22 -26.87
C ARG E 72 -37.35 -18.94 -26.23
N LEU E 73 -36.71 -17.79 -26.43
CA LEU E 73 -37.18 -16.55 -25.83
C LEU E 73 -37.99 -15.66 -26.79
N ALA E 74 -38.22 -16.12 -28.01
CA ALA E 74 -39.14 -15.43 -28.92
C ALA E 74 -40.55 -15.37 -28.29
N TYR E 75 -41.25 -14.27 -28.53
CA TYR E 75 -42.60 -14.07 -27.99
C TYR E 75 -43.54 -13.42 -29.02
N SER E 76 -44.83 -13.72 -28.89
CA SER E 76 -45.88 -13.05 -29.67
C SER E 76 -46.98 -12.44 -28.79
N GLU E 77 -46.86 -12.59 -27.47
CA GLU E 77 -47.92 -12.19 -26.54
C GLU E 77 -48.07 -10.67 -26.43
N TYR E 78 -47.03 -9.93 -26.82
CA TYR E 78 -47.09 -8.47 -26.79
C TYR E 78 -46.64 -7.89 -28.14
N PRO E 79 -47.20 -6.74 -28.51
CA PRO E 79 -46.80 -6.09 -29.76
C PRO E 79 -45.44 -5.40 -29.69
N ASP E 80 -44.91 -5.23 -28.48
CA ASP E 80 -43.66 -4.52 -28.24
C ASP E 80 -42.49 -5.23 -28.94
N ASP E 81 -41.72 -4.47 -29.71
CA ASP E 81 -40.50 -4.97 -30.37
C ASP E 81 -39.52 -5.59 -29.40
N SER E 82 -39.39 -4.99 -28.22
CA SER E 82 -38.54 -5.52 -27.18
C SER E 82 -39.15 -5.36 -25.79
N LEU E 83 -38.64 -6.15 -24.86
CA LEU E 83 -39.04 -6.07 -23.45
C LEU E 83 -37.81 -5.88 -22.59
N ASP E 84 -37.86 -4.87 -21.71
CA ASP E 84 -36.80 -4.67 -20.72
C ASP E 84 -37.16 -5.48 -19.48
N LEU E 85 -36.30 -6.41 -19.10
CA LEU E 85 -36.59 -7.35 -18.02
C LEU E 85 -35.74 -7.06 -16.81
N ASP E 86 -36.28 -7.37 -15.64
CA ASP E 86 -35.54 -7.23 -14.40
C ASP E 86 -34.31 -8.15 -14.47
N PRO E 87 -33.12 -7.63 -14.12
CA PRO E 87 -31.90 -8.41 -14.27
C PRO E 87 -31.80 -9.66 -13.42
N SER E 88 -32.67 -9.82 -12.42
CA SER E 88 -32.74 -11.09 -11.68
C SER E 88 -33.10 -12.27 -12.61
N MET E 89 -33.74 -11.98 -13.74
CA MET E 89 -34.04 -13.01 -14.72
C MET E 89 -32.84 -13.54 -15.49
N LEU E 90 -31.70 -12.85 -15.39
CA LEU E 90 -30.46 -13.34 -16.01
C LEU E 90 -30.03 -14.70 -15.49
N ASP E 91 -30.33 -15.01 -14.23
CA ASP E 91 -29.99 -16.32 -13.66
C ASP E 91 -30.83 -17.44 -14.28
N SER E 92 -31.97 -17.10 -14.86
CA SER E 92 -32.83 -18.09 -15.49
C SER E 92 -32.56 -18.34 -16.98
N ILE E 93 -31.72 -17.54 -17.62
CA ILE E 93 -31.46 -17.77 -19.06
C ILE E 93 -30.03 -18.22 -19.31
N TRP E 94 -29.82 -18.86 -20.46
CA TRP E 94 -28.50 -19.20 -20.90
C TRP E 94 -27.81 -17.91 -21.28
N LYS E 95 -26.51 -17.83 -21.02
CA LYS E 95 -25.71 -16.75 -21.54
C LYS E 95 -24.28 -17.19 -21.77
N PRO E 96 -23.55 -16.48 -22.65
CA PRO E 96 -22.17 -16.86 -22.95
C PRO E 96 -21.28 -16.74 -21.72
N ASP E 97 -20.14 -17.43 -21.74
CA ASP E 97 -19.21 -17.48 -20.61
C ASP E 97 -17.95 -16.67 -20.92
N LEU E 98 -18.15 -15.44 -21.35
CA LEU E 98 -17.06 -14.58 -21.78
C LEU E 98 -16.18 -14.27 -20.59
N PHE E 99 -14.87 -14.41 -20.76
CA PHE E 99 -13.93 -13.91 -19.76
C PHE E 99 -12.85 -13.12 -20.47
N PHE E 100 -12.09 -12.34 -19.70
CA PHE E 100 -11.01 -11.54 -20.28
C PHE E 100 -9.70 -12.23 -20.03
N ALA E 101 -9.06 -12.64 -21.13
CA ALA E 101 -7.92 -13.53 -21.03
C ALA E 101 -6.70 -12.89 -20.40
N ASN E 102 -6.55 -11.58 -20.57
CA ASN E 102 -5.40 -10.87 -20.01
C ASN E 102 -5.78 -10.04 -18.79
N GLU E 103 -6.84 -10.47 -18.12
CA GLU E 103 -7.30 -9.80 -16.91
C GLU E 103 -6.54 -10.30 -15.69
N LYS E 104 -6.01 -9.36 -14.90
CA LYS E 104 -5.39 -9.65 -13.62
C LYS E 104 -6.35 -9.47 -12.46
N GLY E 105 -7.31 -8.58 -12.61
CA GLY E 105 -8.34 -8.33 -11.62
C GLY E 105 -9.61 -7.86 -12.29
N ALA E 106 -10.75 -8.25 -11.75
CA ALA E 106 -12.02 -7.94 -12.37
C ALA E 106 -13.11 -8.00 -11.33
N ASN E 107 -14.02 -7.02 -11.34
CA ASN E 107 -15.17 -7.08 -10.47
C ASN E 107 -16.44 -6.57 -11.11
N PHE E 108 -17.56 -7.09 -10.62
CA PHE E 108 -18.86 -6.58 -10.97
C PHE E 108 -19.15 -5.36 -10.12
N HIS E 109 -20.26 -4.70 -10.39
CA HIS E 109 -20.70 -3.54 -9.64
C HIS E 109 -22.08 -3.82 -9.15
N GLU E 110 -22.26 -3.70 -7.83
CA GLU E 110 -23.51 -4.12 -7.19
C GLU E 110 -24.21 -3.00 -6.40
N VAL E 111 -23.69 -1.78 -6.49
CA VAL E 111 -24.28 -0.63 -5.80
C VAL E 111 -25.04 0.24 -6.80
N THR E 112 -26.29 0.62 -6.53
CA THR E 112 -27.10 0.20 -5.38
C THR E 112 -27.82 -1.11 -5.66
N THR E 113 -27.81 -1.54 -6.92
CA THR E 113 -28.28 -2.89 -7.30
C THR E 113 -27.32 -3.38 -8.38
N ASP E 114 -27.52 -4.59 -8.88
CA ASP E 114 -26.60 -5.14 -9.87
C ASP E 114 -26.62 -4.26 -11.11
N ASN E 115 -25.43 -3.81 -11.52
CA ASN E 115 -25.29 -2.96 -12.69
C ASN E 115 -25.35 -3.86 -13.94
N LYS E 116 -26.56 -4.33 -14.25
CA LYS E 116 -26.79 -5.24 -15.36
C LYS E 116 -28.09 -4.87 -16.07
N LEU E 117 -28.13 -5.19 -17.34
CA LEU E 117 -29.27 -4.87 -18.18
C LEU E 117 -29.62 -6.07 -19.03
N LEU E 118 -30.91 -6.38 -19.13
CA LEU E 118 -31.39 -7.49 -19.96
C LEU E 118 -32.59 -7.06 -20.79
N ARG E 119 -32.47 -7.18 -22.10
CA ARG E 119 -33.52 -6.81 -23.05
C ARG E 119 -33.71 -7.97 -24.03
N ILE E 120 -34.96 -8.41 -24.22
CA ILE E 120 -35.25 -9.45 -25.20
C ILE E 120 -36.18 -8.90 -26.29
N PHE E 121 -36.08 -9.47 -27.48
CA PHE E 121 -36.83 -9.00 -28.65
C PHE E 121 -37.81 -10.07 -29.14
N LYS E 122 -38.83 -9.66 -29.89
CA LYS E 122 -39.86 -10.55 -30.46
C LYS E 122 -39.30 -11.84 -31.04
N ASN E 123 -38.26 -11.70 -31.85
CA ASN E 123 -37.62 -12.84 -32.49
C ASN E 123 -36.66 -13.66 -31.62
N GLY E 124 -36.56 -13.34 -30.32
CA GLY E 124 -35.70 -14.06 -29.41
C GLY E 124 -34.27 -13.54 -29.31
N ASN E 125 -33.95 -12.45 -29.99
CA ASN E 125 -32.66 -11.81 -29.75
C ASN E 125 -32.56 -11.39 -28.28
N VAL E 126 -31.34 -11.39 -27.77
CA VAL E 126 -31.05 -10.93 -26.43
C VAL E 126 -29.98 -9.84 -26.49
N LEU E 127 -30.16 -8.81 -25.68
CA LEU E 127 -29.13 -7.81 -25.42
C LEU E 127 -28.83 -7.85 -23.92
N TYR E 128 -27.55 -8.04 -23.59
CA TYR E 128 -27.13 -8.22 -22.21
C TYR E 128 -25.97 -7.27 -21.97
N SER E 129 -26.15 -6.31 -21.09
CA SER E 129 -25.09 -5.38 -20.80
C SER E 129 -24.73 -5.44 -19.32
N ILE E 130 -23.43 -5.39 -19.05
CA ILE E 130 -22.95 -5.45 -17.69
C ILE E 130 -21.77 -4.53 -17.47
N ARG E 131 -21.77 -3.87 -16.33
CA ARG E 131 -20.71 -2.98 -15.97
C ARG E 131 -19.58 -3.70 -15.25
N LEU E 132 -18.35 -3.46 -15.68
CA LEU E 132 -17.19 -4.14 -15.14
C LEU E 132 -16.01 -3.21 -14.95
N THR E 133 -15.22 -3.52 -13.94
CA THR E 133 -13.93 -2.89 -13.76
C THR E 133 -12.89 -3.99 -13.97
N LEU E 134 -11.91 -3.70 -14.82
CA LEU E 134 -10.89 -4.66 -15.18
C LEU E 134 -9.50 -4.07 -15.03
N THR E 135 -8.61 -4.84 -14.42
CA THR E 135 -7.20 -4.56 -14.50
C THR E 135 -6.64 -5.53 -15.50
N LEU E 136 -6.14 -5.01 -16.60
CA LEU E 136 -5.66 -5.83 -17.71
C LEU E 136 -4.16 -5.66 -17.83
N SER E 137 -3.48 -6.73 -18.23
CA SER E 137 -2.05 -6.70 -18.37
C SER E 137 -1.66 -6.06 -19.69
N CYS E 138 -0.63 -5.23 -19.67
CA CYS E 138 -0.13 -4.54 -20.86
C CYS E 138 1.39 -4.57 -20.81
N PRO E 139 2.01 -5.61 -21.35
CA PRO E 139 3.48 -5.67 -21.51
C PRO E 139 4.01 -4.50 -22.33
N MET E 140 4.94 -3.76 -21.76
CA MET E 140 5.42 -2.54 -22.39
C MET E 140 6.84 -2.68 -22.92
N ASP E 141 7.10 -2.03 -24.06
CA ASP E 141 8.44 -1.90 -24.59
C ASP E 141 8.92 -0.49 -24.28
N LEU E 142 9.90 -0.36 -23.40
CA LEU E 142 10.36 0.95 -22.97
C LEU E 142 11.65 1.46 -23.64
N LYS E 143 12.08 0.86 -24.75
CA LYS E 143 13.33 1.24 -25.41
C LYS E 143 13.40 2.76 -25.68
N ASN E 144 12.29 3.33 -26.15
CA ASN E 144 12.22 4.75 -26.47
C ASN E 144 11.68 5.65 -25.36
N PHE E 145 11.47 5.10 -24.18
CA PHE E 145 10.95 5.88 -23.07
C PHE E 145 11.86 7.10 -22.82
N PRO E 146 11.29 8.29 -22.65
CA PRO E 146 9.87 8.52 -22.51
C PRO E 146 9.22 9.06 -23.78
N MET E 147 9.79 8.76 -24.94
CA MET E 147 9.17 9.09 -26.21
C MET E 147 8.53 7.85 -26.84
N ASP E 148 7.94 7.02 -25.99
CA ASP E 148 7.45 5.70 -26.37
C ASP E 148 5.97 5.73 -26.66
N VAL E 149 5.53 4.78 -27.46
CA VAL E 149 4.11 4.56 -27.69
C VAL E 149 3.85 3.10 -27.32
N GLN E 150 2.79 2.85 -26.57
CA GLN E 150 2.47 1.51 -26.11
C GLN E 150 1.18 1.02 -26.75
N THR E 151 1.06 -0.30 -26.87
CA THR E 151 -0.16 -0.92 -27.35
C THR E 151 -0.73 -1.82 -26.27
N CYS E 152 -1.89 -1.47 -25.75
CA CYS E 152 -2.52 -2.23 -24.72
C CYS E 152 -3.73 -2.94 -25.29
N ILE E 153 -3.88 -4.21 -24.94
CA ILE E 153 -4.93 -5.02 -25.55
C ILE E 153 -5.96 -5.46 -24.53
N MET E 154 -7.11 -5.87 -25.04
CA MET E 154 -8.17 -6.44 -24.23
C MET E 154 -8.69 -7.65 -25.00
N GLN E 155 -8.57 -8.84 -24.42
CA GLN E 155 -9.01 -10.06 -25.08
C GLN E 155 -10.28 -10.64 -24.49
N LEU E 156 -11.29 -10.87 -25.32
CA LEU E 156 -12.57 -11.43 -24.88
C LEU E 156 -12.68 -12.85 -25.39
N GLU E 157 -12.76 -13.81 -24.49
CA GLU E 157 -12.60 -15.22 -24.82
C GLU E 157 -13.70 -16.07 -24.16
N SER E 158 -14.03 -17.22 -24.76
CA SER E 158 -14.89 -18.19 -24.10
C SER E 158 -14.01 -19.14 -23.29
N PHE E 159 -14.42 -19.43 -22.06
CA PHE E 159 -13.63 -20.33 -21.23
C PHE E 159 -13.94 -21.79 -21.50
N GLY E 160 -15.22 -22.10 -21.68
CA GLY E 160 -15.68 -23.50 -21.72
C GLY E 160 -16.30 -24.02 -23.00
N TYR E 161 -16.66 -23.12 -23.91
CA TYR E 161 -17.27 -23.50 -25.19
C TYR E 161 -16.24 -23.45 -26.27
N THR E 162 -16.13 -24.54 -27.03
CA THR E 162 -15.26 -24.56 -28.20
C THR E 162 -15.94 -23.89 -29.40
N MET E 163 -15.16 -23.67 -30.46
CA MET E 163 -15.64 -22.92 -31.63
C MET E 163 -16.83 -23.56 -32.35
N ASN E 164 -17.03 -24.86 -32.13
CA ASN E 164 -18.18 -25.53 -32.72
C ASN E 164 -19.47 -25.27 -31.96
N ASP E 165 -19.37 -24.76 -30.73
CA ASP E 165 -20.53 -24.41 -29.93
C ASP E 165 -20.75 -22.90 -29.75
N LEU E 166 -19.67 -22.10 -29.76
CA LEU E 166 -19.76 -20.65 -29.48
C LEU E 166 -18.69 -19.81 -30.18
N ILE E 167 -19.12 -18.68 -30.75
CA ILE E 167 -18.25 -17.80 -31.52
C ILE E 167 -18.53 -16.33 -31.20
N PHE E 168 -17.46 -15.60 -30.86
CA PHE E 168 -17.55 -14.17 -30.60
C PHE E 168 -17.12 -13.41 -31.84
N GLU E 169 -17.70 -12.22 -31.99
CA GLU E 169 -17.47 -11.35 -33.11
C GLU E 169 -17.70 -9.93 -32.64
N TRP E 170 -16.85 -8.99 -33.03
CA TRP E 170 -17.16 -7.58 -32.78
C TRP E 170 -18.33 -7.17 -33.65
N GLN E 171 -19.20 -6.33 -33.10
CA GLN E 171 -20.26 -5.64 -33.82
C GLN E 171 -19.70 -4.87 -35.02
N ASP E 172 -20.50 -4.78 -36.09
CA ASP E 172 -20.06 -4.05 -37.29
C ASP E 172 -19.97 -2.55 -37.04
N GLU E 173 -21.06 -1.95 -36.55
CA GLU E 173 -21.12 -0.50 -36.30
C GLU E 173 -20.61 -0.14 -34.90
N ALA E 174 -19.55 0.66 -34.85
CA ALA E 174 -19.00 1.26 -33.63
C ALA E 174 -18.91 0.27 -32.46
N PRO E 175 -18.04 -0.74 -32.58
CA PRO E 175 -17.89 -1.77 -31.55
C PRO E 175 -17.27 -1.28 -30.25
N VAL E 176 -16.51 -0.19 -30.31
CA VAL E 176 -15.85 0.36 -29.13
C VAL E 176 -16.15 1.84 -29.05
N GLN E 177 -16.97 2.24 -28.10
CA GLN E 177 -17.28 3.64 -27.88
C GLN E 177 -16.49 4.12 -26.67
N VAL E 178 -16.11 5.39 -26.65
CA VAL E 178 -15.36 5.97 -25.54
C VAL E 178 -16.12 7.18 -25.04
N ALA E 179 -16.26 7.31 -23.73
CA ALA E 179 -17.03 8.42 -23.15
C ALA E 179 -16.46 9.77 -23.60
N GLU E 180 -17.35 10.73 -23.87
CA GLU E 180 -16.92 12.05 -24.35
C GLU E 180 -16.07 12.76 -23.29
N GLY E 181 -14.96 13.35 -23.74
CA GLY E 181 -14.10 14.14 -22.86
C GLY E 181 -13.20 13.32 -21.95
N LEU E 182 -13.08 12.02 -22.21
CA LEU E 182 -12.18 11.18 -21.46
C LEU E 182 -10.73 11.51 -21.82
N THR E 183 -9.93 11.87 -20.83
CA THR E 183 -8.50 12.11 -21.04
C THR E 183 -7.65 11.38 -20.02
N LEU E 184 -6.36 11.24 -20.35
CA LEU E 184 -5.38 10.60 -19.48
C LEU E 184 -4.26 11.61 -19.25
N PRO E 185 -3.80 11.76 -18.00
CA PRO E 185 -2.75 12.76 -17.71
C PRO E 185 -1.43 12.55 -18.46
N GLN E 186 -0.98 11.30 -18.56
CA GLN E 186 0.33 10.96 -19.15
C GLN E 186 0.29 10.57 -20.62
N PHE E 187 -0.88 10.18 -21.14
CA PHE E 187 -0.97 9.62 -22.48
C PHE E 187 -2.05 10.26 -23.33
N LEU E 188 -1.90 10.11 -24.64
CA LEU E 188 -2.99 10.36 -25.58
C LEU E 188 -3.49 9.02 -26.04
N LEU E 189 -4.79 8.79 -25.88
CA LEU E 189 -5.41 7.60 -26.41
C LEU E 189 -5.81 7.89 -27.84
N LYS E 190 -5.24 7.17 -28.80
CA LYS E 190 -5.53 7.41 -30.21
C LYS E 190 -6.95 6.97 -30.57
N GLU E 191 -7.53 7.67 -31.53
CA GLU E 191 -8.89 7.41 -31.97
C GLU E 191 -9.02 6.04 -32.65
N GLU E 192 -7.99 5.65 -33.40
CA GLU E 192 -8.00 4.37 -34.11
C GLU E 192 -7.67 3.19 -33.17
N LYS E 193 -8.60 2.24 -33.10
CA LYS E 193 -8.41 0.99 -32.34
C LYS E 193 -8.42 -0.20 -33.28
N ASP E 194 -7.42 -1.08 -33.17
CA ASP E 194 -7.35 -2.26 -34.03
C ASP E 194 -8.24 -3.36 -33.45
N LEU E 195 -9.03 -3.99 -34.31
CA LEU E 195 -9.81 -5.16 -33.93
C LEU E 195 -9.24 -6.39 -34.59
N ARG E 196 -9.12 -7.48 -33.86
CA ARG E 196 -8.66 -8.72 -34.51
C ARG E 196 -9.06 -9.94 -33.71
N TYR E 197 -8.73 -11.09 -34.29
CA TYR E 197 -8.93 -12.37 -33.65
C TYR E 197 -7.69 -12.84 -32.93
N CYS E 198 -7.89 -13.49 -31.79
CA CYS E 198 -6.83 -14.08 -30.99
C CYS E 198 -7.19 -15.53 -30.72
N THR E 199 -7.80 -16.21 -31.70
CA THR E 199 -8.29 -17.58 -31.50
C THR E 199 -7.27 -18.43 -30.76
N LYS E 200 -7.73 -19.10 -29.70
CA LYS E 200 -6.84 -19.82 -28.80
C LYS E 200 -6.89 -21.32 -29.06
N HIS E 201 -5.71 -21.95 -29.04
CA HIS E 201 -5.59 -23.38 -29.14
C HIS E 201 -4.90 -23.92 -27.88
N TYR E 202 -5.66 -24.54 -27.00
CA TYR E 202 -5.09 -25.18 -25.82
C TYR E 202 -5.18 -26.68 -25.98
N ASN E 203 -4.60 -27.44 -25.06
CA ASN E 203 -4.75 -28.91 -25.07
C ASN E 203 -6.18 -29.36 -24.76
N THR E 204 -7.06 -28.42 -24.41
CA THR E 204 -8.47 -28.68 -24.14
C THR E 204 -9.36 -28.37 -25.34
N GLY E 205 -8.78 -27.80 -26.41
CA GLY E 205 -9.53 -27.48 -27.61
C GLY E 205 -9.26 -26.09 -28.15
N LYS E 206 -10.17 -25.66 -29.03
CA LYS E 206 -10.02 -24.43 -29.79
C LYS E 206 -11.11 -23.46 -29.35
N PHE E 207 -10.73 -22.25 -28.96
CA PHE E 207 -11.65 -21.33 -28.29
C PHE E 207 -11.68 -19.96 -28.94
N THR E 208 -12.89 -19.46 -29.16
CA THR E 208 -13.13 -18.14 -29.73
C THR E 208 -12.52 -17.04 -28.86
N CYS E 209 -11.95 -16.03 -29.50
CA CYS E 209 -11.26 -14.96 -28.80
C CYS E 209 -11.17 -13.78 -29.75
N ILE E 210 -11.68 -12.64 -29.32
CA ILE E 210 -11.53 -11.41 -30.09
C ILE E 210 -10.82 -10.39 -29.22
N GLU E 211 -10.22 -9.41 -29.87
CA GLU E 211 -9.23 -8.56 -29.26
C GLU E 211 -9.44 -7.14 -29.74
N VAL E 212 -9.25 -6.19 -28.85
CA VAL E 212 -9.17 -4.78 -29.26
C VAL E 212 -7.84 -4.25 -28.78
N ARG E 213 -7.19 -3.44 -29.62
CA ARG E 213 -5.89 -2.85 -29.27
C ARG E 213 -6.00 -1.35 -29.19
N PHE E 214 -5.51 -0.78 -28.10
CA PHE E 214 -5.49 0.65 -27.91
C PHE E 214 -4.07 1.15 -28.07
N HIS E 215 -3.91 2.31 -28.69
CA HIS E 215 -2.60 2.92 -28.86
C HIS E 215 -2.47 4.14 -27.96
N LEU E 216 -1.44 4.14 -27.12
CA LEU E 216 -1.22 5.17 -26.13
C LEU E 216 0.10 5.85 -26.40
N GLU E 217 0.05 7.16 -26.67
CA GLU E 217 1.24 7.94 -26.97
C GLU E 217 1.61 8.75 -25.73
N ARG E 218 2.81 8.54 -25.20
CA ARG E 218 3.24 9.22 -23.98
C ARG E 218 3.50 10.69 -24.25
N GLN E 219 2.99 11.56 -23.38
CA GLN E 219 3.16 12.99 -23.49
C GLN E 219 4.52 13.39 -22.93
N MET E 220 5.19 14.30 -23.63
CA MET E 220 6.59 14.64 -23.41
C MET E 220 6.81 15.68 -22.29
N GLY E 221 5.85 16.59 -22.15
CA GLY E 221 5.98 17.74 -21.24
C GLY E 221 6.52 17.46 -19.85
N TYR E 222 5.94 16.48 -19.17
CA TYR E 222 6.39 16.15 -17.82
C TYR E 222 7.89 15.86 -17.75
N TYR E 223 8.41 15.19 -18.78
CA TYR E 223 9.80 14.76 -18.77
C TYR E 223 10.77 15.90 -19.10
N LEU E 224 10.31 16.90 -19.85
CA LEU E 224 11.09 18.10 -20.04
C LEU E 224 11.27 18.80 -18.70
N ILE E 225 10.19 18.95 -17.95
CA ILE E 225 10.22 19.69 -16.68
C ILE E 225 11.00 18.95 -15.59
N GLN E 226 10.84 17.64 -15.54
CA GLN E 226 11.28 16.84 -14.42
C GLN E 226 12.70 16.31 -14.59
N MET E 227 13.13 16.18 -15.85
CA MET E 227 14.24 15.29 -16.18
C MET E 227 15.23 15.94 -17.16
N TYR E 228 14.75 16.34 -18.33
CA TYR E 228 15.62 16.85 -19.39
C TYR E 228 16.19 18.23 -19.08
N ILE E 229 15.32 19.16 -18.71
CA ILE E 229 15.76 20.52 -18.40
C ILE E 229 16.62 20.59 -17.14
N PRO E 230 16.19 19.97 -16.04
CA PRO E 230 17.10 19.94 -14.88
C PRO E 230 18.50 19.38 -15.17
N SER E 231 18.58 18.32 -15.96
CA SER E 231 19.88 17.73 -16.32
C SER E 231 20.67 18.66 -17.24
N LEU E 232 19.97 19.38 -18.12
CA LEU E 232 20.57 20.38 -18.98
C LEU E 232 21.26 21.46 -18.15
N LEU E 233 20.60 21.90 -17.09
CA LEU E 233 21.13 22.94 -16.23
C LEU E 233 22.35 22.49 -15.46
N ILE E 234 22.42 21.22 -15.09
CA ILE E 234 23.59 20.68 -14.42
C ILE E 234 24.79 20.69 -15.37
N VAL E 235 24.55 20.41 -16.65
CA VAL E 235 25.61 20.43 -17.66
C VAL E 235 26.14 21.85 -17.84
N ILE E 236 25.21 22.81 -17.96
CA ILE E 236 25.58 24.22 -18.09
C ILE E 236 26.35 24.70 -16.85
N LEU E 237 25.91 24.24 -15.67
CA LEU E 237 26.58 24.55 -14.41
C LEU E 237 28.06 24.13 -14.48
N SER E 238 28.31 22.95 -15.00
CA SER E 238 29.68 22.44 -15.08
C SER E 238 30.58 23.33 -15.94
N TRP E 239 29.99 24.02 -16.92
CA TRP E 239 30.75 24.88 -17.83
C TRP E 239 31.23 26.19 -17.21
N VAL E 240 30.58 26.65 -16.15
CA VAL E 240 31.01 27.93 -15.55
C VAL E 240 32.44 27.78 -15.01
N SER E 241 32.82 26.56 -14.66
CA SER E 241 34.20 26.21 -14.29
C SER E 241 35.24 26.80 -15.26
N PHE E 242 34.95 26.73 -16.56
CA PHE E 242 35.89 27.19 -17.59
C PHE E 242 36.17 28.70 -17.54
N TRP E 243 35.28 29.47 -16.95
CA TRP E 243 35.47 30.91 -16.76
C TRP E 243 36.04 31.29 -15.39
N ILE E 244 36.20 30.31 -14.49
CA ILE E 244 36.76 30.53 -13.16
C ILE E 244 38.27 30.43 -13.21
N ASN E 245 38.93 31.22 -12.37
CA ASN E 245 40.39 31.26 -12.30
C ASN E 245 40.99 29.88 -12.05
N MET E 246 41.99 29.51 -12.84
CA MET E 246 42.69 28.23 -12.68
C MET E 246 43.40 28.08 -11.32
N ASP E 247 43.64 29.18 -10.63
CA ASP E 247 44.22 29.16 -9.27
C ASP E 247 43.23 28.69 -8.22
N ALA E 248 41.93 28.87 -8.48
CA ALA E 248 40.88 28.49 -7.55
C ALA E 248 40.55 27.00 -7.66
N ALA E 249 41.48 26.17 -7.19
CA ALA E 249 41.33 24.72 -7.29
C ALA E 249 40.09 24.20 -6.56
N PRO E 250 39.88 24.61 -5.29
CA PRO E 250 38.70 24.07 -4.58
C PRO E 250 37.36 24.50 -5.19
N ALA E 251 37.31 25.65 -5.84
CA ALA E 251 36.10 26.12 -6.50
C ALA E 251 35.79 25.27 -7.72
N ARG E 252 36.79 25.09 -8.59
CA ARG E 252 36.60 24.36 -9.84
C ARG E 252 36.45 22.85 -9.61
N VAL E 253 37.08 22.33 -8.55
CA VAL E 253 36.90 20.92 -8.17
C VAL E 253 35.52 20.70 -7.54
N ALA E 254 35.05 21.65 -6.74
CA ALA E 254 33.70 21.58 -6.16
C ALA E 254 32.65 21.57 -7.29
N LEU E 255 32.84 22.39 -8.31
CA LEU E 255 31.95 22.40 -9.47
C LEU E 255 31.91 21.06 -10.17
N GLY E 256 33.07 20.43 -10.31
CA GLY E 256 33.16 19.10 -10.93
C GLY E 256 32.51 18.00 -10.09
N ILE E 257 32.81 17.97 -8.80
CA ILE E 257 32.28 16.96 -7.91
C ILE E 257 30.76 17.00 -7.90
N THR E 258 30.21 18.18 -7.60
CA THR E 258 28.78 18.31 -7.36
C THR E 258 27.94 18.06 -8.62
N THR E 259 28.45 18.48 -9.78
CA THR E 259 27.75 18.21 -11.04
C THR E 259 27.79 16.72 -11.37
N VAL E 260 28.94 16.08 -11.16
CA VAL E 260 29.04 14.63 -11.35
C VAL E 260 28.10 13.85 -10.42
N LEU E 261 28.12 14.17 -9.13
CA LEU E 261 27.29 13.49 -8.16
C LEU E 261 25.81 13.73 -8.39
N THR E 262 25.44 14.99 -8.68
CA THR E 262 24.04 15.31 -8.96
C THR E 262 23.58 14.55 -10.20
N MET E 263 24.48 14.38 -11.15
CA MET E 263 24.15 13.71 -12.38
C MET E 263 23.93 12.20 -12.17
N THR E 264 24.62 11.59 -11.20
CA THR E 264 24.38 10.18 -10.87
C THR E 264 23.02 9.95 -10.18
N THR E 265 22.64 10.84 -9.26
CA THR E 265 21.32 10.75 -8.60
C THR E 265 20.20 11.08 -9.61
N GLN E 266 20.45 12.08 -10.45
CA GLN E 266 19.57 12.41 -11.56
C GLN E 266 19.31 11.18 -12.44
N SER E 267 20.37 10.43 -12.68
CA SER E 267 20.28 9.23 -13.50
C SER E 267 19.46 8.11 -12.84
N SER E 268 19.72 7.82 -11.56
CA SER E 268 18.93 6.79 -10.88
C SER E 268 17.47 7.24 -10.68
N GLY E 269 17.28 8.53 -10.43
CA GLY E 269 15.95 9.11 -10.30
C GLY E 269 15.10 9.01 -11.57
N SER E 270 15.75 8.97 -12.72
CA SER E 270 15.04 8.85 -14.01
C SER E 270 14.43 7.46 -14.26
N ARG E 271 14.83 6.49 -13.44
CA ARG E 271 14.34 5.11 -13.53
C ARG E 271 13.48 4.70 -12.34
N ALA E 272 13.35 5.57 -11.34
CA ALA E 272 12.75 5.20 -10.06
C ALA E 272 11.30 4.70 -10.19
N SER E 273 10.58 5.22 -11.18
CA SER E 273 9.17 4.90 -11.39
C SER E 273 8.94 3.80 -12.44
N LEU E 274 9.98 3.03 -12.78
CA LEU E 274 9.93 2.08 -13.89
C LEU E 274 10.26 0.68 -13.43
N PRO E 275 9.80 -0.33 -14.19
CA PRO E 275 10.24 -1.68 -13.86
C PRO E 275 11.73 -1.84 -14.15
N LYS E 276 12.36 -2.77 -13.46
CA LYS E 276 13.81 -2.93 -13.52
C LYS E 276 14.24 -3.73 -14.73
N VAL E 277 13.99 -3.16 -15.91
CA VAL E 277 14.35 -3.77 -17.18
C VAL E 277 15.84 -3.67 -17.44
N SER E 278 16.34 -4.63 -18.21
CA SER E 278 17.78 -4.78 -18.42
C SER E 278 18.26 -4.27 -19.77
N TYR E 279 17.42 -3.54 -20.49
CA TYR E 279 17.85 -2.88 -21.72
C TYR E 279 17.97 -1.37 -21.54
N VAL E 280 18.69 -0.74 -22.45
CA VAL E 280 18.95 0.69 -22.43
C VAL E 280 17.75 1.43 -23.00
N LYS E 281 17.30 2.47 -22.29
CA LYS E 281 16.17 3.29 -22.73
C LYS E 281 16.70 4.62 -23.26
N ALA E 282 15.84 5.40 -23.90
CA ALA E 282 16.26 6.69 -24.46
C ALA E 282 16.69 7.68 -23.38
N ILE E 283 15.98 7.69 -22.26
CA ILE E 283 16.37 8.52 -21.13
C ILE E 283 17.74 8.10 -20.55
N ASP E 284 18.07 6.81 -20.61
CA ASP E 284 19.38 6.34 -20.13
C ASP E 284 20.52 6.88 -20.98
N ILE E 285 20.34 6.88 -22.31
CA ILE E 285 21.34 7.42 -23.23
C ILE E 285 21.63 8.86 -22.87
N TRP E 286 20.56 9.64 -22.72
CA TRP E 286 20.67 11.06 -22.38
C TRP E 286 21.40 11.29 -21.06
N MET E 287 21.00 10.57 -20.01
CA MET E 287 21.63 10.73 -18.72
C MET E 287 23.10 10.31 -18.76
N ALA E 288 23.41 9.27 -19.52
CA ALA E 288 24.78 8.79 -19.64
C ALA E 288 25.68 9.85 -20.32
N VAL E 289 25.18 10.44 -21.41
CA VAL E 289 25.94 11.42 -22.13
C VAL E 289 26.10 12.69 -21.30
N CYS E 290 25.03 13.13 -20.64
CA CYS E 290 25.12 14.25 -19.70
C CYS E 290 26.15 13.97 -18.62
N LEU E 291 26.18 12.76 -18.10
CA LEU E 291 27.18 12.38 -17.10
C LEU E 291 28.61 12.44 -17.67
N LEU E 292 28.79 11.96 -18.89
CA LEU E 292 30.07 12.05 -19.59
C LEU E 292 30.59 13.48 -19.73
N PHE E 293 29.71 14.38 -20.18
CA PHE E 293 30.06 15.79 -20.37
C PHE E 293 30.50 16.46 -19.08
N VAL E 294 29.81 16.13 -18.01
CA VAL E 294 30.05 16.73 -16.70
C VAL E 294 31.33 16.17 -16.09
N PHE E 295 31.59 14.88 -16.33
CA PHE E 295 32.82 14.23 -15.90
C PHE E 295 34.01 14.77 -16.67
N SER E 296 33.82 14.97 -17.98
CA SER E 296 34.84 15.51 -18.86
C SER E 296 35.29 16.92 -18.44
N ALA E 297 34.36 17.72 -17.95
CA ALA E 297 34.67 19.07 -17.48
C ALA E 297 35.59 19.03 -16.26
N LEU E 298 35.35 18.09 -15.36
CA LEU E 298 36.23 17.90 -14.21
C LEU E 298 37.62 17.42 -14.67
N LEU E 299 37.66 16.44 -15.58
CA LEU E 299 38.94 15.98 -16.14
C LEU E 299 39.68 17.11 -16.84
N GLU E 300 38.93 17.99 -17.51
CA GLU E 300 39.54 19.15 -18.12
C GLU E 300 40.29 19.98 -17.08
N TYR E 301 39.70 20.20 -15.90
CA TYR E 301 40.41 20.96 -14.86
C TYR E 301 41.59 20.20 -14.28
N ALA E 302 41.47 18.89 -14.14
CA ALA E 302 42.60 18.09 -13.70
C ALA E 302 43.81 18.37 -14.61
N ALA E 303 43.54 18.43 -15.92
CA ALA E 303 44.59 18.70 -16.91
C ALA E 303 45.14 20.11 -16.75
N VAL E 304 44.25 21.08 -16.58
CA VAL E 304 44.63 22.48 -16.39
C VAL E 304 45.51 22.63 -15.15
N ASN E 305 45.09 22.03 -14.04
CA ASN E 305 45.83 22.08 -12.79
C ASN E 305 47.18 21.39 -12.89
N PHE E 306 47.21 20.29 -13.64
CA PHE E 306 48.41 19.49 -13.79
C PHE E 306 49.46 20.12 -14.72
N VAL E 307 49.04 20.58 -15.90
CA VAL E 307 50.01 21.14 -16.85
C VAL E 307 50.59 22.47 -16.36
N SER E 308 49.87 23.16 -15.46
CA SER E 308 50.32 24.44 -14.91
C SER E 308 51.01 24.36 -13.55
N ARG E 309 51.41 23.16 -13.10
CA ARG E 309 52.13 22.98 -11.83
C ARG E 309 53.32 23.93 -11.68
N ALA E 310 54.28 23.82 -12.62
CA ALA E 310 55.41 24.74 -12.67
C ALA E 310 54.86 26.08 -13.13
N GLY E 311 54.94 27.09 -12.28
CA GLY E 311 54.24 28.36 -12.53
C GLY E 311 54.88 29.27 -13.58
N THR E 312 55.38 28.69 -14.66
CA THR E 312 56.11 29.41 -15.69
C THR E 312 55.21 29.79 -16.88
N LYS E 313 55.49 30.92 -17.52
CA LYS E 313 54.64 31.48 -18.58
C LYS E 313 54.22 30.45 -19.63
N VAL E 314 55.16 29.65 -20.12
CA VAL E 314 54.88 28.70 -21.20
C VAL E 314 53.81 27.65 -20.81
N PHE E 315 53.86 27.19 -19.55
CA PHE E 315 52.94 26.17 -19.05
C PHE E 315 51.61 26.77 -18.57
N ILE E 316 51.66 27.97 -18.00
CA ILE E 316 50.44 28.73 -17.69
C ILE E 316 49.66 29.02 -18.98
N ASP E 317 50.37 29.38 -20.06
CA ASP E 317 49.74 29.63 -21.36
C ASP E 317 49.10 28.38 -21.95
N ARG E 318 49.74 27.23 -21.79
CA ARG E 318 49.21 25.97 -22.29
C ARG E 318 47.91 25.59 -21.55
N ALA E 319 47.92 25.78 -20.24
CA ALA E 319 46.71 25.59 -19.41
C ALA E 319 45.59 26.57 -19.78
N LYS E 320 45.95 27.83 -20.03
CA LYS E 320 44.96 28.84 -20.42
C LYS E 320 44.34 28.51 -21.79
N LYS E 321 45.12 27.89 -22.69
CA LYS E 321 44.61 27.51 -24.02
C LYS E 321 43.58 26.38 -23.90
N ILE E 322 43.83 25.45 -22.98
CA ILE E 322 42.89 24.37 -22.70
C ILE E 322 41.52 24.93 -22.27
N ASP E 323 41.55 25.94 -21.40
CA ASP E 323 40.33 26.61 -20.96
C ASP E 323 39.60 27.33 -22.09
N THR E 324 40.33 28.08 -22.91
CA THR E 324 39.67 28.88 -23.96
C THR E 324 39.04 28.01 -25.04
N ILE E 325 39.66 26.87 -25.32
CA ILE E 325 39.08 25.89 -26.24
C ILE E 325 37.83 25.25 -25.63
N SER E 326 37.92 24.89 -24.35
CA SER E 326 36.80 24.26 -23.63
C SER E 326 35.55 25.12 -23.58
N ARG E 327 35.72 26.43 -23.44
CA ARG E 327 34.60 27.36 -23.48
C ARG E 327 33.79 27.29 -24.77
N ALA E 328 34.46 26.99 -25.88
CA ALA E 328 33.79 26.84 -27.18
C ALA E 328 33.35 25.40 -27.42
N CYS E 329 34.24 24.44 -27.18
CA CYS E 329 34.01 23.06 -27.62
C CYS E 329 32.97 22.25 -26.83
N PHE E 330 32.92 22.43 -25.51
CA PHE E 330 31.93 21.73 -24.70
C PHE E 330 30.50 22.13 -25.08
N PRO E 331 30.17 23.44 -25.10
CA PRO E 331 28.84 23.82 -25.57
C PRO E 331 28.56 23.40 -27.02
N LEU E 332 29.57 23.48 -27.88
CA LEU E 332 29.40 23.09 -29.27
C LEU E 332 29.14 21.59 -29.41
N ALA E 333 29.92 20.77 -28.70
CA ALA E 333 29.77 19.31 -28.77
C ALA E 333 28.44 18.88 -28.17
N PHE E 334 28.01 19.58 -27.14
CA PHE E 334 26.74 19.29 -26.51
C PHE E 334 25.55 19.64 -27.40
N LEU E 335 25.68 20.73 -28.15
CA LEU E 335 24.66 21.10 -29.13
C LEU E 335 24.58 20.05 -30.22
N ILE E 336 25.72 19.59 -30.72
CA ILE E 336 25.76 18.56 -31.75
C ILE E 336 25.07 17.28 -31.28
N PHE E 337 25.38 16.86 -30.06
CA PHE E 337 24.73 15.68 -29.48
C PHE E 337 23.21 15.83 -29.41
N ASN E 338 22.75 16.98 -28.91
CA ASN E 338 21.33 17.34 -28.91
C ASN E 338 20.66 17.24 -30.27
N ILE E 339 21.31 17.75 -31.32
CA ILE E 339 20.76 17.64 -32.67
C ILE E 339 20.51 16.16 -32.96
N PHE E 340 21.55 15.35 -32.83
CA PHE E 340 21.43 13.91 -33.11
C PHE E 340 20.35 13.22 -32.27
N TYR E 341 20.35 13.47 -30.96
CA TYR E 341 19.43 12.80 -30.05
C TYR E 341 17.97 13.07 -30.42
N TRP E 342 17.58 14.34 -30.48
CA TRP E 342 16.20 14.70 -30.75
C TRP E 342 15.75 14.30 -32.16
N VAL E 343 16.61 14.48 -33.14
CA VAL E 343 16.28 14.09 -34.51
C VAL E 343 16.03 12.58 -34.61
N ILE E 344 16.86 11.77 -33.95
CA ILE E 344 16.70 10.32 -33.99
C ILE E 344 15.33 9.87 -33.43
N TYR E 345 14.95 10.33 -32.24
CA TYR E 345 13.77 9.79 -31.55
C TYR E 345 12.43 10.40 -32.00
#